data_2YCE
#
_entry.id   2YCE
#
_cell.length_a   82.900
_cell.length_b   159.200
_cell.length_c   101.400
_cell.angle_alpha   90.00
_cell.angle_beta   107.80
_cell.angle_gamma   90.00
#
_symmetry.space_group_name_H-M   'P 1 21 1'
#
loop_
_entity.id
_entity.type
_entity.pdbx_description
1 polymer 'FRUCTOSE-BISPHOSPHATE ALDOLASE CLASS 1'
2 non-polymer D-MANNITOL-1,6-DIPHOSPHATE
3 water water
#
_entity_poly.entity_id   1
_entity_poly.type   'polypeptide(L)'
_entity_poly.pdbx_seq_one_letter_code
;MANLTEKFLRIFARRGKSIILAYDHGIEHGPADFMDNPDSADPEYILRLARDAGFDGVVFQRGIAEKYYDGSVPLILKLN
GKTTLYNGEPVSVANCSVEEAVSLGASAVGYTIYPGSGFEWKMFEELARIKRDAVKFDLPLVVWSFPRGGKVVNETAPEI
VAYAARIALELGSDAMKIKYTGDPKTFSWAVKVAGKVPVLMSGGPKTKTEEDFLKQVEGVLEAGALGIAVGRNVWQRRDA
LKFARALAELVYGGKKLAEPLNV
;
_entity_poly.pdbx_strand_id   A,B,C,D,E,F,G,H,I,J
#
# COMPACT_ATOMS: atom_id res chain seq x y z
N ASN A 3 8.51 -26.18 -11.69
CA ASN A 3 9.34 -26.90 -10.69
C ASN A 3 10.73 -26.25 -10.78
N LEU A 4 11.07 -25.51 -9.73
CA LEU A 4 12.32 -24.72 -9.74
C LEU A 4 13.56 -25.59 -9.56
N THR A 5 13.41 -26.73 -8.93
CA THR A 5 14.53 -27.69 -8.90
C THR A 5 14.84 -28.17 -10.34
N GLU A 6 13.80 -28.52 -11.11
CA GLU A 6 14.02 -28.95 -12.51
C GLU A 6 14.60 -27.80 -13.34
N LYS A 7 14.14 -26.58 -13.10
CA LYS A 7 14.75 -25.44 -13.80
C LYS A 7 16.21 -25.24 -13.37
N PHE A 8 16.51 -25.33 -12.07
CA PHE A 8 17.89 -25.30 -11.61
C PHE A 8 18.75 -26.34 -12.37
N LEU A 9 18.25 -27.59 -12.41
CA LEU A 9 18.99 -28.67 -13.08
C LEU A 9 19.22 -28.44 -14.58
N ARG A 10 18.21 -27.89 -15.28
CA ARG A 10 18.31 -27.63 -16.71
CA ARG A 10 18.29 -27.61 -16.72
C ARG A 10 19.41 -26.62 -16.99
N ILE A 11 19.48 -25.58 -16.15
CA ILE A 11 20.40 -24.47 -16.36
C ILE A 11 21.79 -24.77 -15.86
N PHE A 12 21.91 -25.30 -14.63
CA PHE A 12 23.21 -25.48 -13.97
C PHE A 12 23.73 -26.92 -13.95
N ALA A 13 22.97 -27.86 -14.51
CA ALA A 13 23.44 -29.25 -14.53
C ALA A 13 23.04 -30.00 -15.80
N ARG A 14 23.18 -29.33 -16.95
CA ARG A 14 22.72 -29.92 -18.21
CA ARG A 14 22.77 -29.89 -18.24
C ARG A 14 23.42 -31.25 -18.54
N ARG A 15 24.64 -31.47 -18.03
CA ARG A 15 25.36 -32.74 -18.27
C ARG A 15 25.06 -33.84 -17.21
N GLY A 16 24.21 -33.49 -16.24
CA GLY A 16 23.81 -34.46 -15.21
C GLY A 16 24.49 -34.22 -13.87
N LYS A 17 25.56 -33.43 -13.88
CA LYS A 17 26.34 -33.06 -12.69
C LYS A 17 26.72 -31.62 -12.87
N SER A 18 27.09 -30.96 -11.79
CA SER A 18 27.31 -29.52 -11.83
C SER A 18 28.63 -29.08 -11.22
N ILE A 19 29.25 -28.06 -11.84
CA ILE A 19 30.33 -27.31 -11.16
C ILE A 19 30.00 -25.82 -11.20
N ILE A 20 29.92 -25.21 -10.02
CA ILE A 20 29.68 -23.78 -9.87
C ILE A 20 30.98 -23.15 -9.32
N LEU A 21 31.41 -22.06 -9.96
CA LEU A 21 32.59 -21.32 -9.54
C LEU A 21 32.15 -20.23 -8.58
N ALA A 22 32.52 -20.38 -7.32
CA ALA A 22 31.96 -19.52 -6.25
C ALA A 22 32.84 -18.29 -6.07
N TYR A 23 32.25 -17.09 -5.92
CA TYR A 23 33.07 -15.89 -5.87
C TYR A 23 32.50 -14.78 -5.00
N ASP A 24 31.90 -15.18 -3.88
CA ASP A 24 31.38 -14.28 -2.87
C ASP A 24 32.47 -13.95 -1.82
N HIS A 25 33.71 -14.40 -2.07
CA HIS A 25 34.77 -14.36 -1.05
C HIS A 25 35.21 -12.94 -0.69
N GLY A 26 35.06 -12.02 -1.67
CA GLY A 26 35.51 -10.65 -1.49
C GLY A 26 34.86 -10.02 -0.27
N ILE A 27 33.60 -10.36 -0.02
CA ILE A 27 32.94 -9.88 1.21
C ILE A 27 33.14 -10.86 2.40
N GLU A 28 32.93 -12.16 2.17
CA GLU A 28 32.97 -13.17 3.26
C GLU A 28 34.33 -13.25 3.96
N HIS A 29 35.42 -13.18 3.16
CA HIS A 29 36.79 -13.30 3.70
C HIS A 29 37.67 -12.12 3.45
N GLY A 30 37.32 -11.33 2.43
CA GLY A 30 38.16 -10.23 2.02
C GLY A 30 39.29 -10.64 1.10
N PRO A 31 40.07 -9.66 0.64
CA PRO A 31 41.03 -9.86 -0.43
C PRO A 31 42.30 -10.66 -0.07
N ALA A 32 42.47 -11.01 1.22
CA ALA A 32 43.52 -11.99 1.59
C ALA A 32 43.38 -13.32 0.79
N ASP A 33 42.16 -13.79 0.57
CA ASP A 33 41.94 -14.94 -0.34
C ASP A 33 42.61 -14.75 -1.73
N PHE A 34 42.94 -13.50 -2.13
CA PHE A 34 43.39 -13.22 -3.50
C PHE A 34 44.90 -13.04 -3.66
N MET A 35 45.66 -13.03 -2.56
CA MET A 35 47.10 -12.82 -2.71
C MET A 35 47.88 -13.98 -3.41
N ASP A 36 47.53 -15.24 -3.11
CA ASP A 36 48.14 -16.43 -3.75
C ASP A 36 48.22 -16.37 -5.29
N ASN A 37 47.12 -15.94 -5.92
CA ASN A 37 47.00 -15.85 -7.37
C ASN A 37 46.23 -14.56 -7.68
N PRO A 38 46.95 -13.43 -7.79
CA PRO A 38 46.35 -12.11 -7.69
C PRO A 38 45.40 -11.74 -8.81
N ASP A 39 45.52 -12.39 -9.97
CA ASP A 39 44.49 -12.26 -11.02
C ASP A 39 43.09 -12.59 -10.46
N SER A 40 43.04 -13.42 -9.41
CA SER A 40 41.77 -13.80 -8.78
C SER A 40 41.00 -12.61 -8.18
N ALA A 41 41.68 -11.47 -8.01
CA ALA A 41 41.00 -10.26 -7.53
C ALA A 41 40.11 -9.61 -8.61
N ASP A 42 40.34 -9.97 -9.87
CA ASP A 42 39.63 -9.39 -11.01
C ASP A 42 38.43 -10.29 -11.41
N PRO A 43 37.19 -9.75 -11.31
CA PRO A 43 36.02 -10.59 -11.65
C PRO A 43 35.98 -11.01 -13.12
N GLU A 44 36.55 -10.21 -14.04
CA GLU A 44 36.66 -10.59 -15.45
C GLU A 44 37.51 -11.88 -15.64
N TYR A 45 38.62 -11.95 -14.90
CA TYR A 45 39.40 -13.17 -14.86
C TYR A 45 38.53 -14.37 -14.40
N ILE A 46 37.64 -14.14 -13.42
CA ILE A 46 36.79 -15.18 -12.88
C ILE A 46 35.76 -15.67 -13.93
N LEU A 47 35.09 -14.72 -14.60
CA LEU A 47 34.20 -15.07 -15.72
C LEU A 47 34.88 -15.88 -16.82
N ARG A 48 36.07 -15.44 -17.27
CA ARG A 48 36.84 -16.15 -18.33
C ARG A 48 37.21 -17.57 -17.89
N LEU A 49 37.64 -17.72 -16.64
CA LEU A 49 37.96 -19.02 -16.07
C LEU A 49 36.79 -19.99 -16.12
N ALA A 50 35.64 -19.58 -15.59
CA ALA A 50 34.44 -20.41 -15.64
C ALA A 50 34.10 -20.84 -17.09
N ARG A 51 34.16 -19.89 -18.01
CA ARG A 51 33.90 -20.14 -19.42
C ARG A 51 34.91 -21.13 -20.04
N ASP A 52 36.20 -20.81 -19.92
CA ASP A 52 37.29 -21.67 -20.43
C ASP A 52 37.29 -23.07 -19.83
N ALA A 53 36.89 -23.19 -18.56
CA ALA A 53 36.86 -24.51 -17.92
C ALA A 53 35.59 -25.31 -18.29
N GLY A 54 34.61 -24.64 -18.90
CA GLY A 54 33.30 -25.25 -19.21
C GLY A 54 32.44 -25.52 -17.97
N PHE A 55 32.51 -24.62 -16.98
CA PHE A 55 31.74 -24.82 -15.75
C PHE A 55 30.31 -24.35 -15.99
N ASP A 56 29.42 -24.62 -15.03
CA ASP A 56 27.99 -24.36 -15.22
C ASP A 56 27.52 -23.01 -14.76
N GLY A 57 28.22 -22.40 -13.83
CA GLY A 57 27.74 -21.14 -13.27
C GLY A 57 28.78 -20.45 -12.41
N VAL A 58 28.48 -19.23 -12.04
CA VAL A 58 29.33 -18.43 -11.13
C VAL A 58 28.42 -17.87 -10.07
N VAL A 59 28.98 -17.63 -8.89
CA VAL A 59 28.24 -17.00 -7.78
C VAL A 59 28.85 -15.63 -7.51
N PHE A 60 28.03 -14.56 -7.66
CA PHE A 60 28.47 -13.17 -7.36
C PHE A 60 27.50 -12.52 -6.35
N GLN A 61 28.04 -11.63 -5.51
CA GLN A 61 27.26 -10.63 -4.76
C GLN A 61 26.77 -9.58 -5.78
N ARG A 62 25.77 -8.78 -5.38
CA ARG A 62 25.15 -7.78 -6.29
C ARG A 62 26.12 -6.78 -6.88
N GLY A 63 27.14 -6.37 -6.12
CA GLY A 63 28.02 -5.29 -6.59
C GLY A 63 28.85 -5.80 -7.75
N ILE A 64 29.34 -7.02 -7.60
CA ILE A 64 30.15 -7.71 -8.64
C ILE A 64 29.28 -8.00 -9.86
N ALA A 65 28.06 -8.48 -9.65
CA ALA A 65 27.17 -8.74 -10.78
C ALA A 65 26.86 -7.47 -11.57
N GLU A 66 26.53 -6.39 -10.84
CA GLU A 66 26.17 -5.12 -11.46
C GLU A 66 27.31 -4.54 -12.33
N LYS A 67 28.53 -4.56 -11.80
CA LYS A 67 29.68 -3.98 -12.51
C LYS A 67 30.32 -4.88 -13.56
N TYR A 68 30.19 -6.19 -13.39
CA TYR A 68 30.99 -7.10 -14.21
C TYR A 68 30.23 -8.17 -14.99
N TYR A 69 29.06 -8.59 -14.52
CA TYR A 69 28.37 -9.70 -15.16
C TYR A 69 27.97 -9.34 -16.60
N ASP A 70 28.30 -10.23 -17.53
CA ASP A 70 28.13 -9.94 -18.98
C ASP A 70 27.28 -11.00 -19.67
N GLY A 71 26.63 -11.85 -18.89
CA GLY A 71 25.76 -12.92 -19.39
C GLY A 71 26.45 -14.14 -19.98
N SER A 72 27.77 -14.25 -19.84
CA SER A 72 28.54 -15.31 -20.55
C SER A 72 28.44 -16.71 -19.93
N VAL A 73 28.12 -16.76 -18.64
CA VAL A 73 27.98 -17.96 -17.83
C VAL A 73 26.75 -17.75 -16.93
N PRO A 74 25.91 -18.79 -16.69
CA PRO A 74 24.76 -18.53 -15.82
C PRO A 74 25.14 -18.07 -14.39
N LEU A 75 24.32 -17.18 -13.82
CA LEU A 75 24.68 -16.44 -12.60
C LEU A 75 23.77 -16.85 -11.47
N ILE A 76 24.36 -17.18 -10.32
CA ILE A 76 23.62 -17.32 -9.06
C ILE A 76 23.93 -16.05 -8.27
N LEU A 77 22.90 -15.24 -8.01
CA LEU A 77 23.15 -14.00 -7.28
C LEU A 77 23.06 -14.30 -5.77
N LYS A 78 24.18 -14.15 -5.06
CA LYS A 78 24.23 -14.43 -3.64
C LYS A 78 23.72 -13.19 -2.91
N LEU A 79 22.53 -13.31 -2.31
CA LEU A 79 21.79 -12.16 -1.79
C LEU A 79 22.27 -11.60 -0.48
N ASN A 80 22.77 -12.48 0.42
CA ASN A 80 23.31 -12.04 1.71
C ASN A 80 24.83 -12.22 1.78
N GLY A 81 25.46 -11.48 2.68
CA GLY A 81 26.91 -11.51 2.88
C GLY A 81 27.22 -10.97 4.28
N LYS A 82 28.23 -11.53 4.94
CA LYS A 82 28.73 -10.98 6.20
C LYS A 82 30.28 -11.05 6.09
N THR A 83 31.01 -10.49 7.06
CA THR A 83 32.47 -10.45 6.96
C THR A 83 33.10 -11.32 8.03
N THR A 84 34.38 -11.67 7.87
CA THR A 84 35.09 -12.36 8.99
C THR A 84 35.49 -11.44 10.14
N LEU A 85 35.38 -10.12 9.93
CA LEU A 85 35.72 -9.12 10.97
C LEU A 85 34.72 -9.15 12.13
N TYR A 86 33.52 -9.58 11.82
CA TYR A 86 32.40 -9.64 12.75
C TYR A 86 32.64 -10.71 13.83
N ASN A 87 32.41 -10.35 15.10
CA ASN A 87 32.50 -11.28 16.25
C ASN A 87 31.19 -11.82 16.87
N GLY A 88 30.04 -11.22 16.65
CA GLY A 88 28.85 -11.87 17.30
C GLY A 88 28.36 -13.29 16.87
N GLU A 89 27.15 -13.66 17.33
CA GLU A 89 26.53 -14.90 16.86
C GLU A 89 26.35 -14.76 15.33
N PRO A 90 26.67 -15.81 14.55
CA PRO A 90 26.72 -15.67 13.09
C PRO A 90 25.42 -15.19 12.48
N VAL A 91 25.49 -14.15 11.65
CA VAL A 91 24.28 -13.66 10.99
C VAL A 91 24.69 -13.02 9.66
N SER A 92 23.85 -13.17 8.64
CA SER A 92 24.20 -12.61 7.34
C SER A 92 22.90 -12.14 6.76
N VAL A 93 22.75 -10.85 6.51
CA VAL A 93 21.45 -10.32 5.99
C VAL A 93 21.50 -9.98 4.51
N ALA A 94 20.33 -10.03 3.86
CA ALA A 94 20.25 -9.65 2.43
C ALA A 94 20.72 -8.22 2.18
N ASN A 95 21.56 -8.03 1.17
CA ASN A 95 21.92 -6.70 0.70
C ASN A 95 21.31 -6.46 -0.68
N CYS A 96 20.48 -7.41 -1.14
CA CYS A 96 19.88 -7.35 -2.48
C CYS A 96 18.56 -8.14 -2.41
N SER A 97 17.58 -7.73 -3.21
CA SER A 97 16.26 -8.40 -3.27
C SER A 97 16.25 -9.34 -4.47
N VAL A 98 15.32 -10.30 -4.47
CA VAL A 98 15.11 -11.17 -5.65
C VAL A 98 14.77 -10.34 -6.91
N GLU A 99 13.89 -9.37 -6.76
CA GLU A 99 13.57 -8.52 -7.91
C GLU A 99 14.81 -7.86 -8.56
N GLU A 100 15.71 -7.34 -7.72
CA GLU A 100 16.92 -6.73 -8.24
C GLU A 100 17.81 -7.79 -8.83
N ALA A 101 17.84 -8.98 -8.24
CA ALA A 101 18.64 -10.09 -8.81
C ALA A 101 18.14 -10.45 -10.21
N VAL A 102 16.83 -10.46 -10.40
CA VAL A 102 16.29 -10.63 -11.76
C VAL A 102 16.83 -9.57 -12.75
N SER A 103 16.80 -8.30 -12.36
CA SER A 103 17.26 -7.23 -13.20
C SER A 103 18.75 -7.33 -13.52
N LEU A 104 19.52 -7.98 -12.66
CA LEU A 104 20.98 -8.09 -12.83
C LEU A 104 21.37 -9.29 -13.71
N GLY A 105 20.37 -10.09 -14.12
CA GLY A 105 20.58 -11.22 -15.04
C GLY A 105 20.74 -12.59 -14.38
N ALA A 106 20.38 -12.69 -13.10
CA ALA A 106 20.46 -13.94 -12.34
C ALA A 106 19.57 -15.04 -12.89
N SER A 107 20.11 -16.25 -12.96
CA SER A 107 19.30 -17.42 -13.26
C SER A 107 18.85 -18.15 -11.98
N ALA A 108 19.41 -17.76 -10.84
CA ALA A 108 19.06 -18.29 -9.52
C ALA A 108 19.52 -17.32 -8.42
N VAL A 109 19.00 -17.52 -7.22
CA VAL A 109 19.45 -16.71 -6.08
C VAL A 109 20.00 -17.61 -4.98
N GLY A 110 20.96 -17.07 -4.21
CA GLY A 110 21.61 -17.82 -3.16
C GLY A 110 21.43 -17.14 -1.82
N TYR A 111 21.39 -17.92 -0.73
CA TYR A 111 21.26 -17.31 0.60
C TYR A 111 21.87 -18.27 1.63
N THR A 112 22.69 -17.73 2.53
CA THR A 112 23.25 -18.47 3.65
C THR A 112 22.42 -18.40 4.95
N ILE A 113 22.22 -19.59 5.53
CA ILE A 113 21.64 -19.70 6.89
C ILE A 113 22.68 -20.30 7.83
N TYR A 114 22.66 -19.90 9.10
CA TYR A 114 23.52 -20.53 10.13
C TYR A 114 22.67 -21.17 11.22
N PRO A 115 22.12 -22.37 10.96
CA PRO A 115 21.33 -23.01 11.99
C PRO A 115 22.14 -23.15 13.29
N GLY A 116 21.45 -22.96 14.41
CA GLY A 116 22.13 -23.02 15.72
C GLY A 116 22.52 -21.64 16.23
N SER A 117 22.80 -20.71 15.32
CA SER A 117 23.18 -19.33 15.73
C SER A 117 22.14 -18.71 16.64
N GLY A 118 22.56 -17.88 17.60
CA GLY A 118 21.63 -17.10 18.40
C GLY A 118 20.73 -16.23 17.53
N PHE A 119 21.16 -15.98 16.29
CA PHE A 119 20.34 -15.30 15.28
C PHE A 119 19.67 -16.19 14.23
N GLU A 120 19.58 -17.49 14.44
CA GLU A 120 19.00 -18.35 13.38
C GLU A 120 17.62 -17.85 12.96
N TRP A 121 16.87 -17.31 13.92
CA TRP A 121 15.52 -16.82 13.69
C TRP A 121 15.52 -15.65 12.69
N LYS A 122 16.54 -14.80 12.73
CA LYS A 122 16.59 -13.64 11.85
C LYS A 122 16.79 -14.08 10.41
N MET A 123 17.67 -15.06 10.17
CA MET A 123 17.83 -15.57 8.80
C MET A 123 16.60 -16.39 8.34
N PHE A 124 15.94 -17.12 9.26
CA PHE A 124 14.75 -17.88 8.86
C PHE A 124 13.62 -16.96 8.43
N GLU A 125 13.44 -15.87 9.18
CA GLU A 125 12.43 -14.89 8.88
C GLU A 125 12.69 -14.21 7.51
N GLU A 126 13.95 -13.84 7.27
CA GLU A 126 14.29 -13.23 6.02
C GLU A 126 14.22 -14.24 4.83
N LEU A 127 14.74 -15.46 5.04
CA LEU A 127 14.68 -16.48 3.96
C LEU A 127 13.23 -16.73 3.55
N ALA A 128 12.30 -16.58 4.47
CA ALA A 128 10.89 -16.78 4.14
C ALA A 128 10.41 -15.77 3.09
N ARG A 129 10.81 -14.50 3.24
CA ARG A 129 10.41 -13.46 2.25
C ARG A 129 11.12 -13.71 0.92
N ILE A 130 12.40 -14.08 0.99
CA ILE A 130 13.18 -14.44 -0.19
C ILE A 130 12.60 -15.64 -0.94
N LYS A 131 12.23 -16.69 -0.20
CA LYS A 131 11.61 -17.85 -0.82
C LYS A 131 10.33 -17.46 -1.54
N ARG A 132 9.52 -16.59 -0.93
CA ARG A 132 8.22 -16.21 -1.51
C ARG A 132 8.47 -15.46 -2.82
N ASP A 133 9.49 -14.62 -2.80
CA ASP A 133 9.89 -13.88 -4.02
C ASP A 133 10.50 -14.78 -5.09
N ALA A 134 11.35 -15.73 -4.68
CA ALA A 134 11.92 -16.70 -5.64
C ALA A 134 10.79 -17.40 -6.44
N VAL A 135 9.77 -17.90 -5.74
CA VAL A 135 8.60 -18.51 -6.37
C VAL A 135 7.90 -17.49 -7.31
N LYS A 136 7.71 -16.28 -6.83
CA LYS A 136 6.98 -15.25 -7.60
C LYS A 136 7.73 -14.91 -8.92
N PHE A 137 9.05 -14.79 -8.82
CA PHE A 137 9.86 -14.42 -10.01
C PHE A 137 10.40 -15.62 -10.79
N ASP A 138 10.07 -16.83 -10.33
CA ASP A 138 10.42 -18.11 -10.97
C ASP A 138 11.96 -18.26 -11.07
N LEU A 139 12.67 -17.89 -10.00
CA LEU A 139 14.12 -18.09 -9.90
C LEU A 139 14.38 -19.19 -8.86
N PRO A 140 15.14 -20.25 -9.21
CA PRO A 140 15.47 -21.24 -8.16
C PRO A 140 16.21 -20.62 -6.98
N LEU A 141 15.92 -21.12 -5.79
CA LEU A 141 16.59 -20.72 -4.58
C LEU A 141 17.62 -21.76 -4.10
N VAL A 142 18.86 -21.33 -3.95
CA VAL A 142 19.93 -22.20 -3.55
C VAL A 142 20.35 -21.73 -2.17
N VAL A 143 20.28 -22.62 -1.20
CA VAL A 143 20.58 -22.28 0.17
C VAL A 143 21.93 -22.88 0.55
N TRP A 144 22.82 -22.02 1.05
CA TRP A 144 24.07 -22.43 1.70
C TRP A 144 23.64 -22.74 3.15
N SER A 145 23.65 -24.00 3.54
CA SER A 145 23.19 -24.34 4.90
C SER A 145 24.44 -24.71 5.72
N PHE A 146 24.90 -23.76 6.55
CA PHE A 146 26.16 -23.85 7.32
C PHE A 146 25.87 -23.69 8.83
N PRO A 147 25.42 -24.75 9.52
CA PRO A 147 25.22 -24.63 10.96
C PRO A 147 26.48 -24.06 11.65
N ARG A 148 26.30 -23.10 12.57
CA ARG A 148 27.39 -22.31 13.13
C ARG A 148 26.82 -21.55 14.34
N GLY A 149 27.57 -21.52 15.44
CA GLY A 149 27.08 -20.90 16.67
C GLY A 149 26.26 -21.91 17.47
N GLY A 150 25.67 -21.47 18.57
CA GLY A 150 24.90 -22.38 19.43
C GLY A 150 25.72 -23.58 19.82
N LYS A 151 25.16 -24.76 19.61
CA LYS A 151 25.77 -26.01 20.04
C LYS A 151 26.81 -26.55 19.06
N VAL A 152 26.92 -25.91 17.89
CA VAL A 152 27.79 -26.41 16.80
C VAL A 152 29.28 -26.24 17.13
N VAL A 153 30.01 -27.36 17.18
CA VAL A 153 31.45 -27.32 17.48
C VAL A 153 32.32 -27.93 16.38
N ASN A 154 31.75 -28.83 15.60
CA ASN A 154 32.46 -29.45 14.50
C ASN A 154 31.52 -29.36 13.30
N GLU A 155 31.84 -28.45 12.39
CA GLU A 155 30.94 -28.19 11.26
C GLU A 155 30.93 -29.29 10.22
N THR A 156 31.91 -30.17 10.27
CA THR A 156 31.96 -31.26 9.31
C THR A 156 31.57 -32.62 9.91
N ALA A 157 31.08 -32.63 11.16
CA ALA A 157 30.59 -33.85 11.78
C ALA A 157 29.42 -34.38 10.95
N PRO A 158 29.37 -35.71 10.75
CA PRO A 158 28.27 -36.40 10.07
C PRO A 158 26.87 -35.90 10.51
N GLU A 159 26.61 -35.80 11.83
CA GLU A 159 25.26 -35.38 12.30
C GLU A 159 24.93 -33.91 11.99
N ILE A 160 25.98 -33.09 11.88
CA ILE A 160 25.79 -31.65 11.65
C ILE A 160 25.51 -31.40 10.17
N VAL A 161 26.29 -32.06 9.31
CA VAL A 161 26.11 -31.92 7.88
C VAL A 161 24.77 -32.53 7.45
N ALA A 162 24.38 -33.66 8.04
CA ALA A 162 23.03 -34.20 7.71
C ALA A 162 21.93 -33.24 8.16
N TYR A 163 22.06 -32.66 9.37
CA TYR A 163 21.10 -31.67 9.86
C TYR A 163 21.05 -30.46 8.91
N ALA A 164 22.23 -29.97 8.49
CA ALA A 164 22.30 -28.89 7.50
C ALA A 164 21.44 -29.16 6.24
N ALA A 165 21.64 -30.34 5.64
CA ALA A 165 20.94 -30.78 4.46
C ALA A 165 19.44 -30.81 4.67
N ARG A 166 19.03 -31.38 5.81
CA ARG A 166 17.59 -31.59 6.03
C ARG A 166 16.89 -30.24 6.25
N ILE A 167 17.51 -29.39 7.06
CA ILE A 167 17.00 -28.02 7.24
C ILE A 167 16.78 -27.28 5.90
N ALA A 168 17.72 -27.41 4.98
CA ALA A 168 17.58 -26.72 3.69
C ALA A 168 16.39 -27.27 2.91
N LEU A 169 16.17 -28.58 2.99
CA LEU A 169 15.00 -29.17 2.38
C LEU A 169 13.72 -28.63 3.06
N GLU A 170 13.70 -28.66 4.40
CA GLU A 170 12.51 -28.28 5.15
C GLU A 170 12.07 -26.85 4.84
N LEU A 171 13.02 -25.94 4.63
CA LEU A 171 12.74 -24.51 4.52
C LEU A 171 12.37 -24.07 3.09
N GLY A 172 12.51 -24.97 2.13
CA GLY A 172 12.04 -24.65 0.77
C GLY A 172 13.11 -24.49 -0.30
N SER A 173 14.38 -24.81 -0.01
CA SER A 173 15.41 -24.67 -1.03
C SER A 173 15.11 -25.54 -2.25
N ASP A 174 15.50 -25.04 -3.43
CA ASP A 174 15.43 -25.79 -4.68
C ASP A 174 16.74 -26.56 -4.99
N ALA A 175 17.86 -26.07 -4.42
CA ALA A 175 19.16 -26.76 -4.41
C ALA A 175 19.85 -26.29 -3.16
N MET A 176 20.87 -27.01 -2.71
CA MET A 176 21.59 -26.61 -1.52
C MET A 176 23.10 -26.82 -1.64
N LYS A 177 23.82 -26.08 -0.82
CA LYS A 177 25.26 -26.19 -0.70
C LYS A 177 25.60 -26.45 0.79
N ILE A 178 26.34 -27.54 1.04
CA ILE A 178 26.71 -27.92 2.41
C ILE A 178 28.21 -28.32 2.49
N LYS A 179 28.78 -28.32 3.71
CA LYS A 179 30.17 -28.78 3.93
C LYS A 179 30.28 -30.28 3.70
N TYR A 180 31.44 -30.72 3.23
CA TYR A 180 31.71 -32.15 3.12
C TYR A 180 32.12 -32.76 4.50
N THR A 181 31.70 -34.00 4.78
CA THR A 181 32.03 -34.69 6.04
C THR A 181 33.42 -35.33 6.00
N GLY A 182 34.00 -35.46 4.80
CA GLY A 182 35.32 -36.08 4.69
C GLY A 182 35.34 -37.51 4.22
N ASP A 183 34.16 -38.13 4.11
CA ASP A 183 34.05 -39.50 3.56
C ASP A 183 32.69 -39.72 2.88
N PRO A 184 32.67 -40.59 1.84
CA PRO A 184 31.42 -40.77 1.07
C PRO A 184 30.28 -41.43 1.86
N LYS A 185 30.57 -42.32 2.82
CA LYS A 185 29.50 -42.98 3.59
C LYS A 185 28.68 -41.98 4.40
N THR A 186 29.33 -41.20 5.25
CA THR A 186 28.58 -40.25 6.05
C THR A 186 27.96 -39.14 5.19
N PHE A 187 28.61 -38.79 4.07
CA PHE A 187 28.05 -37.77 3.20
C PHE A 187 26.79 -38.24 2.46
N SER A 188 26.72 -39.52 2.10
CA SER A 188 25.55 -40.05 1.40
C SER A 188 24.28 -39.97 2.28
N TRP A 189 24.44 -40.02 3.61
CA TRP A 189 23.28 -39.87 4.51
C TRP A 189 22.76 -38.44 4.41
N ALA A 190 23.64 -37.45 4.41
CA ALA A 190 23.22 -36.06 4.14
C ALA A 190 22.54 -35.95 2.77
N VAL A 191 23.10 -36.61 1.76
CA VAL A 191 22.48 -36.60 0.42
C VAL A 191 21.07 -37.22 0.45
N LYS A 192 20.90 -38.35 1.13
CA LYS A 192 19.59 -39.03 1.22
C LYS A 192 18.52 -38.18 1.95
N VAL A 193 18.89 -37.54 3.07
CA VAL A 193 17.91 -36.77 3.86
C VAL A 193 17.49 -35.49 3.15
N ALA A 194 18.29 -35.03 2.19
CA ALA A 194 17.90 -33.88 1.33
C ALA A 194 16.80 -34.26 0.32
N GLY A 195 16.54 -35.56 0.16
CA GLY A 195 15.45 -36.01 -0.70
C GLY A 195 15.62 -35.57 -2.15
N LYS A 196 14.57 -34.97 -2.70
CA LYS A 196 14.49 -34.48 -4.11
C LYS A 196 15.36 -33.25 -4.37
N VAL A 197 15.90 -32.63 -3.32
CA VAL A 197 16.71 -31.43 -3.50
C VAL A 197 18.19 -31.74 -3.74
N PRO A 198 18.75 -31.28 -4.88
CA PRO A 198 20.15 -31.64 -5.17
C PRO A 198 21.15 -30.98 -4.22
N VAL A 199 22.25 -31.67 -3.97
CA VAL A 199 23.27 -31.22 -3.03
C VAL A 199 24.57 -30.87 -3.75
N LEU A 200 25.10 -29.68 -3.46
CA LEU A 200 26.44 -29.32 -3.95
C LEU A 200 27.40 -29.27 -2.76
N MET A 201 28.62 -29.78 -2.99
CA MET A 201 29.66 -29.76 -1.97
C MET A 201 30.34 -28.38 -1.98
N SER A 202 30.40 -27.75 -0.81
CA SER A 202 31.23 -26.57 -0.58
C SER A 202 32.74 -26.93 -0.65
N GLY A 203 33.51 -26.26 -1.50
CA GLY A 203 34.93 -26.61 -1.73
C GLY A 203 35.86 -26.51 -0.51
N GLY A 204 35.68 -25.48 0.31
CA GLY A 204 36.49 -25.28 1.51
C GLY A 204 37.87 -24.68 1.24
N PRO A 205 38.69 -24.47 2.31
CA PRO A 205 40.03 -23.92 2.11
C PRO A 205 40.85 -24.77 1.13
N LYS A 206 41.80 -24.14 0.45
CA LYS A 206 42.63 -24.83 -0.52
C LYS A 206 43.34 -26.00 0.16
N THR A 207 43.25 -27.18 -0.45
CA THR A 207 43.88 -28.38 0.12
C THR A 207 45.38 -28.39 -0.12
N LYS A 208 46.08 -29.20 0.68
CA LYS A 208 47.52 -29.31 0.61
C LYS A 208 48.02 -29.69 -0.80
N THR A 209 47.34 -30.65 -1.44
CA THR A 209 47.71 -31.11 -2.79
C THR A 209 46.46 -31.03 -3.66
N GLU A 210 46.67 -31.05 -4.98
CA GLU A 210 45.56 -31.14 -5.92
C GLU A 210 44.88 -32.49 -5.77
N GLU A 211 45.70 -33.54 -5.56
CA GLU A 211 45.21 -34.89 -5.32
C GLU A 211 44.18 -34.97 -4.18
N ASP A 212 44.48 -34.29 -3.06
CA ASP A 212 43.60 -34.26 -1.88
C ASP A 212 42.18 -33.79 -2.25
N PHE A 213 42.11 -32.65 -2.96
CA PHE A 213 40.82 -32.10 -3.37
C PHE A 213 40.12 -33.04 -4.36
N LEU A 214 40.88 -33.62 -5.29
CA LEU A 214 40.31 -34.56 -6.24
C LEU A 214 39.68 -35.78 -5.54
N LYS A 215 40.36 -36.35 -4.54
CA LYS A 215 39.78 -37.45 -3.75
C LYS A 215 38.47 -37.01 -3.07
N GLN A 216 38.42 -35.78 -2.56
CA GLN A 216 37.20 -35.34 -1.89
C GLN A 216 36.08 -35.24 -2.88
N VAL A 217 36.37 -34.68 -4.06
CA VAL A 217 35.35 -34.54 -5.11
C VAL A 217 34.85 -35.92 -5.53
N GLU A 218 35.78 -36.88 -5.68
CA GLU A 218 35.41 -38.26 -5.99
C GLU A 218 34.43 -38.82 -4.95
N GLY A 219 34.65 -38.51 -3.66
CA GLY A 219 33.79 -39.05 -2.59
C GLY A 219 32.41 -38.40 -2.57
N VAL A 220 32.39 -37.11 -2.93
CA VAL A 220 31.16 -36.31 -3.11
C VAL A 220 30.26 -36.94 -4.20
N LEU A 221 30.86 -37.32 -5.32
CA LEU A 221 30.15 -37.98 -6.43
C LEU A 221 29.70 -39.41 -6.06
N GLU A 222 30.59 -40.14 -5.40
CA GLU A 222 30.30 -41.47 -4.89
C GLU A 222 29.08 -41.45 -3.94
N ALA A 223 28.96 -40.39 -3.15
CA ALA A 223 27.83 -40.23 -2.21
C ALA A 223 26.51 -39.83 -2.92
N GLY A 224 26.57 -39.54 -4.21
CA GLY A 224 25.38 -39.24 -5.00
C GLY A 224 25.01 -37.76 -5.02
N ALA A 225 25.98 -36.89 -4.72
CA ALA A 225 25.71 -35.47 -4.81
C ALA A 225 25.73 -35.00 -6.26
N LEU A 226 25.14 -33.82 -6.50
CA LEU A 226 25.07 -33.26 -7.86
C LEU A 226 26.41 -32.77 -8.37
N GLY A 227 27.26 -32.27 -7.46
CA GLY A 227 28.50 -31.65 -7.86
C GLY A 227 29.08 -30.78 -6.79
N ILE A 228 29.82 -29.75 -7.24
CA ILE A 228 30.55 -28.92 -6.33
C ILE A 228 30.33 -27.43 -6.65
N ALA A 229 30.39 -26.64 -5.59
CA ALA A 229 30.44 -25.18 -5.68
C ALA A 229 31.81 -24.86 -5.09
N VAL A 230 32.74 -24.47 -5.95
CA VAL A 230 34.14 -24.40 -5.58
C VAL A 230 34.67 -23.01 -5.89
N GLY A 231 35.49 -22.48 -4.97
CA GLY A 231 36.11 -21.18 -5.16
C GLY A 231 37.60 -21.31 -5.01
N ARG A 232 38.07 -21.34 -3.77
CA ARG A 232 39.49 -21.29 -3.47
C ARG A 232 40.27 -22.45 -4.10
N ASN A 233 39.68 -23.65 -4.13
CA ASN A 233 40.41 -24.79 -4.69
C ASN A 233 40.60 -24.71 -6.23
N VAL A 234 39.92 -23.77 -6.88
CA VAL A 234 40.25 -23.39 -8.27
C VAL A 234 41.06 -22.07 -8.32
N TRP A 235 40.46 -20.94 -7.95
CA TRP A 235 41.13 -19.65 -8.23
C TRP A 235 42.31 -19.24 -7.32
N GLN A 236 42.51 -19.90 -6.18
CA GLN A 236 43.75 -19.71 -5.38
C GLN A 236 45.00 -20.40 -5.97
N ARG A 237 44.84 -21.15 -7.06
CA ARG A 237 45.98 -21.87 -7.65
C ARG A 237 46.52 -21.13 -8.86
N ARG A 238 47.84 -21.18 -9.05
CA ARG A 238 48.51 -20.57 -10.21
C ARG A 238 48.13 -21.28 -11.50
N ASP A 239 47.86 -22.58 -11.39
CA ASP A 239 47.42 -23.37 -12.52
C ASP A 239 45.89 -23.51 -12.50
N ALA A 240 45.20 -22.43 -12.14
CA ALA A 240 43.73 -22.46 -11.99
C ALA A 240 43.03 -23.16 -13.15
N LEU A 241 43.36 -22.76 -14.40
CA LEU A 241 42.66 -23.29 -15.57
C LEU A 241 42.97 -24.79 -15.80
N LYS A 242 44.25 -25.15 -15.83
CA LYS A 242 44.63 -26.57 -15.90
C LYS A 242 43.86 -27.37 -14.84
N PHE A 243 43.91 -26.95 -13.58
CA PHE A 243 43.20 -27.69 -12.54
C PHE A 243 41.71 -27.68 -12.74
N ALA A 244 41.17 -26.56 -13.20
CA ALA A 244 39.73 -26.46 -13.46
C ALA A 244 39.27 -27.50 -14.50
N ARG A 245 40.08 -27.72 -15.55
CA ARG A 245 39.72 -28.70 -16.58
C ARG A 245 39.83 -30.14 -16.10
N ALA A 246 40.84 -30.43 -15.26
CA ALA A 246 40.92 -31.74 -14.60
C ALA A 246 39.67 -31.99 -13.72
N LEU A 247 39.15 -30.94 -13.08
CA LEU A 247 37.90 -31.03 -12.34
C LEU A 247 36.69 -31.28 -13.26
N ALA A 248 36.59 -30.52 -14.35
CA ALA A 248 35.55 -30.75 -15.35
C ALA A 248 35.61 -32.22 -15.92
N GLU A 249 36.81 -32.76 -16.11
CA GLU A 249 36.95 -34.13 -16.61
C GLU A 249 36.39 -35.14 -15.61
N LEU A 250 36.72 -34.96 -14.33
CA LEU A 250 36.23 -35.84 -13.28
C LEU A 250 34.71 -35.78 -13.10
N VAL A 251 34.17 -34.58 -12.87
CA VAL A 251 32.75 -34.38 -12.55
C VAL A 251 31.84 -34.79 -13.72
N TYR A 252 32.18 -34.34 -14.93
CA TYR A 252 31.34 -34.60 -16.07
C TYR A 252 31.79 -35.91 -16.72
N ASN B 3 24.79 3.98 -16.00
CA ASN B 3 26.01 3.68 -15.17
C ASN B 3 26.27 4.82 -14.18
N LEU B 4 26.02 4.55 -12.92
CA LEU B 4 26.10 5.63 -11.93
C LEU B 4 27.53 6.00 -11.57
N THR B 5 28.46 5.09 -11.78
CA THR B 5 29.87 5.42 -11.59
C THR B 5 30.25 6.47 -12.62
N GLU B 6 29.77 6.30 -13.87
CA GLU B 6 30.10 7.26 -14.93
C GLU B 6 29.49 8.60 -14.67
N LYS B 7 28.26 8.61 -14.17
CA LYS B 7 27.58 9.85 -13.75
C LYS B 7 28.36 10.52 -12.61
N PHE B 8 28.75 9.72 -11.62
CA PHE B 8 29.52 10.26 -10.52
C PHE B 8 30.78 10.96 -11.06
N LEU B 9 31.49 10.30 -11.99
CA LEU B 9 32.74 10.85 -12.53
C LEU B 9 32.51 12.16 -13.31
N ARG B 10 31.45 12.21 -14.11
CA ARG B 10 31.13 13.40 -14.89
CA ARG B 10 31.10 13.40 -14.90
C ARG B 10 30.89 14.60 -13.96
N ILE B 11 30.23 14.35 -12.84
CA ILE B 11 29.82 15.45 -11.95
C ILE B 11 30.95 15.85 -10.99
N PHE B 12 31.62 14.86 -10.41
CA PHE B 12 32.57 15.13 -9.33
C PHE B 12 34.03 14.95 -9.74
N ALA B 13 34.28 14.55 -10.98
CA ALA B 13 35.68 14.37 -11.43
C ALA B 13 35.87 14.77 -12.88
N ARG B 14 35.22 15.85 -13.29
CA ARG B 14 35.32 16.30 -14.67
C ARG B 14 36.76 16.51 -15.14
N ARG B 15 37.66 16.86 -14.22
CA ARG B 15 39.05 17.09 -14.60
C ARG B 15 39.88 15.81 -14.61
N GLY B 16 39.29 14.70 -14.17
CA GLY B 16 40.02 13.45 -14.20
C GLY B 16 40.34 12.96 -12.81
N LYS B 17 40.50 13.90 -11.87
CA LYS B 17 40.66 13.64 -10.44
C LYS B 17 39.62 14.42 -9.65
N SER B 18 39.49 14.14 -8.37
CA SER B 18 38.43 14.70 -7.55
C SER B 18 38.88 15.23 -6.18
N ILE B 19 38.35 16.40 -5.79
CA ILE B 19 38.47 16.87 -4.40
C ILE B 19 37.08 17.19 -3.91
N ILE B 20 36.68 16.54 -2.84
CA ILE B 20 35.37 16.78 -2.23
C ILE B 20 35.63 17.35 -0.83
N LEU B 21 34.96 18.46 -0.51
CA LEU B 21 35.09 19.06 0.82
C LEU B 21 34.03 18.42 1.77
N ALA B 22 34.51 17.68 2.74
CA ALA B 22 33.64 16.89 3.64
C ALA B 22 33.22 17.74 4.84
N TYR B 23 31.93 17.71 5.18
CA TYR B 23 31.41 18.56 6.25
C TYR B 23 30.28 17.94 7.06
N ASP B 24 30.39 16.63 7.35
CA ASP B 24 29.46 15.90 8.25
C ASP B 24 29.97 15.88 9.68
N HIS B 25 31.10 16.56 9.91
CA HIS B 25 31.77 16.57 11.23
C HIS B 25 30.91 17.06 12.41
N GLY B 26 29.97 17.97 12.14
CA GLY B 26 29.18 18.60 13.21
C GLY B 26 28.37 17.57 13.99
N ILE B 27 27.89 16.53 13.32
CA ILE B 27 27.30 15.35 13.96
C ILE B 27 28.35 14.28 14.35
N GLU B 28 29.25 13.89 13.43
CA GLU B 28 30.22 12.78 13.76
C GLU B 28 31.11 13.06 14.97
N HIS B 29 31.67 14.27 15.02
CA HIS B 29 32.64 14.65 16.06
C HIS B 29 32.12 15.76 16.95
N GLY B 30 31.14 16.52 16.46
CA GLY B 30 30.66 17.67 17.22
C GLY B 30 31.50 18.92 16.95
N PRO B 31 31.09 20.06 17.55
CA PRO B 31 31.69 21.37 17.20
C PRO B 31 33.09 21.67 17.77
N ALA B 32 33.68 20.77 18.56
CA ALA B 32 35.08 20.98 18.97
C ALA B 32 36.04 21.01 17.74
N ASP B 33 35.72 20.24 16.70
CA ASP B 33 36.43 20.30 15.41
C ASP B 33 36.53 21.78 14.89
N PHE B 34 35.55 22.64 15.20
CA PHE B 34 35.44 24.02 14.64
C PHE B 34 36.20 25.15 15.37
N MET B 35 36.75 24.86 16.54
CA MET B 35 37.42 25.87 17.34
C MET B 35 38.70 26.45 16.74
N ASP B 36 39.52 25.59 16.13
CA ASP B 36 40.79 26.00 15.48
C ASP B 36 40.56 27.18 14.51
N ASN B 37 39.54 27.07 13.64
CA ASN B 37 39.19 28.07 12.61
C ASN B 37 37.67 28.34 12.69
N PRO B 38 37.26 29.29 13.55
CA PRO B 38 35.84 29.38 13.95
C PRO B 38 34.84 29.56 12.81
N ASP B 39 35.25 30.19 11.70
CA ASP B 39 34.44 30.27 10.49
C ASP B 39 33.97 28.91 9.97
N SER B 40 34.73 27.85 10.30
CA SER B 40 34.42 26.49 9.86
C SER B 40 33.08 25.99 10.45
N ALA B 41 32.61 26.64 11.52
CA ALA B 41 31.29 26.33 12.11
C ALA B 41 30.14 26.87 11.24
N ASP B 42 30.46 27.77 10.31
CA ASP B 42 29.49 28.39 9.41
C ASP B 42 29.40 27.65 8.05
N PRO B 43 28.31 26.90 7.80
CA PRO B 43 28.19 26.22 6.49
C PRO B 43 28.30 27.12 5.25
N GLU B 44 27.91 28.41 5.35
CA GLU B 44 28.10 29.37 4.27
C GLU B 44 29.58 29.55 3.93
N TYR B 45 30.43 29.61 4.95
CA TYR B 45 31.88 29.67 4.76
C TYR B 45 32.42 28.41 4.02
N ILE B 46 31.92 27.24 4.40
CA ILE B 46 32.31 26.00 3.75
C ILE B 46 31.95 26.01 2.25
N LEU B 47 30.72 26.42 1.90
CA LEU B 47 30.35 26.55 0.47
C LEU B 47 31.24 27.52 -0.30
N ARG B 48 31.56 28.67 0.30
CA ARG B 48 32.41 29.65 -0.37
C ARG B 48 33.81 29.07 -0.53
N LEU B 49 34.27 28.35 0.50
CA LEU B 49 35.58 27.75 0.45
C LEU B 49 35.69 26.76 -0.72
N ALA B 50 34.72 25.86 -0.85
CA ALA B 50 34.74 24.87 -1.93
C ALA B 50 34.67 25.56 -3.30
N ARG B 51 33.84 26.59 -3.42
CA ARG B 51 33.71 27.33 -4.67
C ARG B 51 34.99 28.07 -5.02
N ASP B 52 35.54 28.81 -4.06
CA ASP B 52 36.75 29.62 -4.31
C ASP B 52 37.99 28.77 -4.59
N ALA B 53 38.06 27.57 -4.01
CA ALA B 53 39.21 26.70 -4.26
C ALA B 53 39.07 25.89 -5.56
N GLY B 54 37.86 25.90 -6.14
CA GLY B 54 37.57 25.14 -7.34
C GLY B 54 37.38 23.64 -7.11
N PHE B 55 36.90 23.24 -5.93
CA PHE B 55 36.69 21.83 -5.61
C PHE B 55 35.45 21.28 -6.30
N ASP B 56 35.34 19.96 -6.36
CA ASP B 56 34.27 19.32 -7.11
C ASP B 56 32.94 19.14 -6.39
N GLY B 57 32.92 19.21 -5.06
CA GLY B 57 31.71 18.93 -4.31
C GLY B 57 31.87 19.15 -2.81
N VAL B 58 30.74 19.12 -2.10
CA VAL B 58 30.65 19.23 -0.64
C VAL B 58 29.82 18.05 -0.11
N VAL B 59 30.07 17.66 1.14
CA VAL B 59 29.29 16.63 1.79
C VAL B 59 28.56 17.23 2.98
N PHE B 60 27.23 17.17 2.95
CA PHE B 60 26.40 17.75 4.02
C PHE B 60 25.42 16.70 4.50
N GLN B 61 25.12 16.73 5.80
CA GLN B 61 23.97 16.02 6.36
C GLN B 61 22.67 16.78 5.96
N ARG B 62 21.49 16.16 6.12
CA ARG B 62 20.24 16.79 5.58
C ARG B 62 19.94 18.19 6.19
N GLY B 63 20.26 18.38 7.47
CA GLY B 63 19.84 19.63 8.16
C GLY B 63 20.64 20.77 7.59
N ILE B 64 21.93 20.54 7.40
CA ILE B 64 22.79 21.53 6.73
C ILE B 64 22.38 21.81 5.28
N ALA B 65 22.12 20.77 4.46
CA ALA B 65 21.71 20.99 3.08
C ALA B 65 20.40 21.80 3.03
N GLU B 66 19.45 21.42 3.88
CA GLU B 66 18.16 22.09 3.92
C GLU B 66 18.27 23.58 4.25
N LYS B 67 19.05 23.93 5.28
CA LYS B 67 19.13 25.33 5.74
C LYS B 67 20.09 26.21 4.88
N TYR B 68 21.04 25.58 4.20
CA TYR B 68 22.22 26.28 3.64
C TYR B 68 22.54 25.97 2.18
N TYR B 69 22.23 24.76 1.72
CA TYR B 69 22.62 24.42 0.32
C TYR B 69 22.00 25.37 -0.67
N ASP B 70 22.84 25.91 -1.56
CA ASP B 70 22.41 26.96 -2.53
C ASP B 70 22.65 26.58 -3.99
N GLY B 71 23.05 25.33 -4.24
CA GLY B 71 23.22 24.85 -5.61
C GLY B 71 24.53 25.24 -6.25
N SER B 72 25.46 25.81 -5.47
CA SER B 72 26.63 26.47 -6.04
C SER B 72 27.77 25.51 -6.32
N VAL B 73 27.72 24.33 -5.71
CA VAL B 73 28.76 23.30 -5.79
C VAL B 73 28.02 21.96 -5.72
N PRO B 74 28.42 20.95 -6.52
CA PRO B 74 27.65 19.69 -6.42
C PRO B 74 27.63 19.07 -5.02
N LEU B 75 26.45 18.59 -4.61
CA LEU B 75 26.21 18.09 -3.25
C LEU B 75 26.19 16.56 -3.16
N ILE B 76 26.95 16.01 -2.20
CA ILE B 76 26.73 14.65 -1.76
C ILE B 76 26.01 14.72 -0.44
N LEU B 77 24.81 14.13 -0.40
CA LEU B 77 23.97 14.14 0.79
C LEU B 77 24.30 12.91 1.63
N LYS B 78 24.91 13.14 2.78
CA LYS B 78 25.34 12.10 3.69
C LYS B 78 24.12 11.65 4.50
N LEU B 79 23.61 10.45 4.22
CA LEU B 79 22.30 10.04 4.73
C LEU B 79 22.28 9.62 6.20
N ASN B 80 23.36 8.98 6.67
CA ASN B 80 23.44 8.52 8.08
C ASN B 80 24.49 9.29 8.89
N GLY B 81 24.30 9.34 10.21
CA GLY B 81 25.26 9.94 11.12
C GLY B 81 25.11 9.33 12.49
N LYS B 82 26.23 9.30 13.22
CA LYS B 82 26.26 8.89 14.60
C LYS B 82 27.19 9.89 15.32
N THR B 83 27.22 9.81 16.66
CA THR B 83 28.08 10.73 17.44
C THR B 83 29.22 9.98 18.11
N THR B 84 30.23 10.72 18.56
CA THR B 84 31.31 10.10 19.34
C THR B 84 30.89 9.92 20.79
N LEU B 85 29.74 10.47 21.19
CA LEU B 85 29.22 10.26 22.55
C LEU B 85 28.69 8.85 22.71
N TYR B 86 28.30 8.25 21.60
CA TYR B 86 27.75 6.88 21.57
C TYR B 86 28.84 5.88 21.92
N ASN B 87 28.56 4.98 22.86
CA ASN B 87 29.54 3.98 23.29
C ASN B 87 29.28 2.50 22.84
N GLY B 88 28.12 2.19 22.29
CA GLY B 88 27.88 0.82 21.81
C GLY B 88 28.67 0.33 20.59
N GLU B 89 28.31 -0.87 20.08
CA GLU B 89 28.86 -1.37 18.83
C GLU B 89 28.61 -0.31 17.74
N PRO B 90 29.62 0.03 16.93
CA PRO B 90 29.53 1.10 15.95
C PRO B 90 28.30 0.92 15.06
N VAL B 91 27.41 1.92 15.02
CA VAL B 91 26.22 1.90 14.15
C VAL B 91 25.84 3.36 13.82
N SER B 92 25.37 3.56 12.59
CA SER B 92 24.97 4.87 12.07
C SER B 92 23.78 4.61 11.13
N VAL B 93 22.63 5.16 11.46
CA VAL B 93 21.40 4.86 10.71
C VAL B 93 21.00 6.10 9.93
N ALA B 94 20.24 5.90 8.87
CA ALA B 94 19.84 6.98 7.99
C ALA B 94 18.93 7.92 8.79
N ASN B 95 19.20 9.21 8.67
CA ASN B 95 18.27 10.23 9.16
C ASN B 95 17.52 10.93 8.01
N CYS B 96 17.74 10.44 6.81
CA CYS B 96 17.20 11.06 5.59
C CYS B 96 17.05 9.95 4.55
N SER B 97 15.99 10.00 3.73
CA SER B 97 15.82 9.07 2.61
C SER B 97 16.48 9.61 1.32
N VAL B 98 16.69 8.70 0.36
CA VAL B 98 17.17 9.11 -0.95
C VAL B 98 16.21 10.10 -1.63
N GLU B 99 14.91 9.82 -1.55
CA GLU B 99 13.91 10.70 -2.14
C GLU B 99 14.01 12.13 -1.57
N GLU B 100 14.21 12.24 -0.27
CA GLU B 100 14.39 13.59 0.34
C GLU B 100 15.70 14.24 -0.12
N ALA B 101 16.74 13.44 -0.28
CA ALA B 101 18.02 13.95 -0.76
C ALA B 101 17.89 14.56 -2.16
N VAL B 102 17.13 13.90 -3.03
CA VAL B 102 16.81 14.43 -4.35
C VAL B 102 16.13 15.79 -4.22
N SER B 103 15.17 15.89 -3.30
CA SER B 103 14.43 17.15 -3.17
CA SER B 103 14.41 17.14 -3.08
C SER B 103 15.31 18.28 -2.60
N LEU B 104 16.36 17.91 -1.86
CA LEU B 104 17.31 18.87 -1.27
C LEU B 104 18.43 19.33 -2.22
N GLY B 105 18.46 18.79 -3.44
CA GLY B 105 19.44 19.18 -4.46
C GLY B 105 20.66 18.27 -4.66
N ALA B 106 20.67 17.12 -4.00
CA ALA B 106 21.84 16.22 -4.05
C ALA B 106 22.12 15.68 -5.46
N SER B 107 23.39 15.55 -5.78
CA SER B 107 23.82 14.92 -7.00
C SER B 107 24.31 13.50 -6.73
N ALA B 108 24.49 13.17 -5.46
CA ALA B 108 24.82 11.81 -5.01
C ALA B 108 24.40 11.63 -3.57
N VAL B 109 24.38 10.38 -3.11
CA VAL B 109 24.13 10.12 -1.69
C VAL B 109 25.28 9.37 -1.05
N GLY B 110 25.46 9.60 0.26
CA GLY B 110 26.54 8.97 1.02
C GLY B 110 26.05 8.13 2.19
N TYR B 111 26.80 7.10 2.53
CA TYR B 111 26.38 6.20 3.61
C TYR B 111 27.59 5.53 4.22
N THR B 112 27.73 5.60 5.54
CA THR B 112 28.81 4.91 6.23
C THR B 112 28.43 3.50 6.67
N ILE B 113 29.32 2.53 6.40
CA ILE B 113 29.20 1.18 6.99
C ILE B 113 30.41 0.93 7.87
N TYR B 114 30.22 0.12 8.92
CA TYR B 114 31.31 -0.31 9.80
C TYR B 114 31.36 -1.84 9.80
N PRO B 115 31.97 -2.43 8.76
CA PRO B 115 32.20 -3.87 8.70
C PRO B 115 32.92 -4.35 9.98
N GLY B 116 32.47 -5.48 10.52
CA GLY B 116 33.03 -6.02 11.77
C GLY B 116 32.22 -5.68 13.03
N SER B 117 31.52 -4.54 13.02
CA SER B 117 30.65 -4.15 14.14
C SER B 117 29.65 -5.27 14.51
N GLY B 118 29.36 -5.41 15.80
CA GLY B 118 28.22 -6.22 16.25
C GLY B 118 26.94 -5.85 15.51
N PHE B 119 26.91 -4.64 14.97
CA PHE B 119 25.77 -4.14 14.23
C PHE B 119 26.03 -4.09 12.70
N GLU B 120 27.05 -4.78 12.18
CA GLU B 120 27.24 -4.69 10.72
C GLU B 120 25.98 -5.07 9.93
N TRP B 121 25.21 -6.05 10.43
CA TRP B 121 23.97 -6.48 9.79
C TRP B 121 22.92 -5.35 9.65
N LYS B 122 22.86 -4.45 10.64
CA LYS B 122 21.85 -3.37 10.60
C LYS B 122 22.17 -2.38 9.47
N MET B 123 23.47 -2.09 9.28
CA MET B 123 23.89 -1.21 8.21
C MET B 123 23.79 -1.86 6.84
N PHE B 124 24.11 -3.15 6.72
CA PHE B 124 23.98 -3.82 5.42
C PHE B 124 22.52 -3.86 4.97
N GLU B 125 21.62 -4.14 5.91
CA GLU B 125 20.16 -4.22 5.67
C GLU B 125 19.64 -2.87 5.21
N GLU B 126 20.09 -1.80 5.87
CA GLU B 126 19.66 -0.47 5.50
C GLU B 126 20.28 0.00 4.18
N LEU B 127 21.56 -0.32 3.97
CA LEU B 127 22.26 0.06 2.75
C LEU B 127 21.57 -0.55 1.53
N ALA B 128 21.06 -1.77 1.69
CA ALA B 128 20.33 -2.46 0.63
C ALA B 128 19.11 -1.64 0.13
N ARG B 129 18.36 -1.12 1.08
CA ARG B 129 17.25 -0.21 0.74
C ARG B 129 17.71 1.09 0.09
N ILE B 130 18.80 1.68 0.59
CA ILE B 130 19.34 2.91 0.05
C ILE B 130 19.94 2.69 -1.36
N LYS B 131 20.60 1.55 -1.56
CA LYS B 131 21.15 1.22 -2.85
C LYS B 131 19.99 1.10 -3.87
N ARG B 132 18.93 0.37 -3.47
CA ARG B 132 17.75 0.22 -4.36
C ARG B 132 17.16 1.59 -4.76
N ASP B 133 17.09 2.50 -3.79
CA ASP B 133 16.52 3.84 -4.03
C ASP B 133 17.48 4.70 -4.89
N ALA B 134 18.77 4.60 -4.63
CA ALA B 134 19.82 5.28 -5.44
C ALA B 134 19.68 4.95 -6.91
N VAL B 135 19.49 3.67 -7.22
CA VAL B 135 19.27 3.23 -8.59
C VAL B 135 17.97 3.84 -9.13
N LYS B 136 16.91 3.73 -8.33
CA LYS B 136 15.57 4.22 -8.69
C LYS B 136 15.61 5.73 -9.04
N PHE B 137 16.29 6.52 -8.22
CA PHE B 137 16.35 7.99 -8.43
C PHE B 137 17.56 8.45 -9.26
N ASP B 138 18.36 7.48 -9.69
CA ASP B 138 19.55 7.70 -10.52
C ASP B 138 20.57 8.67 -9.88
N LEU B 139 20.79 8.52 -8.57
CA LEU B 139 21.83 9.26 -7.84
C LEU B 139 22.95 8.25 -7.51
N PRO B 140 24.23 8.61 -7.80
CA PRO B 140 25.26 7.63 -7.43
C PRO B 140 25.34 7.45 -5.91
N LEU B 141 25.69 6.24 -5.51
CA LEU B 141 25.84 5.92 -4.09
C LEU B 141 27.30 5.88 -3.75
N VAL B 142 27.69 6.71 -2.77
CA VAL B 142 29.07 6.80 -2.30
C VAL B 142 29.16 6.18 -0.89
N VAL B 143 29.96 5.13 -0.73
CA VAL B 143 29.98 4.40 0.55
C VAL B 143 31.26 4.75 1.27
N TRP B 144 31.11 5.23 2.49
CA TRP B 144 32.26 5.45 3.41
C TRP B 144 32.47 4.08 4.05
N SER B 145 33.51 3.34 3.67
CA SER B 145 33.68 1.98 4.18
C SER B 145 34.75 1.99 5.26
N PHE B 146 34.30 1.96 6.52
CA PHE B 146 35.17 2.19 7.69
C PHE B 146 35.05 0.98 8.66
N PRO B 147 35.74 -0.14 8.37
CA PRO B 147 35.66 -1.26 9.31
C PRO B 147 35.98 -0.78 10.73
N ARG B 148 35.18 -1.22 11.70
CA ARG B 148 35.25 -0.73 13.08
C ARG B 148 34.45 -1.69 13.99
N GLY B 149 34.98 -2.00 15.16
CA GLY B 149 34.32 -2.94 16.08
C GLY B 149 34.76 -4.35 15.71
N GLY B 150 34.28 -5.36 16.45
CA GLY B 150 34.67 -6.74 16.10
C GLY B 150 36.18 -6.97 16.20
N LYS B 151 36.76 -7.63 15.19
CA LYS B 151 38.22 -7.94 15.21
C LYS B 151 39.12 -6.76 14.76
N VAL B 152 38.52 -5.64 14.35
CA VAL B 152 39.29 -4.50 13.82
C VAL B 152 40.04 -3.82 14.96
N VAL B 153 41.37 -3.71 14.83
CA VAL B 153 42.18 -3.02 15.86
C VAL B 153 42.68 -1.70 15.21
N ASN B 154 43.66 -1.80 14.30
CA ASN B 154 44.14 -0.60 13.61
C ASN B 154 43.42 -0.42 12.27
N GLU B 155 42.65 0.65 12.16
CA GLU B 155 41.85 0.87 10.96
C GLU B 155 42.68 1.17 9.70
N THR B 156 43.93 1.60 9.89
CA THR B 156 44.77 1.96 8.74
C THR B 156 45.66 0.77 8.34
N ALA B 157 45.52 -0.39 9.01
CA ALA B 157 46.31 -1.57 8.61
C ALA B 157 46.00 -1.93 7.17
N PRO B 158 47.03 -2.27 6.37
CA PRO B 158 46.81 -2.54 4.91
C PRO B 158 45.68 -3.51 4.60
N GLU B 159 45.56 -4.60 5.37
CA GLU B 159 44.57 -5.64 5.08
C GLU B 159 43.16 -5.17 5.45
N ILE B 160 43.06 -4.23 6.39
CA ILE B 160 41.75 -3.70 6.79
C ILE B 160 41.26 -2.72 5.71
N VAL B 161 42.13 -1.86 5.23
CA VAL B 161 41.75 -0.86 4.23
C VAL B 161 41.38 -1.57 2.91
N ALA B 162 42.12 -2.60 2.54
CA ALA B 162 41.77 -3.41 1.34
C ALA B 162 40.42 -4.13 1.50
N TYR B 163 40.18 -4.66 2.70
CA TYR B 163 38.90 -5.31 2.99
C TYR B 163 37.78 -4.26 2.87
N ALA B 164 38.00 -3.07 3.45
CA ALA B 164 37.04 -1.99 3.34
C ALA B 164 36.69 -1.70 1.87
N ALA B 165 37.71 -1.57 1.02
CA ALA B 165 37.53 -1.29 -0.41
C ALA B 165 36.73 -2.38 -1.11
N ARG B 166 37.13 -3.63 -0.90
CA ARG B 166 36.42 -4.74 -1.54
C ARG B 166 34.93 -4.83 -1.11
N ILE B 167 34.67 -4.61 0.18
CA ILE B 167 33.30 -4.69 0.69
C ILE B 167 32.42 -3.63 -0.01
N ALA B 168 32.93 -2.41 -0.15
CA ALA B 168 32.20 -1.34 -0.83
C ALA B 168 31.88 -1.72 -2.28
N LEU B 169 32.81 -2.37 -2.96
CA LEU B 169 32.54 -2.86 -4.30
C LEU B 169 31.45 -3.94 -4.27
N GLU B 170 31.58 -4.90 -3.36
CA GLU B 170 30.67 -6.05 -3.33
C GLU B 170 29.21 -5.65 -3.05
N LEU B 171 29.02 -4.64 -2.22
CA LEU B 171 27.70 -4.22 -1.76
C LEU B 171 26.99 -3.28 -2.75
N GLY B 172 27.72 -2.83 -3.77
CA GLY B 172 27.16 -2.02 -4.86
C GLY B 172 27.45 -0.52 -4.87
N SER B 173 28.49 -0.07 -4.17
CA SER B 173 28.82 1.36 -4.20
C SER B 173 29.21 1.78 -5.62
N ASP B 174 28.93 3.03 -5.97
CA ASP B 174 29.34 3.57 -7.27
C ASP B 174 30.66 4.34 -7.15
N ALA B 175 30.96 4.75 -5.91
CA ALA B 175 32.26 5.33 -5.52
C ALA B 175 32.42 5.09 -4.01
N MET B 176 33.64 5.18 -3.50
CA MET B 176 33.86 4.86 -2.09
C MET B 176 34.89 5.77 -1.47
N LYS B 177 34.80 5.92 -0.15
CA LYS B 177 35.77 6.67 0.62
C LYS B 177 36.31 5.75 1.70
N ILE B 178 37.64 5.63 1.79
CA ILE B 178 38.28 4.69 2.74
C ILE B 178 39.46 5.41 3.40
N LYS B 179 39.95 4.85 4.51
CA LYS B 179 41.13 5.42 5.21
C LYS B 179 42.42 5.15 4.42
N TYR B 180 43.38 6.07 4.53
CA TYR B 180 44.68 5.89 3.92
C TYR B 180 45.57 5.00 4.79
N THR B 181 46.31 4.08 4.14
CA THR B 181 47.23 3.17 4.84
C THR B 181 48.54 3.85 5.26
N GLY B 182 48.80 5.02 4.72
CA GLY B 182 50.05 5.71 5.01
C GLY B 182 51.15 5.45 4.00
N ASP B 183 50.93 4.59 3.01
CA ASP B 183 51.91 4.46 1.92
C ASP B 183 51.30 3.98 0.62
N PRO B 184 51.85 4.45 -0.52
CA PRO B 184 51.25 4.16 -1.84
C PRO B 184 51.22 2.68 -2.23
N LYS B 185 52.25 1.92 -1.90
CA LYS B 185 52.26 0.51 -2.25
C LYS B 185 51.09 -0.28 -1.63
N THR B 186 50.86 -0.15 -0.32
CA THR B 186 49.74 -0.87 0.32
C THR B 186 48.40 -0.24 -0.07
N PHE B 187 48.36 1.09 -0.20
CA PHE B 187 47.12 1.74 -0.65
C PHE B 187 46.72 1.32 -2.07
N SER B 188 47.70 1.04 -2.92
CA SER B 188 47.42 0.60 -4.30
C SER B 188 46.74 -0.80 -4.39
N TRP B 189 47.03 -1.69 -3.46
CA TRP B 189 46.31 -2.95 -3.42
C TRP B 189 44.81 -2.72 -3.10
N ALA B 190 44.52 -1.82 -2.16
CA ALA B 190 43.13 -1.45 -1.87
C ALA B 190 42.44 -0.88 -3.13
N VAL B 191 43.14 0.00 -3.82
CA VAL B 191 42.61 0.58 -5.09
C VAL B 191 42.33 -0.54 -6.14
N LYS B 192 43.25 -1.49 -6.27
CA LYS B 192 43.10 -2.58 -7.22
C LYS B 192 41.88 -3.47 -6.91
N VAL B 193 41.70 -3.83 -5.63
CA VAL B 193 40.59 -4.75 -5.30
C VAL B 193 39.24 -4.06 -5.43
N ALA B 194 39.25 -2.73 -5.43
CA ALA B 194 38.05 -1.94 -5.66
C ALA B 194 37.63 -2.02 -7.13
N GLY B 195 38.52 -2.49 -8.00
CA GLY B 195 38.21 -2.73 -9.42
C GLY B 195 37.71 -1.48 -10.12
N LYS B 196 36.51 -1.56 -10.72
CA LYS B 196 35.89 -0.45 -11.49
C LYS B 196 35.36 0.69 -10.63
N VAL B 197 35.26 0.52 -9.32
CA VAL B 197 34.74 1.59 -8.49
C VAL B 197 35.86 2.52 -8.01
N PRO B 198 35.71 3.84 -8.27
CA PRO B 198 36.77 4.80 -7.88
C PRO B 198 36.87 5.00 -6.36
N VAL B 199 38.09 5.29 -5.92
CA VAL B 199 38.43 5.37 -4.50
C VAL B 199 38.83 6.80 -4.16
N LEU B 200 38.20 7.33 -3.11
CA LEU B 200 38.59 8.58 -2.48
C LEU B 200 39.25 8.36 -1.11
N MET B 201 40.37 9.03 -0.88
CA MET B 201 41.02 9.03 0.42
C MET B 201 40.28 9.96 1.40
N SER B 202 39.97 9.39 2.57
CA SER B 202 39.48 10.11 3.73
C SER B 202 40.64 10.93 4.31
N GLY B 203 40.46 12.24 4.47
CA GLY B 203 41.59 13.15 4.83
C GLY B 203 42.24 12.85 6.19
N GLY B 204 41.43 12.59 7.21
CA GLY B 204 41.92 12.28 8.55
C GLY B 204 42.10 13.52 9.42
N PRO B 205 42.56 13.30 10.67
CA PRO B 205 42.88 14.40 11.58
C PRO B 205 43.89 15.34 10.93
N LYS B 206 43.86 16.62 11.32
CA LYS B 206 44.77 17.63 10.79
C LYS B 206 46.22 17.19 11.05
N THR B 207 47.03 17.22 10.01
CA THR B 207 48.41 16.77 10.10
C THR B 207 49.28 17.80 10.81
N LYS B 208 50.44 17.37 11.28
CA LYS B 208 51.35 18.25 12.00
C LYS B 208 51.78 19.45 11.14
N THR B 209 52.03 19.22 9.86
CA THR B 209 52.44 20.30 8.93
C THR B 209 51.64 20.17 7.65
N GLU B 210 51.62 21.23 6.85
CA GLU B 210 50.91 21.18 5.56
C GLU B 210 51.58 20.20 4.63
N GLU B 211 52.92 20.24 4.58
CA GLU B 211 53.71 19.32 3.79
C GLU B 211 53.40 17.84 4.09
N ASP B 212 53.18 17.48 5.36
CA ASP B 212 52.78 16.09 5.71
C ASP B 212 51.53 15.69 4.93
N PHE B 213 50.52 16.56 4.88
CA PHE B 213 49.28 16.21 4.21
C PHE B 213 49.45 16.12 2.70
N LEU B 214 50.17 17.10 2.12
CA LEU B 214 50.51 17.09 0.70
C LEU B 214 51.22 15.78 0.29
N LYS B 215 52.16 15.31 1.11
CA LYS B 215 52.86 14.05 0.80
C LYS B 215 51.89 12.86 0.80
N GLN B 216 50.99 12.82 1.78
CA GLN B 216 49.94 11.80 1.81
C GLN B 216 49.11 11.84 0.53
N VAL B 217 48.69 13.04 0.11
CA VAL B 217 47.89 13.20 -1.14
C VAL B 217 48.64 12.68 -2.40
N GLU B 218 49.89 13.08 -2.53
CA GLU B 218 50.77 12.57 -3.58
C GLU B 218 50.81 11.02 -3.60
N GLY B 219 50.87 10.39 -2.42
CA GLY B 219 50.89 8.92 -2.35
C GLY B 219 49.55 8.31 -2.75
N VAL B 220 48.47 8.95 -2.33
CA VAL B 220 47.12 8.55 -2.72
C VAL B 220 46.99 8.58 -4.25
N LEU B 221 47.47 9.66 -4.87
CA LEU B 221 47.39 9.78 -6.33
C LEU B 221 48.31 8.76 -7.02
N GLU B 222 49.53 8.60 -6.50
CA GLU B 222 50.46 7.53 -6.96
C GLU B 222 49.82 6.14 -6.90
N ALA B 223 49.00 5.88 -5.88
CA ALA B 223 48.34 4.58 -5.75
C ALA B 223 47.19 4.35 -6.76
N GLY B 224 46.89 5.34 -7.59
CA GLY B 224 45.78 5.26 -8.54
C GLY B 224 44.41 5.62 -8.01
N ALA B 225 44.33 6.28 -6.85
CA ALA B 225 43.03 6.70 -6.36
C ALA B 225 42.48 7.86 -7.18
N LEU B 226 41.15 8.03 -7.16
CA LEU B 226 40.49 9.16 -7.84
C LEU B 226 40.84 10.53 -7.24
N GLY B 227 41.00 10.58 -5.91
CA GLY B 227 41.27 11.85 -5.22
C GLY B 227 41.02 11.76 -3.74
N ILE B 228 40.53 12.85 -3.15
CA ILE B 228 40.43 12.96 -1.71
C ILE B 228 39.05 13.52 -1.33
N ALA B 229 38.55 13.04 -0.19
CA ALA B 229 37.36 13.61 0.44
C ALA B 229 37.94 14.16 1.74
N VAL B 230 38.13 15.48 1.76
CA VAL B 230 38.89 16.13 2.83
C VAL B 230 38.06 17.13 3.63
N GLY B 231 38.18 17.07 4.96
CA GLY B 231 37.52 18.03 5.81
C GLY B 231 38.53 18.84 6.62
N ARG B 232 38.96 18.26 7.74
CA ARG B 232 39.81 18.95 8.71
C ARG B 232 41.09 19.49 8.10
N ASN B 233 41.70 18.72 7.20
CA ASN B 233 42.99 19.16 6.66
C ASN B 233 42.85 20.37 5.78
N VAL B 234 41.61 20.76 5.45
CA VAL B 234 41.37 22.08 4.87
C VAL B 234 40.77 23.08 5.90
N TRP B 235 39.54 22.84 6.36
CA TRP B 235 38.79 23.87 7.10
C TRP B 235 39.22 24.08 8.55
N GLN B 236 40.05 23.19 9.09
CA GLN B 236 40.62 23.42 10.41
C GLN B 236 41.79 24.43 10.37
N ARG B 237 42.20 24.85 9.19
CA ARG B 237 43.37 25.74 9.09
C ARG B 237 43.01 27.23 8.97
N ARG B 238 43.75 28.11 9.63
CA ARG B 238 43.49 29.55 9.51
C ARG B 238 43.79 30.08 8.09
N ASP B 239 44.61 29.36 7.33
CA ASP B 239 44.88 29.69 5.93
C ASP B 239 44.14 28.70 5.02
N ALA B 240 42.90 28.34 5.38
CA ALA B 240 42.15 27.28 4.68
C ALA B 240 42.14 27.44 3.14
N LEU B 241 41.83 28.63 2.63
CA LEU B 241 41.69 28.83 1.18
C LEU B 241 43.04 28.75 0.47
N LYS B 242 44.08 29.29 1.11
CA LYS B 242 45.45 29.26 0.57
C LYS B 242 45.88 27.81 0.39
N PHE B 243 45.70 27.01 1.44
CA PHE B 243 46.03 25.59 1.39
C PHE B 243 45.10 24.81 0.45
N ALA B 244 43.80 25.09 0.48
CA ALA B 244 42.87 24.51 -0.49
C ALA B 244 43.34 24.74 -1.97
N ARG B 245 43.77 25.95 -2.30
CA ARG B 245 44.33 26.22 -3.62
C ARG B 245 45.62 25.44 -3.96
N ALA B 246 46.50 25.24 -2.97
CA ALA B 246 47.69 24.36 -3.15
C ALA B 246 47.27 22.89 -3.38
N LEU B 247 46.25 22.43 -2.68
CA LEU B 247 45.72 21.09 -2.89
C LEU B 247 45.12 20.93 -4.30
N ALA B 248 44.36 21.94 -4.75
CA ALA B 248 43.79 21.94 -6.10
C ALA B 248 44.91 21.86 -7.18
N GLU B 249 45.98 22.65 -6.99
CA GLU B 249 47.13 22.58 -7.89
C GLU B 249 47.76 21.19 -7.98
N LEU B 250 47.89 20.52 -6.83
CA LEU B 250 48.51 19.19 -6.77
C LEU B 250 47.60 18.13 -7.43
N VAL B 251 46.35 18.08 -6.98
CA VAL B 251 45.44 17.07 -7.46
C VAL B 251 45.08 17.25 -8.97
N TYR B 252 44.81 18.49 -9.40
CA TYR B 252 44.34 18.69 -10.76
C TYR B 252 45.47 18.97 -11.74
N GLY B 253 46.62 19.41 -11.26
CA GLY B 253 47.74 19.71 -12.16
C GLY B 253 48.35 18.40 -12.61
N ASN C 3 9.68 27.77 4.27
CA ASN C 3 10.72 27.76 5.34
C ASN C 3 10.06 27.60 6.72
N LEU C 4 10.29 26.45 7.36
CA LEU C 4 9.59 26.12 8.59
C LEU C 4 10.16 26.82 9.87
N THR C 5 11.43 27.20 9.84
CA THR C 5 11.97 28.08 10.90
C THR C 5 11.23 29.41 10.85
N GLU C 6 11.06 29.99 9.65
CA GLU C 6 10.35 31.27 9.57
C GLU C 6 8.94 31.15 10.11
N LYS C 7 8.24 30.10 9.70
CA LYS C 7 6.90 29.81 10.21
C LYS C 7 6.89 29.70 11.74
N PHE C 8 7.87 29.00 12.30
CA PHE C 8 7.97 28.87 13.75
C PHE C 8 8.14 30.27 14.40
N LEU C 9 8.97 31.13 13.82
CA LEU C 9 9.17 32.46 14.38
C LEU C 9 7.91 33.31 14.30
N ARG C 10 7.18 33.23 13.19
CA ARG C 10 5.96 34.02 13.05
CA ARG C 10 5.94 33.99 13.03
C ARG C 10 4.96 33.62 14.15
N ILE C 11 4.87 32.31 14.45
CA ILE C 11 3.86 31.82 15.37
C ILE C 11 4.29 31.97 16.82
N PHE C 12 5.53 31.57 17.11
CA PHE C 12 6.01 31.47 18.49
C PHE C 12 6.98 32.58 18.93
N ALA C 13 7.30 33.53 18.06
CA ALA C 13 8.27 34.60 18.38
C ALA C 13 7.87 35.90 17.71
N ARG C 14 6.56 36.19 17.71
CA ARG C 14 6.05 37.37 16.99
C ARG C 14 6.71 38.68 17.45
N ARG C 15 7.11 38.71 18.71
CA ARG C 15 7.81 39.87 19.27
C ARG C 15 9.34 39.85 19.11
N GLY C 16 9.88 38.80 18.49
CA GLY C 16 11.32 38.71 18.24
C GLY C 16 12.03 37.79 19.23
N LYS C 17 11.39 37.55 20.38
CA LYS C 17 11.88 36.57 21.37
C LYS C 17 10.67 35.71 21.78
N SER C 18 10.94 34.60 22.48
CA SER C 18 9.90 33.59 22.73
C SER C 18 9.89 33.09 24.18
N ILE C 19 8.70 32.84 24.72
CA ILE C 19 8.54 32.12 25.99
C ILE C 19 7.53 31.03 25.72
N ILE C 20 7.97 29.78 25.90
CA ILE C 20 7.10 28.63 25.78
C ILE C 20 6.92 27.99 27.16
N LEU C 21 5.66 27.80 27.57
CA LEU C 21 5.35 27.11 28.83
C LEU C 21 5.30 25.61 28.57
N ALA C 22 6.29 24.88 29.11
CA ALA C 22 6.43 23.45 28.87
C ALA C 22 5.62 22.68 29.91
N TYR C 23 4.93 21.63 29.45
CA TYR C 23 4.04 20.89 30.34
C TYR C 23 3.95 19.38 29.97
N ASP C 24 5.09 18.80 29.61
CA ASP C 24 5.17 17.34 29.34
C ASP C 24 5.56 16.60 30.62
N HIS C 25 5.63 17.33 31.72
CA HIS C 25 6.18 16.85 32.98
C HIS C 25 5.42 15.67 33.54
N GLY C 26 4.12 15.62 33.26
CA GLY C 26 3.26 14.58 33.78
C GLY C 26 3.74 13.17 33.43
N ILE C 27 4.19 12.98 32.21
CA ILE C 27 4.82 11.70 31.83
C ILE C 27 6.32 11.63 32.21
N GLU C 28 7.06 12.72 31.94
CA GLU C 28 8.54 12.73 32.11
C GLU C 28 8.95 12.53 33.55
N HIS C 29 8.29 13.22 34.49
CA HIS C 29 8.65 13.14 35.92
C HIS C 29 7.54 12.64 36.81
N GLY C 30 6.30 12.69 36.32
CA GLY C 30 5.15 12.28 37.10
C GLY C 30 4.65 13.39 38.01
N PRO C 31 3.54 13.13 38.73
CA PRO C 31 2.88 14.16 39.50
C PRO C 31 3.63 14.68 40.75
N ALA C 32 4.78 14.12 41.12
CA ALA C 32 5.64 14.77 42.12
C ALA C 32 5.93 16.24 41.76
N ASP C 33 6.21 16.51 40.49
CA ASP C 33 6.40 17.89 40.02
C ASP C 33 5.25 18.86 40.44
N PHE C 34 4.04 18.35 40.72
CA PHE C 34 2.85 19.18 41.02
C PHE C 34 2.55 19.46 42.50
N MET C 35 3.39 18.93 43.38
CA MET C 35 3.12 19.02 44.82
C MET C 35 3.35 20.45 45.32
N ASP C 36 4.45 21.07 44.87
CA ASP C 36 4.82 22.47 45.16
C ASP C 36 3.66 23.47 44.99
N ASN C 37 2.91 23.32 43.91
CA ASN C 37 1.79 24.19 43.54
C ASN C 37 0.66 23.34 42.92
N PRO C 38 -0.18 22.71 43.78
CA PRO C 38 -1.13 21.67 43.33
C PRO C 38 -1.98 22.03 42.08
N ASP C 39 -2.40 23.29 41.96
CA ASP C 39 -3.13 23.76 40.77
C ASP C 39 -2.44 23.39 39.45
N SER C 40 -1.12 23.21 39.47
CA SER C 40 -0.35 22.81 38.28
C SER C 40 -0.68 21.41 37.73
N ALA C 41 -1.32 20.56 38.54
CA ALA C 41 -1.83 19.26 38.07
C ALA C 41 -2.99 19.43 37.08
N ASP C 42 -3.59 20.61 37.07
CA ASP C 42 -4.74 20.90 36.21
C ASP C 42 -4.31 21.57 34.90
N PRO C 43 -4.47 20.87 33.76
CA PRO C 43 -4.06 21.53 32.51
C PRO C 43 -4.86 22.81 32.14
N GLU C 44 -6.09 22.98 32.62
CA GLU C 44 -6.86 24.21 32.40
C GLU C 44 -6.17 25.42 33.04
N TYR C 45 -5.58 25.18 34.20
CA TYR C 45 -4.85 26.21 34.93
C TYR C 45 -3.57 26.62 34.19
N ILE C 46 -2.92 25.64 33.55
CA ILE C 46 -1.71 25.86 32.76
C ILE C 46 -2.00 26.75 31.54
N LEU C 47 -3.11 26.48 30.86
CA LEU C 47 -3.55 27.26 29.70
C LEU C 47 -3.88 28.68 30.11
N ARG C 48 -4.63 28.83 31.20
CA ARG C 48 -4.98 30.14 31.73
C ARG C 48 -3.72 30.92 32.07
N LEU C 49 -2.77 30.25 32.71
CA LEU C 49 -1.48 30.82 33.08
C LEU C 49 -0.69 31.33 31.83
N ALA C 50 -0.55 30.49 30.80
CA ALA C 50 0.11 30.94 29.56
C ALA C 50 -0.61 32.15 28.90
N ARG C 51 -1.92 32.09 28.83
CA ARG C 51 -2.74 33.13 28.21
C ARG C 51 -2.59 34.44 29.02
N ASP C 52 -2.74 34.34 30.33
CA ASP C 52 -2.71 35.51 31.20
C ASP C 52 -1.36 36.19 31.23
N ALA C 53 -0.28 35.42 31.08
CA ALA C 53 1.06 35.99 31.16
C ALA C 53 1.55 36.48 29.78
N GLY C 54 0.77 36.19 28.74
CA GLY C 54 1.12 36.64 27.40
C GLY C 54 2.21 35.83 26.72
N PHE C 55 2.35 34.55 27.10
CA PHE C 55 3.36 33.68 26.50
C PHE C 55 2.97 33.26 25.08
N ASP C 56 3.92 32.66 24.37
CA ASP C 56 3.79 32.40 22.94
C ASP C 56 3.23 31.04 22.66
N GLY C 57 3.40 30.10 23.58
CA GLY C 57 2.96 28.74 23.32
C GLY C 57 2.95 27.88 24.57
N VAL C 58 2.41 26.68 24.38
CA VAL C 58 2.37 25.65 25.41
CA VAL C 58 2.38 25.64 25.41
C VAL C 58 2.81 24.31 24.79
N VAL C 59 3.41 23.43 25.60
CA VAL C 59 3.85 22.10 25.13
C VAL C 59 3.05 21.04 25.86
N PHE C 60 2.26 20.24 25.12
CA PHE C 60 1.46 19.17 25.71
C PHE C 60 1.80 17.84 25.03
N GLN C 61 1.72 16.74 25.79
CA GLN C 61 1.64 15.40 25.20
C GLN C 61 0.24 15.26 24.58
N ARG C 62 0.07 14.29 23.69
CA ARG C 62 -1.21 14.08 22.98
C ARG C 62 -2.45 13.93 23.89
N GLY C 63 -2.31 13.27 25.03
CA GLY C 63 -3.47 12.99 25.89
C GLY C 63 -4.00 14.30 26.47
N ILE C 64 -3.06 15.17 26.87
CA ILE C 64 -3.41 16.47 27.46
C ILE C 64 -4.03 17.36 26.40
N ALA C 65 -3.43 17.38 25.22
CA ALA C 65 -3.93 18.18 24.11
C ALA C 65 -5.34 17.72 23.76
N GLU C 66 -5.53 16.40 23.63
CA GLU C 66 -6.85 15.88 23.24
C GLU C 66 -7.96 16.25 24.24
N LYS C 67 -7.67 16.08 25.53
CA LYS C 67 -8.67 16.32 26.57
C LYS C 67 -8.82 17.79 26.98
N TYR C 68 -7.78 18.59 26.76
CA TYR C 68 -7.75 19.96 27.31
C TYR C 68 -7.47 21.11 26.36
N TYR C 69 -6.82 20.88 25.19
CA TYR C 69 -6.42 22.01 24.34
C TYR C 69 -7.64 22.72 23.73
N ASP C 70 -7.70 24.04 23.85
CA ASP C 70 -8.88 24.82 23.45
C ASP C 70 -8.60 25.90 22.39
N GLY C 71 -7.40 25.86 21.81
CA GLY C 71 -7.01 26.82 20.75
C GLY C 71 -6.58 28.21 21.21
N SER C 72 -6.51 28.43 22.52
CA SER C 72 -6.27 29.77 23.11
C SER C 72 -4.82 30.28 23.08
N VAL C 73 -3.88 29.35 22.95
CA VAL C 73 -2.43 29.61 22.92
CA VAL C 73 -2.45 29.66 22.86
C VAL C 73 -1.83 28.66 21.86
N PRO C 74 -0.81 29.11 21.06
CA PRO C 74 -0.30 28.11 20.11
C PRO C 74 0.31 26.85 20.77
N LEU C 75 0.16 25.71 20.10
CA LEU C 75 0.46 24.41 20.72
C LEU C 75 1.62 23.74 20.02
N ILE C 76 2.59 23.32 20.82
CA ILE C 76 3.64 22.42 20.36
C ILE C 76 3.27 21.06 20.91
N LEU C 77 3.00 20.09 20.03
CA LEU C 77 2.67 18.73 20.45
C LEU C 77 3.95 17.91 20.61
N LYS C 78 4.26 17.55 21.85
CA LYS C 78 5.44 16.76 22.16
C LYS C 78 5.14 15.31 21.84
N LEU C 79 5.79 14.76 20.82
CA LEU C 79 5.35 13.48 20.24
C LEU C 79 5.80 12.26 21.02
N ASN C 80 6.99 12.33 21.64
CA ASN C 80 7.57 11.22 22.41
C ASN C 80 7.64 11.53 23.89
N GLY C 81 7.69 10.48 24.69
CA GLY C 81 7.74 10.66 26.15
C GLY C 81 8.29 9.40 26.77
N LYS C 82 9.05 9.57 27.85
CA LYS C 82 9.52 8.44 28.66
C LYS C 82 9.28 8.76 30.13
N THR C 83 9.48 7.78 31.01
CA THR C 83 9.35 8.03 32.45
C THR C 83 10.69 8.01 33.22
N THR C 84 10.71 8.63 34.40
CA THR C 84 11.87 8.56 35.27
C THR C 84 11.98 7.20 35.97
N LEU C 85 10.94 6.37 35.90
CA LEU C 85 10.95 5.04 36.53
C LEU C 85 11.86 4.07 35.78
N TYR C 86 12.04 4.38 34.52
CA TYR C 86 12.81 3.57 33.58
C TYR C 86 14.29 3.61 33.92
N ASN C 87 14.92 2.44 33.95
CA ASN C 87 16.38 2.27 34.16
C ASN C 87 17.31 1.99 32.95
N GLY C 88 16.82 1.65 31.76
CA GLY C 88 17.85 1.37 30.71
C GLY C 88 18.64 2.56 30.11
N GLU C 89 19.35 2.31 29.00
CA GLU C 89 19.91 3.39 28.19
C GLU C 89 18.71 4.28 27.75
N PRO C 90 18.84 5.60 27.88
CA PRO C 90 17.77 6.57 27.66
C PRO C 90 17.16 6.46 26.27
N VAL C 91 15.83 6.40 26.21
CA VAL C 91 15.13 6.29 24.93
C VAL C 91 13.71 6.74 25.16
N SER C 92 13.20 7.50 24.20
CA SER C 92 11.85 8.05 24.28
C SER C 92 11.22 7.88 22.90
N VAL C 93 10.17 7.06 22.83
CA VAL C 93 9.54 6.79 21.54
C VAL C 93 8.24 7.58 21.33
N ALA C 94 7.92 7.87 20.06
CA ALA C 94 6.70 8.60 19.72
C ALA C 94 5.49 7.82 20.18
N ASN C 95 4.59 8.52 20.85
CA ASN C 95 3.27 7.93 21.20
C ASN C 95 2.15 8.56 20.35
N CYS C 96 2.59 9.41 19.42
CA CYS C 96 1.68 10.19 18.61
C CYS C 96 2.36 10.46 17.23
N SER C 97 1.55 10.51 16.18
CA SER C 97 2.04 10.85 14.83
C SER C 97 1.92 12.34 14.52
N VAL C 98 2.68 12.83 13.54
CA VAL C 98 2.53 14.21 13.10
C VAL C 98 1.11 14.44 12.56
N GLU C 99 0.59 13.50 11.78
CA GLU C 99 -0.77 13.66 11.26
C GLU C 99 -1.81 13.84 12.39
N GLU C 100 -1.69 13.02 13.44
CA GLU C 100 -2.57 13.15 14.60
C GLU C 100 -2.40 14.50 15.32
N ALA C 101 -1.16 14.97 15.41
CA ALA C 101 -0.87 16.26 16.05
C ALA C 101 -1.56 17.40 15.31
N VAL C 102 -1.49 17.39 13.96
CA VAL C 102 -2.22 18.33 13.13
C VAL C 102 -3.71 18.30 13.52
N SER C 103 -4.31 17.11 13.63
CA SER C 103 -5.72 17.00 14.01
C SER C 103 -6.04 17.53 15.43
N LEU C 104 -5.04 17.48 16.31
CA LEU C 104 -5.17 17.98 17.69
C LEU C 104 -5.01 19.49 17.81
N GLY C 105 -4.71 20.16 16.70
CA GLY C 105 -4.61 21.62 16.67
C GLY C 105 -3.18 22.15 16.86
N ALA C 106 -2.17 21.29 16.73
CA ALA C 106 -0.77 21.69 16.93
C ALA C 106 -0.27 22.68 15.88
N SER C 107 0.54 23.64 16.30
CA SER C 107 1.25 24.53 15.34
C SER C 107 2.71 24.13 15.12
N ALA C 108 3.21 23.21 15.94
CA ALA C 108 4.55 22.63 15.80
C ALA C 108 4.54 21.27 16.48
N VAL C 109 5.55 20.45 16.20
CA VAL C 109 5.70 19.16 16.90
C VAL C 109 7.06 19.14 17.58
N GLY C 110 7.14 18.39 18.67
CA GLY C 110 8.38 18.33 19.45
C GLY C 110 8.84 16.90 19.61
N TYR C 111 10.16 16.69 19.71
CA TYR C 111 10.68 15.35 19.90
C TYR C 111 12.02 15.46 20.61
N THR C 112 12.20 14.63 21.63
CA THR C 112 13.47 14.53 22.34
C THR C 112 14.41 13.46 21.75
N ILE C 113 15.66 13.83 21.54
CA ILE C 113 16.73 12.85 21.29
C ILE C 113 17.71 12.87 22.45
N TYR C 114 18.33 11.71 22.70
CA TYR C 114 19.41 11.57 23.70
C TYR C 114 20.71 11.13 23.01
N PRO C 115 21.38 12.04 22.29
CA PRO C 115 22.67 11.67 21.68
C PRO C 115 23.59 10.97 22.71
N GLY C 116 24.30 9.92 22.29
CA GLY C 116 25.21 9.16 23.19
C GLY C 116 24.55 7.91 23.76
N SER C 117 23.23 7.90 23.90
CA SER C 117 22.52 6.75 24.45
C SER C 117 22.87 5.49 23.61
N GLY C 118 22.90 4.33 24.25
CA GLY C 118 22.95 3.05 23.53
C GLY C 118 21.80 2.94 22.49
N PHE C 119 20.71 3.68 22.72
CA PHE C 119 19.58 3.76 21.76
C PHE C 119 19.61 5.00 20.88
N GLU C 120 20.75 5.67 20.73
CA GLU C 120 20.72 6.88 19.86
C GLU C 120 20.21 6.54 18.44
N TRP C 121 20.59 5.38 17.91
CA TRP C 121 20.16 4.89 16.58
C TRP C 121 18.63 4.79 16.46
N LYS C 122 17.98 4.33 17.53
CA LYS C 122 16.54 4.15 17.52
C LYS C 122 15.82 5.49 17.44
N MET C 123 16.29 6.49 18.16
CA MET C 123 15.70 7.81 18.13
C MET C 123 16.04 8.56 16.84
N PHE C 124 17.24 8.34 16.31
CA PHE C 124 17.60 9.00 15.05
C PHE C 124 16.75 8.44 13.89
N GLU C 125 16.54 7.13 13.89
CA GLU C 125 15.65 6.44 12.94
C GLU C 125 14.23 7.00 12.95
N GLU C 126 13.68 7.10 14.15
CA GLU C 126 12.31 7.58 14.29
C GLU C 126 12.20 9.07 13.98
N LEU C 127 13.18 9.86 14.43
CA LEU C 127 13.19 11.27 14.10
C LEU C 127 13.16 11.50 12.60
N ALA C 128 13.88 10.67 11.83
CA ALA C 128 13.86 10.83 10.37
C ALA C 128 12.44 10.75 9.80
N ARG C 129 11.64 9.85 10.37
CA ARG C 129 10.24 9.65 9.89
C ARG C 129 9.39 10.87 10.24
N ILE C 130 9.56 11.35 11.46
CA ILE C 130 8.87 12.52 11.99
C ILE C 130 9.24 13.79 11.22
N LYS C 131 10.54 13.96 10.93
CA LYS C 131 11.02 15.08 10.15
C LYS C 131 10.33 15.08 8.78
N ARG C 132 10.32 13.92 8.12
CA ARG C 132 9.68 13.77 6.81
C ARG C 132 8.20 14.21 6.87
N ASP C 133 7.50 13.75 7.90
CA ASP C 133 6.07 14.11 8.12
C ASP C 133 5.88 15.57 8.48
N ALA C 134 6.80 16.13 9.27
CA ALA C 134 6.75 17.57 9.63
C ALA C 134 6.80 18.44 8.35
N VAL C 135 7.72 18.12 7.44
CA VAL C 135 7.78 18.80 6.13
C VAL C 135 6.47 18.60 5.36
N LYS C 136 5.99 17.36 5.35
CA LYS C 136 4.79 17.01 4.57
C LYS C 136 3.57 17.80 5.05
N PHE C 137 3.45 17.93 6.38
CA PHE C 137 2.29 18.61 6.96
C PHE C 137 2.51 20.10 7.25
N ASP C 138 3.71 20.58 6.90
CA ASP C 138 4.13 21.99 7.08
C ASP C 138 4.07 22.45 8.56
N LEU C 139 4.48 21.56 9.46
CA LEU C 139 4.52 21.84 10.90
C LEU C 139 6.00 21.93 11.31
N PRO C 140 6.46 23.08 11.85
CA PRO C 140 7.84 23.18 12.33
C PRO C 140 8.21 22.04 13.31
N LEU C 141 9.44 21.53 13.21
CA LEU C 141 9.91 20.45 14.09
C LEU C 141 10.83 21.03 15.16
N VAL C 142 10.44 20.88 16.43
CA VAL C 142 11.25 21.42 17.52
C VAL C 142 11.93 20.22 18.19
N VAL C 143 13.26 20.23 18.27
CA VAL C 143 13.94 19.06 18.86
C VAL C 143 14.51 19.47 20.22
N TRP C 144 14.16 18.70 21.24
CA TRP C 144 14.80 18.75 22.55
C TRP C 144 16.06 17.90 22.41
N SER C 145 17.22 18.54 22.42
CA SER C 145 18.46 17.79 22.21
C SER C 145 19.22 17.66 23.54
N PHE C 146 19.06 16.48 24.16
CA PHE C 146 19.51 16.23 25.53
C PHE C 146 20.48 15.03 25.56
N PRO C 147 21.77 15.28 25.27
CA PRO C 147 22.68 14.16 25.35
C PRO C 147 22.68 13.51 26.75
N ARG C 148 22.78 12.17 26.75
CA ARG C 148 22.51 11.35 27.94
C ARG C 148 22.80 9.88 27.61
N GLY C 149 23.41 9.18 28.56
CA GLY C 149 23.86 7.82 28.34
C GLY C 149 25.22 7.81 27.65
N GLY C 150 25.70 6.62 27.30
CA GLY C 150 27.01 6.51 26.63
C GLY C 150 28.10 7.24 27.42
N LYS C 151 28.89 8.04 26.72
CA LYS C 151 30.03 8.72 27.34
C LYS C 151 29.66 10.08 27.99
N VAL C 152 28.37 10.38 28.08
CA VAL C 152 27.94 11.67 28.63
C VAL C 152 28.02 11.62 30.16
N VAL C 153 28.91 12.42 30.75
CA VAL C 153 29.09 12.44 32.20
C VAL C 153 28.43 13.68 32.83
N ASN C 154 28.52 14.82 32.15
CA ASN C 154 28.00 16.08 32.67
C ASN C 154 27.18 16.74 31.56
N GLU C 155 25.86 16.69 31.69
CA GLU C 155 24.97 17.19 30.61
C GLU C 155 25.03 18.70 30.39
N THR C 156 25.53 19.44 31.37
CA THR C 156 25.61 20.89 31.21
C THR C 156 27.03 21.40 30.94
N ALA C 157 27.98 20.47 30.71
CA ALA C 157 29.33 20.83 30.25
C ALA C 157 29.23 21.62 28.94
N PRO C 158 30.05 22.68 28.81
CA PRO C 158 30.05 23.55 27.62
C PRO C 158 30.09 22.74 26.29
N GLU C 159 31.01 21.76 26.20
CA GLU C 159 31.17 21.02 24.95
C GLU C 159 29.97 20.06 24.68
N ILE C 160 29.29 19.61 25.74
CA ILE C 160 28.12 18.73 25.60
C ILE C 160 26.92 19.51 25.07
N VAL C 161 26.70 20.68 25.66
CA VAL C 161 25.61 21.52 25.19
C VAL C 161 25.83 22.00 23.76
N ALA C 162 27.06 22.40 23.43
CA ALA C 162 27.35 22.80 22.04
C ALA C 162 27.09 21.63 21.07
N TYR C 163 27.54 20.43 21.45
CA TYR C 163 27.29 19.20 20.67
C TYR C 163 25.77 18.95 20.47
N ALA C 164 25.00 19.06 21.57
CA ALA C 164 23.53 18.97 21.51
C ALA C 164 22.92 19.93 20.48
N ALA C 165 23.40 21.18 20.49
CA ALA C 165 22.93 22.21 19.54
C ALA C 165 23.30 21.85 18.08
N ARG C 166 24.56 21.46 17.84
CA ARG C 166 24.97 21.12 16.47
C ARG C 166 24.16 19.93 15.91
N ILE C 167 23.98 18.91 16.75
CA ILE C 167 23.25 17.70 16.35
C ILE C 167 21.82 18.04 15.94
N ALA C 168 21.12 18.86 16.74
CA ALA C 168 19.78 19.30 16.34
C ALA C 168 19.78 20.00 14.97
N LEU C 169 20.75 20.90 14.72
CA LEU C 169 20.84 21.51 13.38
C LEU C 169 21.07 20.45 12.25
N GLU C 170 22.07 19.59 12.42
CA GLU C 170 22.42 18.55 11.43
C GLU C 170 21.24 17.64 11.09
N LEU C 171 20.41 17.29 12.08
CA LEU C 171 19.30 16.33 11.88
C LEU C 171 18.05 16.95 11.30
N GLY C 172 18.01 18.28 11.19
CA GLY C 172 16.99 18.97 10.44
C GLY C 172 15.89 19.66 11.26
N SER C 173 16.17 19.92 12.54
CA SER C 173 15.24 20.68 13.41
C SER C 173 15.04 22.08 12.88
N ASP C 174 13.83 22.62 13.05
CA ASP C 174 13.54 24.02 12.68
C ASP C 174 13.68 25.01 13.86
N ALA C 175 13.73 24.45 15.07
CA ALA C 175 14.00 25.15 16.31
C ALA C 175 14.44 24.05 17.31
N MET C 176 15.12 24.42 18.37
CA MET C 176 15.61 23.43 19.31
C MET C 176 15.58 23.94 20.75
N LYS C 177 15.58 22.98 21.69
CA LYS C 177 15.58 23.24 23.11
C LYS C 177 16.79 22.50 23.66
N ILE C 178 17.66 23.20 24.39
CA ILE C 178 18.86 22.60 24.95
C ILE C 178 19.04 23.14 26.38
N LYS C 179 19.80 22.41 27.17
CA LYS C 179 20.11 22.81 28.55
C LYS C 179 21.12 23.95 28.62
N TYR C 180 21.01 24.78 29.67
CA TYR C 180 21.90 25.88 29.87
C TYR C 180 23.21 25.43 30.55
N THR C 181 24.32 26.01 30.09
CA THR C 181 25.65 25.73 30.63
C THR C 181 25.93 26.47 31.93
N GLY C 182 25.10 27.46 32.28
CA GLY C 182 25.32 28.22 33.51
C GLY C 182 25.95 29.59 33.29
N ASP C 183 26.45 29.84 32.08
CA ASP C 183 27.00 31.16 31.78
C ASP C 183 26.83 31.54 30.31
N PRO C 184 26.80 32.85 30.03
CA PRO C 184 26.54 33.31 28.67
C PRO C 184 27.67 33.05 27.67
N LYS C 185 28.93 33.13 28.10
CA LYS C 185 30.06 32.94 27.18
C LYS C 185 30.03 31.53 26.53
N THR C 186 30.01 30.48 27.34
CA THR C 186 29.93 29.13 26.78
C THR C 186 28.60 28.87 26.11
N PHE C 187 27.52 29.49 26.60
CA PHE C 187 26.21 29.29 25.95
C PHE C 187 26.15 29.88 24.55
N SER C 188 26.85 31.00 24.35
CA SER C 188 26.86 31.64 23.05
C SER C 188 27.57 30.79 21.96
N TRP C 189 28.51 29.91 22.37
CA TRP C 189 29.12 28.94 21.45
C TRP C 189 28.06 27.95 20.94
N ALA C 190 27.23 27.45 21.85
CA ALA C 190 26.13 26.59 21.46
C ALA C 190 25.14 27.28 20.49
N VAL C 191 24.84 28.56 20.76
CA VAL C 191 23.97 29.35 19.87
C VAL C 191 24.60 29.54 18.48
N LYS C 192 25.89 29.86 18.45
CA LYS C 192 26.60 30.05 17.21
C LYS C 192 26.58 28.77 16.34
N VAL C 193 26.90 27.62 16.93
CA VAL C 193 27.00 26.40 16.13
C VAL C 193 25.61 25.92 15.65
N ALA C 194 24.54 26.39 16.31
CA ALA C 194 23.17 26.12 15.84
C ALA C 194 22.83 26.92 14.56
N GLY C 195 23.67 27.89 14.23
CA GLY C 195 23.51 28.70 13.01
C GLY C 195 22.14 29.36 12.87
N LYS C 196 21.48 29.07 11.74
CA LYS C 196 20.16 29.61 11.39
C LYS C 196 18.98 29.05 12.21
N VAL C 197 19.22 28.02 13.02
CA VAL C 197 18.14 27.44 13.81
C VAL C 197 18.06 28.07 15.21
N PRO C 198 16.90 28.64 15.57
CA PRO C 198 16.82 29.34 16.86
C PRO C 198 16.89 28.37 18.04
N VAL C 199 17.49 28.83 19.14
CA VAL C 199 17.72 28.06 20.36
C VAL C 199 16.85 28.56 21.52
N LEU C 200 16.17 27.61 22.18
CA LEU C 200 15.42 27.88 23.41
C LEU C 200 16.13 27.21 24.57
N MET C 201 16.26 27.93 25.68
CA MET C 201 16.84 27.34 26.86
C MET C 201 15.78 26.55 27.58
N SER C 202 16.14 25.33 27.97
CA SER C 202 15.37 24.51 28.90
C SER C 202 15.44 25.14 30.32
N GLY C 203 14.30 25.41 30.92
CA GLY C 203 14.27 26.12 32.22
C GLY C 203 14.99 25.39 33.34
N GLY C 204 14.88 24.06 33.37
CA GLY C 204 15.56 23.20 34.36
C GLY C 204 14.88 23.19 35.74
N PRO C 205 15.50 22.52 36.74
CA PRO C 205 14.91 22.44 38.09
C PRO C 205 14.63 23.84 38.65
N LYS C 206 13.60 23.97 39.47
CA LYS C 206 13.23 25.25 40.04
C LYS C 206 14.40 25.80 40.86
N THR C 207 14.74 27.07 40.63
CA THR C 207 15.93 27.68 41.22
C THR C 207 15.68 28.05 42.69
N LYS C 208 16.77 28.27 43.44
CA LYS C 208 16.65 28.62 44.85
C LYS C 208 15.89 29.95 45.05
N THR C 209 16.10 30.91 44.16
CA THR C 209 15.36 32.18 44.20
C THR C 209 14.86 32.56 42.81
N GLU C 210 13.77 33.30 42.77
CA GLU C 210 13.29 33.92 41.52
C GLU C 210 14.38 34.73 40.80
N GLU C 211 15.22 35.42 41.58
CA GLU C 211 16.37 36.15 41.04
C GLU C 211 17.40 35.28 40.31
N ASP C 212 17.68 34.08 40.84
CA ASP C 212 18.63 33.17 40.20
C ASP C 212 18.16 32.87 38.77
N PHE C 213 16.88 32.54 38.63
CA PHE C 213 16.32 32.25 37.32
C PHE C 213 16.37 33.46 36.37
N LEU C 214 15.91 34.62 36.85
CA LEU C 214 15.96 35.85 36.05
C LEU C 214 17.38 36.06 35.48
N LYS C 215 18.38 35.84 36.32
CA LYS C 215 19.79 35.99 35.92
C LYS C 215 20.21 34.98 34.88
N GLN C 216 19.71 33.74 34.99
CA GLN C 216 19.98 32.76 33.96
C GLN C 216 19.36 33.19 32.64
N VAL C 217 18.13 33.69 32.69
CA VAL C 217 17.40 34.11 31.49
C VAL C 217 18.09 35.30 30.81
N GLU C 218 18.58 36.24 31.61
CA GLU C 218 19.41 37.33 31.13
C GLU C 218 20.64 36.84 30.36
N GLY C 219 21.30 35.81 30.89
CA GLY C 219 22.47 35.19 30.23
C GLY C 219 22.12 34.56 28.88
N VAL C 220 21.03 33.79 28.88
CA VAL C 220 20.51 33.15 27.68
C VAL C 220 20.29 34.20 26.58
N LEU C 221 19.67 35.32 26.95
CA LEU C 221 19.39 36.39 25.98
C LEU C 221 20.68 37.03 25.46
N GLU C 222 21.63 37.32 26.36
CA GLU C 222 22.95 37.87 26.00
C GLU C 222 23.72 36.99 25.03
N ALA C 223 23.59 35.68 25.20
CA ALA C 223 24.18 34.66 24.32
C ALA C 223 23.55 34.63 22.92
N GLY C 224 22.43 35.33 22.72
CA GLY C 224 21.75 35.35 21.41
C GLY C 224 20.68 34.27 21.19
N ALA C 225 20.27 33.59 22.25
CA ALA C 225 19.18 32.61 22.16
C ALA C 225 17.85 33.30 21.89
N LEU C 226 16.94 32.55 21.28
CA LEU C 226 15.61 33.05 21.01
C LEU C 226 14.76 33.33 22.28
N GLY C 227 14.97 32.52 23.32
CA GLY C 227 14.16 32.64 24.53
C GLY C 227 14.18 31.36 25.34
N ILE C 228 13.05 31.01 25.96
CA ILE C 228 13.06 29.94 26.97
C ILE C 228 11.87 29.01 26.78
N ALA C 229 12.04 27.76 27.14
CA ALA C 229 10.95 26.80 27.20
C ALA C 229 10.95 26.37 28.64
N VAL C 230 10.01 26.94 29.40
CA VAL C 230 10.08 26.91 30.87
C VAL C 230 8.85 26.19 31.43
N GLY C 231 9.08 25.28 32.39
CA GLY C 231 8.00 24.58 33.07
C GLY C 231 8.03 24.90 34.54
N ARG C 232 8.86 24.14 35.26
CA ARG C 232 8.95 24.23 36.74
C ARG C 232 9.19 25.64 37.28
N ASN C 233 10.11 26.37 36.66
CA ASN C 233 10.41 27.72 37.18
C ASN C 233 9.26 28.73 37.07
N VAL C 234 8.22 28.38 36.32
CA VAL C 234 6.94 29.10 36.41
C VAL C 234 5.92 28.38 37.33
N TRP C 235 5.42 27.23 36.90
CA TRP C 235 4.26 26.62 37.54
C TRP C 235 4.50 25.84 38.84
N GLN C 236 5.77 25.63 39.20
CA GLN C 236 6.10 25.15 40.56
C GLN C 236 6.02 26.25 41.63
N ARG C 237 5.89 27.51 41.20
CA ARG C 237 5.82 28.64 42.11
C ARG C 237 4.38 29.00 42.49
N ARG C 238 4.19 29.36 43.76
CA ARG C 238 2.86 29.68 44.29
C ARG C 238 2.43 31.06 43.76
N ASP C 239 3.40 31.89 43.41
CA ASP C 239 3.14 33.16 42.72
C ASP C 239 3.39 32.98 41.21
N ALA C 240 2.87 31.88 40.64
CA ALA C 240 3.16 31.52 39.23
C ALA C 240 2.89 32.65 38.24
N LEU C 241 1.69 33.20 38.28
CA LEU C 241 1.29 34.32 37.42
C LEU C 241 2.19 35.57 37.54
N LYS C 242 2.41 36.05 38.78
CA LYS C 242 3.27 37.22 39.02
C LYS C 242 4.66 37.06 38.38
N PHE C 243 5.36 35.96 38.72
CA PHE C 243 6.68 35.67 38.16
C PHE C 243 6.72 35.46 36.62
N ALA C 244 5.68 34.81 36.09
CA ALA C 244 5.52 34.68 34.65
C ALA C 244 5.43 36.06 33.98
N ARG C 245 4.74 37.02 34.62
CA ARG C 245 4.65 38.37 34.10
C ARG C 245 6.00 39.09 34.14
N ALA C 246 6.76 38.92 35.22
CA ALA C 246 8.13 39.43 35.28
C ALA C 246 9.04 38.79 34.24
N LEU C 247 8.73 37.57 33.80
CA LEU C 247 9.51 36.94 32.74
C LEU C 247 9.19 37.52 31.36
N ALA C 248 7.89 37.67 31.08
CA ALA C 248 7.40 38.43 29.93
C ALA C 248 8.07 39.82 29.85
N GLU C 249 8.02 40.57 30.95
CA GLU C 249 8.72 41.86 31.05
C GLU C 249 10.19 41.77 30.60
N LEU C 250 10.94 40.84 31.17
CA LEU C 250 12.36 40.68 30.84
C LEU C 250 12.62 40.28 29.39
N VAL C 251 11.88 39.26 28.92
CA VAL C 251 12.14 38.65 27.61
C VAL C 251 11.55 39.52 26.48
N TYR C 252 10.35 40.05 26.68
CA TYR C 252 9.74 40.95 25.70
C TYR C 252 10.01 42.40 26.08
N ASN D 3 -16.02 12.36 21.50
CA ASN D 3 -15.50 12.21 22.89
C ASN D 3 -15.71 10.77 23.34
N LEU D 4 -14.62 10.02 23.30
CA LEU D 4 -14.67 8.60 23.62
C LEU D 4 -14.83 8.34 25.13
N THR D 5 -14.41 9.28 25.99
CA THR D 5 -14.71 9.14 27.43
C THR D 5 -16.21 9.17 27.67
N GLU D 6 -16.88 10.10 27.00
CA GLU D 6 -18.33 10.25 27.11
C GLU D 6 -19.02 8.96 26.63
N LYS D 7 -18.56 8.43 25.49
CA LYS D 7 -19.04 7.15 24.99
C LYS D 7 -18.82 6.01 26.01
N PHE D 8 -17.62 5.95 26.56
CA PHE D 8 -17.32 4.96 27.61
C PHE D 8 -18.30 5.05 28.80
N LEU D 9 -18.55 6.28 29.27
CA LEU D 9 -19.48 6.51 30.38
C LEU D 9 -20.91 6.11 30.02
N ARG D 10 -21.34 6.41 28.79
CA ARG D 10 -22.69 6.04 28.37
CA ARG D 10 -22.69 6.03 28.35
C ARG D 10 -22.90 4.52 28.38
N ILE D 11 -21.88 3.77 27.96
CA ILE D 11 -21.99 2.32 27.80
C ILE D 11 -21.70 1.56 29.10
N PHE D 12 -20.67 1.99 29.81
CA PHE D 12 -20.15 1.26 30.98
C PHE D 12 -20.43 1.87 32.34
N ALA D 13 -21.02 3.07 32.35
CA ALA D 13 -21.41 3.68 33.62
C ALA D 13 -22.72 4.44 33.54
N ARG D 14 -23.73 3.79 32.98
CA ARG D 14 -25.04 4.44 32.83
C ARG D 14 -25.63 4.88 34.19
N ARG D 15 -25.26 4.21 35.27
CA ARG D 15 -25.79 4.57 36.60
C ARG D 15 -24.94 5.61 37.33
N GLY D 16 -23.87 6.09 36.70
CA GLY D 16 -23.00 7.11 37.32
C GLY D 16 -21.72 6.51 37.88
N LYS D 17 -21.74 5.18 38.05
CA LYS D 17 -20.62 4.40 38.60
C LYS D 17 -20.54 3.09 37.81
N SER D 18 -19.42 2.39 37.91
CA SER D 18 -19.15 1.27 37.02
C SER D 18 -18.57 0.07 37.75
N ILE D 19 -19.09 -1.12 37.44
CA ILE D 19 -18.41 -2.36 37.82
C ILE D 19 -18.16 -3.16 36.56
N ILE D 20 -16.90 -3.50 36.34
CA ILE D 20 -16.49 -4.35 35.22
C ILE D 20 -15.99 -5.67 35.74
N LEU D 21 -16.45 -6.78 35.16
CA LEU D 21 -15.98 -8.11 35.55
C LEU D 21 -14.77 -8.52 34.68
N ALA D 22 -13.61 -8.53 35.31
CA ALA D 22 -12.35 -8.76 34.60
C ALA D 22 -12.08 -10.26 34.51
N TYR D 23 -11.65 -10.73 33.34
CA TYR D 23 -11.46 -12.17 33.09
C TYR D 23 -10.36 -12.40 32.02
N ASP D 24 -9.32 -11.58 32.05
CA ASP D 24 -8.08 -11.87 31.35
C ASP D 24 -7.10 -12.80 32.09
N HIS D 25 -7.49 -13.33 33.24
CA HIS D 25 -6.60 -14.08 34.15
C HIS D 25 -6.08 -15.39 33.55
N GLY D 26 -6.88 -16.02 32.69
CA GLY D 26 -6.46 -17.32 32.11
C GLY D 26 -5.12 -17.21 31.37
N ILE D 27 -4.83 -16.07 30.74
CA ILE D 27 -3.47 -15.82 30.21
C ILE D 27 -2.50 -15.17 31.23
N GLU D 28 -2.97 -14.17 31.96
CA GLU D 28 -2.09 -13.44 32.89
C GLU D 28 -1.56 -14.32 34.01
N HIS D 29 -2.41 -15.14 34.62
CA HIS D 29 -2.00 -15.92 35.78
C HIS D 29 -2.13 -17.41 35.49
N GLY D 30 -2.95 -17.76 34.51
CA GLY D 30 -3.15 -19.18 34.20
C GLY D 30 -4.30 -19.69 35.08
N PRO D 31 -4.67 -20.97 34.92
CA PRO D 31 -5.85 -21.54 35.55
C PRO D 31 -5.75 -21.88 37.05
N ALA D 32 -4.59 -21.72 37.68
CA ALA D 32 -4.54 -21.89 39.14
C ALA D 32 -5.58 -20.98 39.86
N ASP D 33 -5.74 -19.75 39.35
CA ASP D 33 -6.80 -18.77 39.74
C ASP D 33 -8.19 -19.46 39.82
N PHE D 34 -8.43 -20.49 38.98
CA PHE D 34 -9.78 -21.09 38.82
C PHE D 34 -10.09 -22.25 39.76
N MET D 35 -9.09 -22.74 40.47
CA MET D 35 -9.29 -23.92 41.33
C MET D 35 -10.15 -23.71 42.59
N ASP D 36 -10.03 -22.53 43.18
CA ASP D 36 -10.86 -22.17 44.36
C ASP D 36 -12.37 -22.32 44.06
N ASN D 37 -12.80 -21.92 42.86
CA ASN D 37 -14.20 -21.99 42.44
C ASN D 37 -14.25 -22.43 40.97
N PRO D 38 -14.23 -23.75 40.72
CA PRO D 38 -14.02 -24.36 39.38
C PRO D 38 -14.91 -23.83 38.24
N ASP D 39 -16.15 -23.48 38.55
CA ASP D 39 -17.03 -22.87 37.53
C ASP D 39 -16.40 -21.65 36.86
N SER D 40 -15.55 -20.95 37.61
CA SER D 40 -14.83 -19.78 37.08
C SER D 40 -13.96 -20.05 35.84
N ALA D 41 -13.65 -21.31 35.56
CA ALA D 41 -12.88 -21.68 34.36
C ALA D 41 -13.73 -21.64 33.08
N ASP D 42 -15.04 -21.62 33.26
CA ASP D 42 -16.03 -21.55 32.19
C ASP D 42 -16.41 -20.10 31.86
N PRO D 43 -15.98 -19.59 30.66
CA PRO D 43 -16.38 -18.25 30.29
C PRO D 43 -17.92 -18.01 30.30
N GLU D 44 -18.71 -19.04 30.02
CA GLU D 44 -20.16 -18.91 30.01
C GLU D 44 -20.69 -18.60 31.41
N TYR D 45 -20.10 -19.21 32.43
CA TYR D 45 -20.46 -18.93 33.82
C TYR D 45 -20.14 -17.47 34.19
N ILE D 46 -18.96 -17.00 33.79
CA ILE D 46 -18.58 -15.59 33.89
C ILE D 46 -19.60 -14.59 33.25
N LEU D 47 -20.00 -14.84 32.00
CA LEU D 47 -21.04 -14.02 31.34
C LEU D 47 -22.37 -14.00 32.11
N ARG D 48 -22.80 -15.17 32.60
CA ARG D 48 -24.01 -15.26 33.41
C ARG D 48 -23.92 -14.47 34.71
N LEU D 49 -22.76 -14.54 35.35
CA LEU D 49 -22.45 -13.82 36.57
C LEU D 49 -22.52 -12.29 36.37
N ALA D 50 -21.84 -11.77 35.37
CA ALA D 50 -21.93 -10.33 35.02
C ALA D 50 -23.35 -9.86 34.80
N ARG D 51 -24.12 -10.64 34.06
CA ARG D 51 -25.52 -10.33 33.73
C ARG D 51 -26.43 -10.39 34.93
N ASP D 52 -26.30 -11.47 35.70
CA ASP D 52 -27.14 -11.75 36.87
C ASP D 52 -26.87 -10.80 38.02
N ALA D 53 -25.66 -10.27 38.11
CA ALA D 53 -25.34 -9.26 39.12
C ALA D 53 -25.66 -7.84 38.64
N GLY D 54 -25.99 -7.70 37.34
CA GLY D 54 -26.30 -6.39 36.75
C GLY D 54 -25.07 -5.49 36.58
N PHE D 55 -23.92 -6.09 36.29
CA PHE D 55 -22.67 -5.34 36.13
C PHE D 55 -22.65 -4.66 34.76
N ASP D 56 -21.75 -3.70 34.59
CA ASP D 56 -21.66 -2.92 33.34
C ASP D 56 -20.90 -3.53 32.15
N GLY D 57 -19.95 -4.44 32.40
CA GLY D 57 -19.13 -4.97 31.31
C GLY D 57 -18.33 -6.19 31.75
N VAL D 58 -17.70 -6.86 30.77
CA VAL D 58 -16.72 -7.93 30.99
C VAL D 58 -15.46 -7.63 30.16
N VAL D 59 -14.34 -8.19 30.60
CA VAL D 59 -13.06 -8.03 29.92
C VAL D 59 -12.59 -9.40 29.51
N PHE D 60 -12.42 -9.61 28.19
CA PHE D 60 -11.97 -10.88 27.62
C PHE D 60 -10.80 -10.63 26.67
N GLN D 61 -9.84 -11.57 26.64
CA GLN D 61 -8.90 -11.70 25.52
C GLN D 61 -9.66 -12.15 24.25
N ARG D 62 -9.03 -11.98 23.08
CA ARG D 62 -9.68 -12.30 21.79
C ARG D 62 -10.21 -13.74 21.65
N GLY D 63 -9.50 -14.73 22.19
CA GLY D 63 -9.88 -16.14 22.01
C GLY D 63 -11.16 -16.47 22.78
N ILE D 64 -11.25 -15.93 24.00
CA ILE D 64 -12.45 -16.04 24.81
C ILE D 64 -13.63 -15.29 24.18
N ALA D 65 -13.40 -14.06 23.71
CA ALA D 65 -14.47 -13.33 23.01
C ALA D 65 -14.98 -14.07 21.76
N GLU D 66 -14.04 -14.58 20.96
CA GLU D 66 -14.41 -15.26 19.71
C GLU D 66 -15.22 -16.50 19.97
N LYS D 67 -14.82 -17.28 20.94
CA LYS D 67 -15.48 -18.57 21.21
C LYS D 67 -16.77 -18.47 22.06
N TYR D 68 -16.87 -17.40 22.86
CA TYR D 68 -17.90 -17.36 23.90
C TYR D 68 -18.75 -16.10 23.95
N TYR D 69 -18.24 -14.98 23.42
CA TYR D 69 -18.98 -13.71 23.59
C TYR D 69 -20.31 -13.79 22.85
N ASP D 70 -21.38 -13.48 23.58
CA ASP D 70 -22.74 -13.58 23.02
C ASP D 70 -23.51 -12.26 22.99
N GLY D 71 -22.83 -11.13 23.16
CA GLY D 71 -23.50 -9.83 23.10
C GLY D 71 -24.36 -9.45 24.33
N SER D 72 -24.32 -10.22 25.42
CA SER D 72 -25.28 -10.01 26.55
C SER D 72 -24.86 -8.94 27.59
N VAL D 73 -23.58 -8.64 27.68
CA VAL D 73 -23.07 -7.62 28.54
C VAL D 73 -21.99 -6.88 27.70
N PRO D 74 -21.83 -5.54 27.84
CA PRO D 74 -20.84 -4.83 27.01
C PRO D 74 -19.41 -5.37 27.20
N LEU D 75 -18.63 -5.39 26.12
CA LEU D 75 -17.36 -6.08 26.16
C LEU D 75 -16.19 -5.13 26.00
N ILE D 76 -15.21 -5.27 26.89
CA ILE D 76 -13.92 -4.65 26.67
C ILE D 76 -12.95 -5.76 26.19
N LEU D 77 -12.43 -5.60 24.98
CA LEU D 77 -11.51 -6.59 24.40
C LEU D 77 -10.11 -6.20 24.85
N LYS D 78 -9.50 -7.04 25.69
CA LYS D 78 -8.16 -6.81 26.21
C LYS D 78 -7.16 -7.25 25.13
N LEU D 79 -6.48 -6.27 24.51
CA LEU D 79 -5.68 -6.56 23.30
C LEU D 79 -4.32 -7.25 23.53
N ASN D 80 -3.65 -6.91 24.63
CA ASN D 80 -2.37 -7.54 24.95
C ASN D 80 -2.47 -8.53 26.14
N GLY D 81 -1.61 -9.53 26.13
CA GLY D 81 -1.54 -10.48 27.24
C GLY D 81 -0.10 -10.92 27.42
N LYS D 82 0.29 -11.14 28.67
CA LYS D 82 1.55 -11.85 28.98
C LYS D 82 1.30 -12.96 30.02
N THR D 83 2.31 -13.76 30.32
CA THR D 83 2.19 -14.81 31.33
C THR D 83 3.06 -14.53 32.57
N THR D 84 2.73 -15.16 33.71
CA THR D 84 3.62 -15.09 34.87
C THR D 84 4.81 -16.03 34.72
N LEU D 85 4.79 -16.90 33.72
CA LEU D 85 5.96 -17.80 33.45
C LEU D 85 7.17 -17.00 32.96
N TYR D 86 6.89 -15.87 32.32
CA TYR D 86 7.90 -14.98 31.75
C TYR D 86 8.73 -14.32 32.86
N ASN D 87 10.06 -14.28 32.70
CA ASN D 87 11.02 -13.67 33.64
C ASN D 87 11.75 -12.42 33.18
N GLY D 88 11.57 -11.99 31.94
CA GLY D 88 12.27 -10.76 31.51
C GLY D 88 11.74 -9.44 32.06
N GLU D 89 12.29 -8.32 31.57
CA GLU D 89 11.65 -7.01 31.76
C GLU D 89 10.21 -7.12 31.34
N PRO D 90 9.29 -6.66 32.21
CA PRO D 90 7.85 -6.82 31.97
C PRO D 90 7.46 -6.29 30.60
N VAL D 91 6.80 -7.10 29.78
CA VAL D 91 6.29 -6.59 28.47
C VAL D 91 5.07 -7.43 28.11
N SER D 92 4.09 -6.80 27.46
CA SER D 92 2.86 -7.50 27.01
C SER D 92 2.53 -6.89 25.65
N VAL D 93 2.48 -7.72 24.62
CA VAL D 93 2.28 -7.21 23.27
C VAL D 93 0.89 -7.58 22.77
N ALA D 94 0.37 -6.79 21.82
CA ALA D 94 -0.94 -7.06 21.25
C ALA D 94 -0.97 -8.44 20.59
N ASN D 95 -2.00 -9.24 20.91
CA ASN D 95 -2.30 -10.45 20.13
C ASN D 95 -3.55 -10.31 19.24
N CYS D 96 -4.06 -9.08 19.17
CA CYS D 96 -5.31 -8.72 18.47
C CYS D 96 -5.25 -7.25 18.05
N SER D 97 -5.82 -6.94 16.88
CA SER D 97 -5.96 -5.55 16.43
C SER D 97 -7.30 -4.91 16.91
N VAL D 98 -7.37 -3.59 16.87
CA VAL D 98 -8.65 -2.86 17.15
C VAL D 98 -9.72 -3.28 16.13
N GLU D 99 -9.32 -3.38 14.85
CA GLU D 99 -10.28 -3.79 13.79
C GLU D 99 -10.93 -5.16 14.09
N GLU D 100 -10.11 -6.10 14.52
CA GLU D 100 -10.63 -7.42 14.88
C GLU D 100 -11.52 -7.34 16.14
N ALA D 101 -11.12 -6.54 17.13
CA ALA D 101 -11.97 -6.28 18.33
C ALA D 101 -13.36 -5.81 17.94
N VAL D 102 -13.43 -4.88 16.97
CA VAL D 102 -14.72 -4.39 16.43
C VAL D 102 -15.57 -5.55 15.92
N SER D 103 -14.93 -6.41 15.13
CA SER D 103 -15.53 -7.58 14.54
C SER D 103 -16.04 -8.58 15.59
N LEU D 104 -15.38 -8.63 16.74
CA LEU D 104 -15.73 -9.59 17.80
C LEU D 104 -16.85 -9.01 18.70
N GLY D 105 -17.34 -7.81 18.40
CA GLY D 105 -18.43 -7.20 19.17
C GLY D 105 -18.02 -6.30 20.35
N ALA D 106 -16.74 -5.91 20.42
CA ALA D 106 -16.25 -5.03 21.50
C ALA D 106 -16.86 -3.64 21.47
N SER D 107 -17.10 -3.09 22.66
CA SER D 107 -17.53 -1.70 22.82
C SER D 107 -16.37 -0.80 23.28
N ALA D 108 -15.23 -1.42 23.66
CA ALA D 108 -14.01 -0.73 24.05
C ALA D 108 -12.84 -1.71 23.92
N VAL D 109 -11.63 -1.19 23.87
CA VAL D 109 -10.42 -2.01 23.87
C VAL D 109 -9.57 -1.67 25.09
N GLY D 110 -8.84 -2.68 25.57
CA GLY D 110 -7.96 -2.51 26.71
C GLY D 110 -6.52 -2.81 26.36
N TYR D 111 -5.61 -2.15 27.06
CA TYR D 111 -4.18 -2.42 26.79
C TYR D 111 -3.39 -2.13 28.06
N THR D 112 -2.51 -3.08 28.46
CA THR D 112 -1.61 -2.89 29.63
C THR D 112 -0.28 -2.25 29.25
N ILE D 113 0.11 -1.24 30.02
CA ILE D 113 1.47 -0.68 30.00
C ILE D 113 2.16 -0.92 31.35
N TYR D 114 3.49 -1.14 31.33
CA TYR D 114 4.30 -1.25 32.54
C TYR D 114 5.35 -0.14 32.57
N PRO D 115 4.94 1.09 32.94
CA PRO D 115 5.92 2.15 33.06
C PRO D 115 7.08 1.78 33.97
N GLY D 116 8.27 2.15 33.53
CA GLY D 116 9.51 1.79 34.22
C GLY D 116 10.22 0.56 33.69
N SER D 117 9.49 -0.37 33.07
CA SER D 117 10.11 -1.57 32.49
C SER D 117 11.22 -1.18 31.51
N GLY D 118 12.27 -2.02 31.44
CA GLY D 118 13.28 -1.94 30.37
C GLY D 118 12.62 -1.95 29.00
N PHE D 119 11.43 -2.52 28.91
CA PHE D 119 10.62 -2.51 27.65
C PHE D 119 9.53 -1.42 27.60
N GLU D 120 9.58 -0.43 28.48
CA GLU D 120 8.46 0.51 28.50
C GLU D 120 8.24 1.13 27.09
N TRP D 121 9.31 1.40 26.37
CA TRP D 121 9.25 1.96 25.02
C TRP D 121 8.46 1.08 24.02
N LYS D 122 8.56 -0.26 24.19
CA LYS D 122 7.89 -1.20 23.24
C LYS D 122 6.38 -1.09 23.34
N MET D 123 5.87 -1.01 24.57
CA MET D 123 4.45 -0.85 24.78
C MET D 123 3.91 0.56 24.45
N PHE D 124 4.73 1.60 24.67
CA PHE D 124 4.34 2.95 24.28
C PHE D 124 4.22 3.03 22.75
N GLU D 125 5.18 2.42 22.05
CA GLU D 125 5.21 2.36 20.58
C GLU D 125 3.95 1.69 20.06
N GLU D 126 3.64 0.54 20.64
CA GLU D 126 2.44 -0.19 20.23
C GLU D 126 1.14 0.52 20.64
N LEU D 127 1.06 1.03 21.87
CA LEU D 127 -0.11 1.81 22.27
C LEU D 127 -0.39 2.98 21.32
N ALA D 128 0.65 3.59 20.75
CA ALA D 128 0.47 4.69 19.79
C ALA D 128 -0.40 4.26 18.61
N ARG D 129 -0.11 3.07 18.08
CA ARG D 129 -0.86 2.53 16.94
C ARG D 129 -2.29 2.16 17.38
N ILE D 130 -2.40 1.54 18.55
CA ILE D 130 -3.71 1.09 19.07
C ILE D 130 -4.59 2.30 19.36
N LYS D 131 -4.02 3.34 19.94
CA LYS D 131 -4.74 4.61 20.19
C LYS D 131 -5.27 5.20 18.88
N ARG D 132 -4.42 5.27 17.86
CA ARG D 132 -4.83 5.85 16.57
C ARG D 132 -6.02 5.04 15.99
N ASP D 133 -5.93 3.72 16.08
CA ASP D 133 -7.01 2.82 15.62
C ASP D 133 -8.28 2.95 16.46
N ALA D 134 -8.14 3.07 17.79
CA ALA D 134 -9.29 3.31 18.68
C ALA D 134 -10.10 4.53 18.21
N VAL D 135 -9.40 5.63 17.91
CA VAL D 135 -10.05 6.83 17.41
C VAL D 135 -10.73 6.54 16.06
N LYS D 136 -10.00 5.86 15.17
CA LYS D 136 -10.49 5.56 13.82
C LYS D 136 -11.81 4.73 13.89
N PHE D 137 -11.83 3.71 14.75
CA PHE D 137 -13.01 2.85 14.89
C PHE D 137 -14.03 3.31 15.96
N ASP D 138 -13.78 4.46 16.58
CA ASP D 138 -14.66 5.06 17.63
C ASP D 138 -14.94 4.11 18.80
N LEU D 139 -13.90 3.40 19.27
CA LEU D 139 -13.99 2.55 20.47
C LEU D 139 -13.13 3.22 21.53
N PRO D 140 -13.69 3.43 22.74
CA PRO D 140 -12.87 3.93 23.86
C PRO D 140 -11.67 3.04 24.17
N LEU D 141 -10.58 3.69 24.55
CA LEU D 141 -9.35 2.97 24.87
C LEU D 141 -9.20 3.01 26.38
N VAL D 142 -9.12 1.83 26.99
CA VAL D 142 -9.01 1.68 28.45
C VAL D 142 -7.60 1.18 28.74
N VAL D 143 -6.82 1.96 29.46
CA VAL D 143 -5.44 1.57 29.71
C VAL D 143 -5.29 1.03 31.13
N TRP D 144 -4.73 -0.17 31.25
CA TRP D 144 -4.35 -0.77 32.53
C TRP D 144 -2.96 -0.18 32.78
N SER D 145 -2.80 0.77 33.71
CA SER D 145 -1.50 1.40 33.91
C SER D 145 -0.86 0.84 35.15
N PHE D 146 0.12 -0.04 34.98
CA PHE D 146 0.73 -0.84 36.07
C PHE D 146 2.25 -0.69 36.08
N PRO D 147 2.77 0.41 36.66
CA PRO D 147 4.22 0.53 36.70
C PRO D 147 4.88 -0.73 37.30
N ARG D 148 5.92 -1.22 36.63
CA ARG D 148 6.56 -2.49 37.01
C ARG D 148 7.94 -2.55 36.35
N GLY D 149 8.92 -3.02 37.09
CA GLY D 149 10.28 -3.11 36.58
C GLY D 149 10.96 -1.79 36.84
N GLY D 150 12.19 -1.68 36.36
CA GLY D 150 12.96 -0.47 36.56
C GLY D 150 13.05 -0.12 38.03
N LYS D 151 12.72 1.12 38.35
CA LYS D 151 12.85 1.64 39.70
C LYS D 151 11.67 1.25 40.61
N VAL D 152 10.61 0.66 40.07
CA VAL D 152 9.41 0.38 40.87
C VAL D 152 9.70 -0.75 41.85
N VAL D 153 9.59 -0.49 43.14
CA VAL D 153 9.70 -1.55 44.14
C VAL D 153 8.31 -1.86 44.73
N ASN D 154 7.61 -0.85 45.22
CA ASN D 154 6.25 -1.03 45.74
C ASN D 154 5.17 -0.46 44.80
N GLU D 155 4.41 -1.34 44.16
CA GLU D 155 3.41 -0.95 43.15
C GLU D 155 2.22 -0.16 43.68
N THR D 156 1.93 -0.34 44.96
CA THR D 156 0.77 0.31 45.57
C THR D 156 1.20 1.53 46.36
N ALA D 157 2.50 1.90 46.28
CA ALA D 157 2.96 3.15 46.91
C ALA D 157 2.22 4.31 46.25
N PRO D 158 1.81 5.31 47.06
CA PRO D 158 0.95 6.38 46.55
C PRO D 158 1.56 7.18 45.38
N GLU D 159 2.85 7.48 45.42
CA GLU D 159 3.49 8.19 44.33
C GLU D 159 3.59 7.36 43.01
N ILE D 160 3.66 6.02 43.11
CA ILE D 160 3.66 5.14 41.91
C ILE D 160 2.27 5.08 41.29
N VAL D 161 1.24 4.97 42.13
CA VAL D 161 -0.13 4.86 41.62
C VAL D 161 -0.54 6.18 40.97
N ALA D 162 -0.20 7.29 41.62
CA ALA D 162 -0.44 8.61 41.03
C ALA D 162 0.32 8.79 39.71
N TYR D 163 1.59 8.35 39.66
CA TYR D 163 2.34 8.33 38.39
C TYR D 163 1.60 7.50 37.34
N ALA D 164 1.16 6.29 37.73
CA ALA D 164 0.41 5.41 36.81
C ALA D 164 -0.81 6.14 36.21
N ALA D 165 -1.58 6.81 37.08
CA ALA D 165 -2.76 7.59 36.69
C ALA D 165 -2.38 8.69 35.70
N ARG D 166 -1.31 9.43 35.99
CA ARG D 166 -0.92 10.54 35.10
C ARG D 166 -0.48 10.04 33.73
N ILE D 167 0.33 9.01 33.72
CA ILE D 167 0.84 8.48 32.46
C ILE D 167 -0.33 8.05 31.53
N ALA D 168 -1.33 7.36 32.08
CA ALA D 168 -2.51 6.94 31.30
C ALA D 168 -3.24 8.13 30.71
N LEU D 169 -3.36 9.21 31.47
CA LEU D 169 -3.95 10.44 30.94
C LEU D 169 -3.09 11.03 29.80
N GLU D 170 -1.78 11.11 30.02
CA GLU D 170 -0.86 11.72 29.05
C GLU D 170 -0.82 10.98 27.70
N LEU D 171 -0.92 9.66 27.73
CA LEU D 171 -0.79 8.83 26.52
C LEU D 171 -2.10 8.70 25.70
N GLY D 172 -3.21 9.20 26.25
CA GLY D 172 -4.45 9.33 25.50
C GLY D 172 -5.56 8.37 25.91
N SER D 173 -5.46 7.75 27.10
CA SER D 173 -6.53 6.83 27.50
C SER D 173 -7.87 7.58 27.66
N ASP D 174 -8.96 6.85 27.41
CA ASP D 174 -10.31 7.39 27.58
C ASP D 174 -10.91 6.96 28.94
N ALA D 175 -10.39 5.87 29.48
CA ALA D 175 -10.61 5.45 30.89
C ALA D 175 -9.35 4.72 31.29
N MET D 176 -9.14 4.51 32.58
CA MET D 176 -7.98 3.76 33.04
C MET D 176 -8.31 2.85 34.21
N LYS D 177 -7.45 1.83 34.39
CA LYS D 177 -7.50 0.89 35.49
C LYS D 177 -6.12 0.95 36.17
N ILE D 178 -6.13 1.22 37.48
CA ILE D 178 -4.91 1.31 38.31
C ILE D 178 -5.10 0.60 39.67
N LYS D 179 -3.98 0.32 40.34
CA LYS D 179 -3.96 -0.38 41.63
C LYS D 179 -4.41 0.57 42.74
N TYR D 180 -5.03 0.03 43.78
CA TYR D 180 -5.42 0.80 44.95
C TYR D 180 -4.22 1.00 45.89
N THR D 181 -4.11 2.20 46.46
CA THR D 181 -3.03 2.49 47.41
C THR D 181 -3.31 1.92 48.81
N GLY D 182 -4.56 1.54 49.08
CA GLY D 182 -4.96 1.03 50.40
C GLY D 182 -5.70 2.04 51.26
N ASP D 183 -5.79 3.30 50.80
CA ASP D 183 -6.56 4.30 51.56
C ASP D 183 -7.08 5.41 50.65
N PRO D 184 -8.27 5.97 50.97
CA PRO D 184 -8.92 6.97 50.09
C PRO D 184 -8.18 8.30 49.88
N LYS D 185 -7.47 8.82 50.90
CA LYS D 185 -6.79 10.11 50.71
C LYS D 185 -5.68 10.06 49.67
N THR D 186 -4.78 9.07 49.81
CA THR D 186 -3.74 8.89 48.81
C THR D 186 -4.30 8.51 47.44
N PHE D 187 -5.34 7.67 47.39
CA PHE D 187 -5.92 7.28 46.11
C PHE D 187 -6.66 8.46 45.41
N SER D 188 -7.23 9.39 46.20
CA SER D 188 -7.86 10.59 45.63
C SER D 188 -6.85 11.51 44.89
N TRP D 189 -5.56 11.48 45.28
CA TRP D 189 -4.55 12.21 44.54
C TRP D 189 -4.36 11.61 43.14
N ALA D 190 -4.32 10.28 43.06
CA ALA D 190 -4.23 9.62 41.77
C ALA D 190 -5.47 9.98 40.93
N VAL D 191 -6.66 9.93 41.55
CA VAL D 191 -7.89 10.26 40.84
C VAL D 191 -7.80 11.71 40.33
N LYS D 192 -7.28 12.61 41.16
CA LYS D 192 -7.17 14.03 40.79
C LYS D 192 -6.27 14.23 39.56
N VAL D 193 -5.08 13.61 39.58
CA VAL D 193 -4.12 13.80 38.49
C VAL D 193 -4.58 13.15 37.17
N ALA D 194 -5.47 12.16 37.26
CA ALA D 194 -6.12 11.60 36.06
C ALA D 194 -7.09 12.58 35.37
N GLY D 195 -7.47 13.66 36.07
CA GLY D 195 -8.34 14.75 35.52
C GLY D 195 -9.67 14.31 34.93
N LYS D 196 -9.89 14.66 33.66
CA LYS D 196 -11.12 14.29 32.90
C LYS D 196 -11.29 12.79 32.63
N VAL D 197 -10.26 11.98 32.85
CA VAL D 197 -10.33 10.56 32.53
C VAL D 197 -10.76 9.76 33.78
N PRO D 198 -11.86 8.99 33.68
CA PRO D 198 -12.36 8.21 34.84
C PRO D 198 -11.40 7.09 35.25
N VAL D 199 -11.37 6.81 36.56
CA VAL D 199 -10.47 5.79 37.13
C VAL D 199 -11.27 4.60 37.66
N LEU D 200 -10.82 3.40 37.30
CA LEU D 200 -11.29 2.17 37.85
C LEU D 200 -10.19 1.52 38.70
N MET D 201 -10.58 1.01 39.86
CA MET D 201 -9.72 0.28 40.76
C MET D 201 -9.65 -1.16 40.29
N SER D 202 -8.41 -1.61 40.08
CA SER D 202 -8.06 -3.01 39.91
C SER D 202 -8.38 -3.73 41.24
N GLY D 203 -9.25 -4.75 41.17
CA GLY D 203 -9.66 -5.51 42.37
C GLY D 203 -8.55 -6.17 43.18
N GLY D 204 -7.59 -6.80 42.51
CA GLY D 204 -6.45 -7.47 43.19
C GLY D 204 -6.71 -8.90 43.66
N PRO D 205 -5.69 -9.51 44.35
CA PRO D 205 -5.82 -10.82 44.99
C PRO D 205 -7.04 -10.88 45.92
N LYS D 206 -7.71 -12.04 45.99
CA LYS D 206 -8.85 -12.27 46.90
C LYS D 206 -8.46 -11.89 48.32
N THR D 207 -9.27 -11.04 48.95
CA THR D 207 -9.02 -10.56 50.33
C THR D 207 -9.41 -11.62 51.35
N LYS D 208 -8.77 -11.58 52.51
CA LYS D 208 -9.05 -12.57 53.57
C LYS D 208 -10.56 -12.70 53.89
N THR D 209 -11.26 -11.56 53.97
CA THR D 209 -12.69 -11.54 54.28
C THR D 209 -13.45 -10.70 53.26
N GLU D 210 -14.74 -10.95 53.11
CA GLU D 210 -15.56 -10.23 52.12
C GLU D 210 -15.65 -8.79 52.54
N GLU D 211 -15.75 -8.60 53.85
CA GLU D 211 -15.70 -7.30 54.49
C GLU D 211 -14.48 -6.46 54.09
N ASP D 212 -13.29 -7.06 54.06
CA ASP D 212 -12.07 -6.34 53.69
C ASP D 212 -12.21 -5.70 52.32
N PHE D 213 -12.81 -6.45 51.38
CA PHE D 213 -12.94 -5.94 50.02
C PHE D 213 -13.96 -4.81 49.93
N LEU D 214 -15.11 -4.98 50.58
CA LEU D 214 -16.14 -3.95 50.55
C LEU D 214 -15.55 -2.65 51.08
N LYS D 215 -14.76 -2.76 52.14
CA LYS D 215 -14.08 -1.63 52.75
C LYS D 215 -13.19 -0.91 51.74
N GLN D 216 -12.46 -1.66 50.94
CA GLN D 216 -11.59 -1.10 49.92
C GLN D 216 -12.43 -0.38 48.86
N VAL D 217 -13.50 -1.02 48.39
CA VAL D 217 -14.41 -0.39 47.42
C VAL D 217 -15.02 0.91 47.99
N GLU D 218 -15.38 0.91 49.29
CA GLU D 218 -15.88 2.14 49.95
C GLU D 218 -14.88 3.31 49.82
N GLY D 219 -13.61 3.05 50.11
CA GLY D 219 -12.55 4.06 50.00
C GLY D 219 -12.34 4.54 48.57
N VAL D 220 -12.39 3.60 47.63
CA VAL D 220 -12.27 3.89 46.19
C VAL D 220 -13.31 4.90 45.71
N LEU D 221 -14.56 4.68 46.13
CA LEU D 221 -15.65 5.57 45.76
C LEU D 221 -15.51 6.91 46.48
N GLU D 222 -15.05 6.86 47.72
CA GLU D 222 -14.83 8.04 48.55
C GLU D 222 -13.71 8.91 48.00
N ALA D 223 -12.73 8.28 47.33
CA ALA D 223 -11.64 9.00 46.65
C ALA D 223 -12.07 9.57 45.29
N GLY D 224 -13.30 9.27 44.87
CA GLY D 224 -13.88 9.85 43.66
C GLY D 224 -13.68 9.04 42.39
N ALA D 225 -13.24 7.79 42.53
CA ALA D 225 -13.04 6.92 41.36
C ALA D 225 -14.39 6.55 40.71
N LEU D 226 -14.38 6.21 39.43
CA LEU D 226 -15.62 5.79 38.75
C LEU D 226 -16.21 4.47 39.25
N GLY D 227 -15.33 3.54 39.67
CA GLY D 227 -15.78 2.20 40.07
C GLY D 227 -14.65 1.22 40.15
N ILE D 228 -14.94 -0.04 39.83
CA ILE D 228 -13.98 -1.11 40.03
C ILE D 228 -13.98 -1.99 38.79
N ALA D 229 -12.81 -2.50 38.48
CA ALA D 229 -12.67 -3.56 37.49
C ALA D 229 -12.17 -4.74 38.31
N VAL D 230 -13.05 -5.71 38.54
CA VAL D 230 -12.88 -6.75 39.57
C VAL D 230 -12.91 -8.16 38.93
N GLY D 231 -11.94 -9.00 39.30
CA GLY D 231 -11.93 -10.39 38.85
C GLY D 231 -12.02 -11.33 40.04
N ARG D 232 -10.87 -11.60 40.64
CA ARG D 232 -10.78 -12.62 41.70
C ARG D 232 -11.74 -12.41 42.86
N ASN D 233 -11.88 -11.15 43.28
CA ASN D 233 -12.70 -10.88 44.49
C ASN D 233 -14.19 -11.08 44.23
N VAL D 234 -14.55 -11.32 42.98
CA VAL D 234 -15.89 -11.87 42.69
C VAL D 234 -15.76 -13.37 42.38
N TRP D 235 -15.18 -13.73 41.23
CA TRP D 235 -15.27 -15.11 40.74
C TRP D 235 -14.41 -16.20 41.42
N GLN D 236 -13.42 -15.84 42.25
CA GLN D 236 -12.72 -16.86 43.05
C GLN D 236 -13.50 -17.28 44.30
N ARG D 237 -14.63 -16.64 44.54
CA ARG D 237 -15.51 -16.95 45.68
C ARG D 237 -16.61 -17.96 45.31
N ARG D 238 -16.87 -18.91 46.20
CA ARG D 238 -17.94 -19.90 45.98
C ARG D 238 -19.34 -19.28 45.98
N ASP D 239 -19.47 -18.17 46.67
CA ASP D 239 -20.73 -17.43 46.74
C ASP D 239 -20.62 -16.20 45.81
N ALA D 240 -20.03 -16.43 44.64
CA ALA D 240 -19.73 -15.37 43.67
C ALA D 240 -20.92 -14.46 43.37
N LEU D 241 -22.06 -15.09 43.05
CA LEU D 241 -23.22 -14.32 42.63
C LEU D 241 -23.76 -13.49 43.80
N LYS D 242 -23.93 -14.10 44.98
CA LYS D 242 -24.37 -13.37 46.18
C LYS D 242 -23.48 -12.16 46.50
N PHE D 243 -22.16 -12.38 46.50
CA PHE D 243 -21.26 -11.29 46.80
C PHE D 243 -21.19 -10.20 45.70
N ALA D 244 -21.29 -10.60 44.43
CA ALA D 244 -21.38 -9.65 43.34
C ALA D 244 -22.60 -8.73 43.45
N ARG D 245 -23.73 -9.29 43.89
CA ARG D 245 -24.95 -8.50 44.16
C ARG D 245 -24.79 -7.47 45.28
N ALA D 246 -24.10 -7.86 46.36
CA ALA D 246 -23.68 -6.92 47.42
C ALA D 246 -22.73 -5.81 46.95
N LEU D 247 -21.80 -6.14 46.05
CA LEU D 247 -20.96 -5.11 45.41
C LEU D 247 -21.80 -4.15 44.57
N ALA D 248 -22.78 -4.69 43.83
CA ALA D 248 -23.66 -3.87 43.00
C ALA D 248 -24.48 -2.94 43.89
N GLU D 249 -25.03 -3.47 44.99
CA GLU D 249 -25.71 -2.63 45.96
C GLU D 249 -24.82 -1.49 46.51
N LEU D 250 -23.55 -1.78 46.81
CA LEU D 250 -22.66 -0.73 47.35
C LEU D 250 -22.32 0.33 46.30
N VAL D 251 -21.79 -0.12 45.17
CA VAL D 251 -21.29 0.78 44.13
C VAL D 251 -22.40 1.64 43.52
N TYR D 252 -23.53 1.02 43.15
CA TYR D 252 -24.64 1.79 42.54
C TYR D 252 -25.58 2.35 43.59
N ASN E 3 -17.20 -20.89 11.74
CA ASN E 3 -16.55 -21.50 12.94
C ASN E 3 -15.40 -22.44 12.54
N LEU E 4 -14.17 -22.02 12.80
CA LEU E 4 -13.01 -22.80 12.36
C LEU E 4 -12.69 -24.07 13.17
N THR E 5 -13.10 -24.12 14.43
CA THR E 5 -13.06 -25.36 15.24
C THR E 5 -13.96 -26.42 14.59
N GLU E 6 -15.17 -26.02 14.23
CA GLU E 6 -16.09 -26.90 13.49
C GLU E 6 -15.48 -27.42 12.17
N LYS E 7 -14.84 -26.54 11.39
CA LYS E 7 -14.15 -26.95 10.18
C LYS E 7 -13.00 -27.92 10.47
N PHE E 8 -12.17 -27.59 11.47
CA PHE E 8 -11.11 -28.50 11.92
C PHE E 8 -11.65 -29.90 12.28
N LEU E 9 -12.74 -29.95 13.03
CA LEU E 9 -13.33 -31.23 13.41
C LEU E 9 -13.87 -32.03 12.21
N ARG E 10 -14.47 -31.35 11.22
CA ARG E 10 -15.02 -32.02 10.05
CA ARG E 10 -15.03 -32.01 10.03
C ARG E 10 -13.92 -32.71 9.26
N ILE E 11 -12.79 -32.02 9.12
CA ILE E 11 -11.69 -32.47 8.30
C ILE E 11 -10.77 -33.46 9.03
N PHE E 12 -10.41 -33.15 10.27
CA PHE E 12 -9.40 -33.94 10.98
C PHE E 12 -10.00 -34.86 12.04
N ALA E 13 -11.31 -34.78 12.29
CA ALA E 13 -11.94 -35.64 13.33
C ALA E 13 -13.32 -36.17 12.93
N ARG E 14 -13.42 -36.60 11.67
CA ARG E 14 -14.70 -37.09 11.15
C ARG E 14 -15.24 -38.29 11.95
N ARG E 15 -14.37 -39.08 12.57
CA ARG E 15 -14.83 -40.19 13.41
C ARG E 15 -15.07 -39.85 14.89
N GLY E 16 -14.94 -38.59 15.26
CA GLY E 16 -15.20 -38.15 16.62
C GLY E 16 -13.93 -37.97 17.41
N LYS E 17 -12.82 -38.57 16.93
CA LYS E 17 -11.51 -38.44 17.55
C LYS E 17 -10.51 -38.27 16.42
N SER E 18 -9.27 -37.87 16.74
CA SER E 18 -8.29 -37.52 15.73
C SER E 18 -6.91 -38.15 15.99
N ILE E 19 -6.29 -38.63 14.92
CA ILE E 19 -4.86 -38.98 14.94
C ILE E 19 -4.17 -38.23 13.80
N ILE E 20 -3.20 -37.38 14.16
CA ILE E 20 -2.44 -36.59 13.18
C ILE E 20 -1.00 -37.13 13.18
N LEU E 21 -0.47 -37.47 12.01
CA LEU E 21 0.92 -37.96 11.93
C LEU E 21 1.87 -36.77 11.78
N ALA E 22 2.67 -36.55 12.82
CA ALA E 22 3.51 -35.34 12.89
C ALA E 22 4.88 -35.60 12.24
N TYR E 23 5.36 -34.67 11.43
CA TYR E 23 6.61 -34.87 10.67
C TYR E 23 7.36 -33.53 10.42
N ASP E 24 7.39 -32.65 11.44
CA ASP E 24 8.18 -31.41 11.39
C ASP E 24 9.55 -31.66 12.01
N HIS E 25 9.83 -32.93 12.34
CA HIS E 25 11.03 -33.36 13.06
C HIS E 25 12.36 -33.09 12.35
N GLY E 26 12.36 -33.15 11.01
CA GLY E 26 13.56 -32.87 10.21
C GLY E 26 14.20 -31.52 10.53
N ILE E 27 13.38 -30.50 10.79
CA ILE E 27 13.89 -29.20 11.26
C ILE E 27 14.07 -29.14 12.79
N GLU E 28 13.05 -29.58 13.53
CA GLU E 28 13.09 -29.45 15.02
C GLU E 28 14.20 -30.23 15.68
N HIS E 29 14.43 -31.48 15.23
CA HIS E 29 15.47 -32.34 15.85
C HIS E 29 16.56 -32.75 14.88
N GLY E 30 16.22 -32.66 13.61
CA GLY E 30 17.10 -33.08 12.55
C GLY E 30 17.08 -34.59 12.34
N PRO E 31 17.92 -35.10 11.43
CA PRO E 31 17.80 -36.47 10.94
C PRO E 31 18.26 -37.56 11.90
N ALA E 32 18.81 -37.20 13.07
CA ALA E 32 19.09 -38.24 14.07
C ALA E 32 17.81 -39.00 14.46
N ASP E 33 16.67 -38.32 14.43
CA ASP E 33 15.34 -38.95 14.63
C ASP E 33 15.02 -40.13 13.66
N PHE E 34 15.66 -40.16 12.48
CA PHE E 34 15.33 -41.07 11.37
C PHE E 34 16.23 -42.32 11.27
N MET E 35 17.31 -42.39 12.06
CA MET E 35 18.22 -43.55 11.97
C MET E 35 17.53 -44.85 12.46
N ASP E 36 16.75 -44.79 13.54
CA ASP E 36 16.03 -46.00 14.07
C ASP E 36 15.31 -46.79 12.97
N ASN E 37 14.57 -46.07 12.10
CA ASN E 37 13.80 -46.67 11.01
C ASN E 37 14.03 -45.83 9.74
N PRO E 38 15.13 -46.09 8.99
CA PRO E 38 15.59 -45.17 7.95
C PRO E 38 14.56 -44.69 6.92
N ASP E 39 13.60 -45.55 6.54
CA ASP E 39 12.52 -45.19 5.65
C ASP E 39 11.81 -43.93 6.10
N SER E 40 11.81 -43.69 7.42
CA SER E 40 11.18 -42.50 7.99
C SER E 40 11.76 -41.14 7.49
N ALA E 41 12.97 -41.15 6.92
CA ALA E 41 13.58 -39.95 6.30
C ALA E 41 12.91 -39.57 4.97
N ASP E 42 12.16 -40.50 4.40
CA ASP E 42 11.48 -40.31 3.13
C ASP E 42 10.02 -39.83 3.35
N PRO E 43 9.70 -38.55 2.98
CA PRO E 43 8.32 -38.06 3.23
C PRO E 43 7.30 -38.89 2.48
N GLU E 44 7.68 -39.52 1.37
CA GLU E 44 6.74 -40.40 0.65
C GLU E 44 6.30 -41.60 1.49
N TYR E 45 7.23 -42.15 2.27
CA TYR E 45 6.92 -43.25 3.19
C TYR E 45 5.93 -42.75 4.26
N ILE E 46 6.17 -41.56 4.80
CA ILE E 46 5.29 -40.95 5.81
C ILE E 46 3.84 -40.76 5.27
N LEU E 47 3.73 -40.21 4.05
CA LEU E 47 2.42 -40.16 3.39
C LEU E 47 1.71 -41.52 3.26
N ARG E 48 2.43 -42.56 2.82
CA ARG E 48 1.80 -43.87 2.61
C ARG E 48 1.38 -44.43 3.97
N LEU E 49 2.20 -44.16 4.99
CA LEU E 49 1.94 -44.64 6.34
C LEU E 49 0.65 -44.03 6.90
N ALA E 50 0.51 -42.70 6.82
CA ALA E 50 -0.70 -42.01 7.26
C ALA E 50 -1.94 -42.54 6.52
N ARG E 51 -1.83 -42.66 5.20
CA ARG E 51 -2.87 -43.31 4.38
C ARG E 51 -3.23 -44.72 4.83
N ASP E 52 -2.26 -45.62 4.85
CA ASP E 52 -2.50 -47.03 5.14
C ASP E 52 -3.01 -47.26 6.57
N ALA E 53 -2.61 -46.40 7.51
CA ALA E 53 -3.08 -46.50 8.88
C ALA E 53 -4.46 -45.86 9.11
N GLY E 54 -4.95 -45.13 8.12
CA GLY E 54 -6.28 -44.47 8.19
C GLY E 54 -6.30 -43.25 9.10
N PHE E 55 -5.15 -42.57 9.24
CA PHE E 55 -5.03 -41.35 10.07
C PHE E 55 -5.71 -40.14 9.42
N ASP E 56 -5.91 -39.09 10.21
CA ASP E 56 -6.70 -37.93 9.75
C ASP E 56 -5.90 -36.89 9.02
N GLY E 57 -4.58 -36.89 9.22
CA GLY E 57 -3.77 -35.77 8.75
C GLY E 57 -2.27 -36.01 8.88
N VAL E 58 -1.50 -35.16 8.20
CA VAL E 58 -0.07 -35.04 8.38
C VAL E 58 0.31 -33.60 8.68
N VAL E 59 1.41 -33.43 9.41
CA VAL E 59 1.98 -32.11 9.65
C VAL E 59 3.34 -32.01 8.92
N PHE E 60 3.45 -31.09 7.97
CA PHE E 60 4.70 -30.85 7.22
C PHE E 60 5.09 -29.38 7.33
N GLN E 61 6.40 -29.11 7.28
CA GLN E 61 6.90 -27.78 7.03
C GLN E 61 6.73 -27.49 5.53
N ARG E 62 6.88 -26.23 5.16
CA ARG E 62 6.65 -25.79 3.76
C ARG E 62 7.50 -26.52 2.71
N GLY E 63 8.76 -26.82 3.03
CA GLY E 63 9.60 -27.42 1.99
C GLY E 63 9.20 -28.87 1.71
N ILE E 64 8.83 -29.58 2.77
CA ILE E 64 8.29 -30.92 2.61
C ILE E 64 6.91 -30.91 1.89
N ALA E 65 6.01 -30.01 2.26
CA ALA E 65 4.72 -29.90 1.54
C ALA E 65 4.98 -29.58 0.05
N GLU E 66 5.90 -28.65 -0.21
CA GLU E 66 6.08 -28.21 -1.59
C GLU E 66 6.57 -29.33 -2.45
N LYS E 67 7.59 -30.05 -1.97
CA LYS E 67 8.25 -31.06 -2.80
C LYS E 67 7.53 -32.42 -2.79
N TYR E 68 6.70 -32.67 -1.77
CA TYR E 68 6.15 -34.03 -1.59
C TYR E 68 4.63 -34.13 -1.48
N TYR E 69 3.96 -33.08 -1.01
CA TYR E 69 2.55 -33.25 -0.68
C TYR E 69 1.73 -33.56 -1.92
N ASP E 70 0.86 -34.56 -1.84
CA ASP E 70 0.13 -35.06 -3.02
C ASP E 70 -1.40 -35.02 -2.89
N GLY E 71 -1.91 -34.33 -1.86
CA GLY E 71 -3.35 -34.25 -1.63
C GLY E 71 -3.99 -35.50 -1.02
N SER E 72 -3.21 -36.52 -0.68
CA SER E 72 -3.79 -37.85 -0.33
C SER E 72 -4.32 -37.96 1.11
N VAL E 73 -3.87 -37.06 1.98
CA VAL E 73 -4.25 -37.01 3.41
C VAL E 73 -4.35 -35.52 3.79
N PRO E 74 -5.35 -35.10 4.60
CA PRO E 74 -5.36 -33.66 4.91
C PRO E 74 -4.07 -33.14 5.53
N LEU E 75 -3.71 -31.90 5.19
CA LEU E 75 -2.41 -31.34 5.54
C LEU E 75 -2.56 -30.18 6.54
N ILE E 76 -1.77 -30.24 7.61
CA ILE E 76 -1.54 -29.10 8.50
C ILE E 76 -0.14 -28.59 8.18
N LEU E 77 -0.06 -27.39 7.63
CA LEU E 77 1.23 -26.76 7.32
C LEU E 77 1.76 -26.07 8.59
N LYS E 78 2.85 -26.62 9.15
CA LYS E 78 3.51 -26.07 10.34
C LYS E 78 4.36 -24.87 9.89
N LEU E 79 3.92 -23.68 10.25
CA LEU E 79 4.44 -22.41 9.69
C LEU E 79 5.79 -22.02 10.25
N ASN E 80 6.08 -22.38 11.50
CA ASN E 80 7.34 -21.99 12.16
C ASN E 80 8.19 -23.22 12.50
N GLY E 81 9.49 -23.01 12.64
CA GLY E 81 10.37 -24.06 13.09
C GLY E 81 11.67 -23.48 13.61
N LYS E 82 12.24 -24.17 14.58
CA LYS E 82 13.59 -23.85 15.08
C LYS E 82 14.38 -25.17 15.17
N THR E 83 15.66 -25.09 15.54
CA THR E 83 16.48 -26.31 15.66
C THR E 83 16.89 -26.54 17.11
N THR E 84 17.34 -27.76 17.44
CA THR E 84 17.89 -28.00 18.77
C THR E 84 19.31 -27.51 18.87
N LEU E 85 19.92 -27.12 17.74
CA LEU E 85 21.29 -26.61 17.75
C LEU E 85 21.34 -25.25 18.42
N TYR E 86 20.19 -24.56 18.34
CA TYR E 86 20.02 -23.23 18.89
C TYR E 86 20.13 -23.25 20.43
N ASN E 87 20.90 -22.32 20.97
CA ASN E 87 21.05 -22.14 22.41
C ASN E 87 20.32 -20.97 23.10
N GLY E 88 19.76 -19.99 22.42
CA GLY E 88 19.07 -18.93 23.26
C GLY E 88 17.74 -19.24 24.00
N GLU E 89 17.11 -18.18 24.56
CA GLU E 89 15.72 -18.30 25.00
C GLU E 89 14.85 -18.80 23.78
N PRO E 90 13.96 -19.78 24.02
CA PRO E 90 13.27 -20.50 22.94
C PRO E 90 12.48 -19.55 22.04
N VAL E 91 12.64 -19.69 20.74
CA VAL E 91 11.91 -18.87 19.79
C VAL E 91 11.85 -19.63 18.49
N SER E 92 10.71 -19.51 17.83
CA SER E 92 10.48 -20.21 16.57
C SER E 92 9.66 -19.25 15.67
N VAL E 93 10.24 -18.84 14.56
CA VAL E 93 9.59 -17.81 13.72
C VAL E 93 9.06 -18.44 12.43
N ALA E 94 8.02 -17.81 11.88
CA ALA E 94 7.34 -18.36 10.70
C ALA E 94 8.32 -18.39 9.54
N ASN E 95 8.38 -19.50 8.81
CA ASN E 95 9.17 -19.48 7.55
C ASN E 95 8.24 -19.54 6.30
N CYS E 96 6.94 -19.40 6.55
CA CYS E 96 5.86 -19.55 5.54
C CYS E 96 4.68 -18.69 5.99
N SER E 97 3.94 -18.12 5.03
CA SER E 97 2.72 -17.35 5.30
C SER E 97 1.53 -18.29 5.23
N VAL E 98 0.42 -17.83 5.81
CA VAL E 98 -0.83 -18.52 5.61
C VAL E 98 -1.26 -18.56 4.15
N GLU E 99 -1.15 -17.44 3.42
CA GLU E 99 -1.50 -17.45 1.98
C GLU E 99 -0.68 -18.52 1.21
N GLU E 100 0.61 -18.62 1.52
CA GLU E 100 1.41 -19.65 0.84
C GLU E 100 0.97 -21.06 1.24
N ALA E 101 0.57 -21.24 2.50
CA ALA E 101 0.04 -22.54 2.99
C ALA E 101 -1.20 -22.98 2.20
N VAL E 102 -2.11 -22.03 1.93
CA VAL E 102 -3.25 -22.27 1.04
C VAL E 102 -2.80 -22.79 -0.33
N SER E 103 -1.80 -22.13 -0.92
CA SER E 103 -1.35 -22.51 -2.27
C SER E 103 -0.73 -23.92 -2.27
N LEU E 104 -0.13 -24.29 -1.13
CA LEU E 104 0.51 -25.60 -0.95
C LEU E 104 -0.46 -26.75 -0.60
N GLY E 105 -1.74 -26.44 -0.38
CA GLY E 105 -2.80 -27.46 -0.23
C GLY E 105 -3.19 -27.73 1.22
N ALA E 106 -2.79 -26.86 2.15
CA ALA E 106 -3.09 -27.08 3.55
C ALA E 106 -4.59 -26.93 3.82
N SER E 107 -5.11 -27.71 4.79
CA SER E 107 -6.48 -27.58 5.32
C SER E 107 -6.49 -26.89 6.70
N ALA E 108 -5.29 -26.67 7.25
CA ALA E 108 -5.08 -25.99 8.53
C ALA E 108 -3.64 -25.53 8.61
N VAL E 109 -3.39 -24.55 9.46
CA VAL E 109 -2.03 -24.17 9.73
C VAL E 109 -1.65 -24.41 11.18
N GLY E 110 -0.36 -24.59 11.43
CA GLY E 110 0.15 -24.84 12.78
C GLY E 110 1.24 -23.88 13.19
N TYR E 111 1.31 -23.61 14.48
CA TYR E 111 2.32 -22.65 14.98
C TYR E 111 2.66 -22.98 16.42
N THR E 112 3.97 -23.02 16.70
CA THR E 112 4.42 -23.24 18.08
C THR E 112 4.65 -21.95 18.87
N ILE E 113 4.15 -21.93 20.11
CA ILE E 113 4.51 -20.89 21.05
C ILE E 113 5.22 -21.52 22.24
N TYR E 114 6.11 -20.75 22.89
CA TYR E 114 6.82 -21.13 24.10
C TYR E 114 6.53 -20.08 25.21
N PRO E 115 5.36 -20.17 25.83
CA PRO E 115 5.03 -19.31 26.98
C PRO E 115 6.13 -19.39 28.06
N GLY E 116 6.49 -18.24 28.62
CA GLY E 116 7.60 -18.18 29.60
C GLY E 116 8.92 -17.74 28.97
N SER E 117 9.13 -18.01 27.68
CA SER E 117 10.40 -17.68 27.01
C SER E 117 10.66 -16.18 27.14
N GLY E 118 11.93 -15.79 27.28
CA GLY E 118 12.34 -14.37 27.16
C GLY E 118 11.81 -13.76 25.85
N PHE E 119 11.52 -14.61 24.86
CA PHE E 119 10.94 -14.16 23.58
C PHE E 119 9.44 -14.49 23.45
N GLU E 120 8.72 -14.71 24.55
CA GLU E 120 7.30 -15.07 24.40
C GLU E 120 6.54 -14.00 23.59
N TRP E 121 6.89 -12.73 23.83
CA TRP E 121 6.35 -11.55 23.15
C TRP E 121 6.51 -11.63 21.61
N LYS E 122 7.63 -12.21 21.15
CA LYS E 122 7.94 -12.25 19.73
C LYS E 122 7.03 -13.26 19.01
N MET E 123 6.83 -14.42 19.63
CA MET E 123 5.91 -15.37 19.15
C MET E 123 4.44 -14.91 19.25
N PHE E 124 4.03 -14.26 20.35
CA PHE E 124 2.62 -13.75 20.46
C PHE E 124 2.31 -12.70 19.39
N GLU E 125 3.25 -11.84 19.14
CA GLU E 125 3.12 -10.79 18.11
C GLU E 125 2.93 -11.39 16.71
N GLU E 126 3.75 -12.37 16.35
CA GLU E 126 3.64 -13.02 15.05
C GLU E 126 2.37 -13.90 14.97
N LEU E 127 2.09 -14.69 16.02
CA LEU E 127 0.82 -15.44 16.07
C LEU E 127 -0.40 -14.52 15.82
N ALA E 128 -0.38 -13.29 16.31
CA ALA E 128 -1.49 -12.38 16.06
C ALA E 128 -1.73 -12.18 14.57
N ARG E 129 -0.62 -12.05 13.81
CA ARG E 129 -0.73 -11.83 12.37
CA ARG E 129 -0.68 -11.85 12.36
C ARG E 129 -1.20 -13.11 11.67
N ILE E 130 -0.67 -14.24 12.12
CA ILE E 130 -1.07 -15.53 11.53
C ILE E 130 -2.54 -15.84 11.84
N LYS E 131 -2.98 -15.56 13.07
CA LYS E 131 -4.39 -15.73 13.43
C LYS E 131 -5.34 -14.91 12.52
N ARG E 132 -4.98 -13.65 12.29
CA ARG E 132 -5.75 -12.79 11.42
C ARG E 132 -5.83 -13.37 9.98
N ASP E 133 -4.71 -13.91 9.50
CA ASP E 133 -4.68 -14.55 8.18
C ASP E 133 -5.45 -15.86 8.12
N ALA E 134 -5.37 -16.68 9.18
CA ALA E 134 -6.14 -17.91 9.28
C ALA E 134 -7.64 -17.63 9.13
N VAL E 135 -8.13 -16.58 9.81
CA VAL E 135 -9.54 -16.19 9.67
C VAL E 135 -9.85 -15.72 8.24
N LYS E 136 -8.96 -14.89 7.71
CA LYS E 136 -9.14 -14.33 6.37
C LYS E 136 -9.22 -15.45 5.30
N PHE E 137 -8.30 -16.41 5.39
CA PHE E 137 -8.27 -17.53 4.44
C PHE E 137 -9.16 -18.72 4.84
N ASP E 138 -9.88 -18.60 5.96
CA ASP E 138 -10.77 -19.66 6.49
C ASP E 138 -10.01 -20.99 6.67
N LEU E 139 -8.78 -20.96 7.18
CA LEU E 139 -8.03 -22.16 7.57
C LEU E 139 -7.95 -22.21 9.12
N PRO E 140 -8.30 -23.38 9.74
CA PRO E 140 -8.20 -23.50 11.20
C PRO E 140 -6.76 -23.33 11.68
N LEU E 141 -6.60 -22.66 12.80
CA LEU E 141 -5.26 -22.46 13.39
C LEU E 141 -5.02 -23.44 14.51
N VAL E 142 -3.97 -24.24 14.38
CA VAL E 142 -3.61 -25.23 15.40
C VAL E 142 -2.37 -24.76 16.13
N VAL E 143 -2.48 -24.56 17.44
CA VAL E 143 -1.33 -24.05 18.22
C VAL E 143 -0.70 -25.14 19.04
N TRP E 144 0.61 -25.31 18.82
CA TRP E 144 1.46 -26.16 19.66
C TRP E 144 1.84 -25.25 20.82
N SER E 145 1.39 -25.57 22.01
CA SER E 145 1.58 -24.68 23.15
C SER E 145 2.50 -25.36 24.15
N PHE E 146 3.77 -24.95 24.13
CA PHE E 146 4.84 -25.68 24.84
C PHE E 146 5.61 -24.68 25.77
N PRO E 147 5.08 -24.40 26.98
CA PRO E 147 5.81 -23.51 27.90
C PRO E 147 7.27 -23.96 28.02
N ARG E 148 8.17 -23.00 27.95
CA ARG E 148 9.60 -23.32 27.93
C ARG E 148 10.38 -22.03 28.08
N GLY E 149 11.42 -22.08 28.92
CA GLY E 149 12.18 -20.90 29.26
C GLY E 149 11.53 -20.21 30.45
N GLY E 150 12.04 -19.04 30.82
CA GLY E 150 11.55 -18.37 32.03
C GLY E 150 11.59 -19.27 33.27
N LYS E 151 10.46 -19.32 33.98
CA LYS E 151 10.36 -20.02 35.25
C LYS E 151 10.01 -21.51 35.05
N VAL E 152 9.86 -21.96 33.81
CA VAL E 152 9.44 -23.34 33.54
C VAL E 152 10.58 -24.29 33.86
N VAL E 153 10.32 -25.24 34.76
CA VAL E 153 11.34 -26.24 35.11
C VAL E 153 10.89 -27.68 34.88
N ASN E 154 9.60 -27.88 34.65
CA ASN E 154 9.05 -29.20 34.41
C ASN E 154 7.86 -28.99 33.48
N GLU E 155 8.11 -29.21 32.20
CA GLU E 155 7.12 -28.99 31.15
C GLU E 155 5.91 -29.92 31.23
N THR E 156 6.02 -31.03 31.94
CA THR E 156 4.86 -31.91 32.07
C THR E 156 4.16 -31.78 33.44
N ALA E 157 4.55 -30.81 34.28
CA ALA E 157 3.82 -30.57 35.54
C ALA E 157 2.36 -30.20 35.24
N PRO E 158 1.42 -30.70 36.08
CA PRO E 158 -0.03 -30.43 35.90
C PRO E 158 -0.36 -28.95 35.66
N GLU E 159 0.18 -28.04 36.47
CA GLU E 159 -0.14 -26.65 36.35
C GLU E 159 0.51 -26.01 35.12
N ILE E 160 1.61 -26.58 34.66
CA ILE E 160 2.25 -26.05 33.44
C ILE E 160 1.43 -26.46 32.20
N VAL E 161 1.00 -27.73 32.16
CA VAL E 161 0.21 -28.20 30.99
C VAL E 161 -1.17 -27.49 30.95
N ALA E 162 -1.85 -27.39 32.11
CA ALA E 162 -3.10 -26.60 32.18
C ALA E 162 -2.88 -25.15 31.72
N TYR E 163 -1.77 -24.53 32.14
CA TYR E 163 -1.43 -23.17 31.68
C TYR E 163 -1.28 -23.12 30.17
N ALA E 164 -0.55 -24.10 29.63
CA ALA E 164 -0.34 -24.22 28.18
C ALA E 164 -1.68 -24.25 27.41
N ALA E 165 -2.57 -25.11 27.85
CA ALA E 165 -3.91 -25.25 27.27
C ALA E 165 -4.69 -23.90 27.30
N ARG E 166 -4.73 -23.27 28.48
CA ARG E 166 -5.52 -22.05 28.65
C ARG E 166 -5.01 -20.93 27.73
N ILE E 167 -3.69 -20.73 27.69
CA ILE E 167 -3.07 -19.72 26.79
C ILE E 167 -3.49 -19.93 25.34
N ALA E 168 -3.47 -21.18 24.89
CA ALA E 168 -3.85 -21.47 23.51
C ALA E 168 -5.28 -21.06 23.24
N LEU E 169 -6.16 -21.32 24.21
CA LEU E 169 -7.55 -20.85 24.10
C LEU E 169 -7.61 -19.33 24.03
N GLU E 170 -6.87 -18.68 24.93
CA GLU E 170 -6.96 -17.23 25.10
C GLU E 170 -6.46 -16.50 23.84
N LEU E 171 -5.45 -17.07 23.19
CA LEU E 171 -4.83 -16.44 22.02
C LEU E 171 -5.58 -16.68 20.69
N GLY E 172 -6.61 -17.52 20.71
CA GLY E 172 -7.46 -17.73 19.52
C GLY E 172 -7.26 -19.02 18.71
N SER E 173 -6.56 -20.00 19.26
CA SER E 173 -6.37 -21.27 18.54
C SER E 173 -7.73 -21.91 18.25
N ASP E 174 -7.82 -22.64 17.15
CA ASP E 174 -9.04 -23.41 16.86
C ASP E 174 -8.92 -24.88 17.29
N ALA E 175 -7.67 -25.34 17.44
CA ALA E 175 -7.33 -26.62 18.05
C ALA E 175 -5.94 -26.44 18.61
N MET E 176 -5.55 -27.32 19.54
CA MET E 176 -4.23 -27.16 20.15
C MET E 176 -3.52 -28.49 20.39
N LYS E 177 -2.21 -28.43 20.59
CA LYS E 177 -1.39 -29.60 20.89
C LYS E 177 -0.60 -29.24 22.11
N ILE E 178 -0.72 -30.08 23.14
CA ILE E 178 0.03 -29.86 24.38
C ILE E 178 0.69 -31.15 24.83
N LYS E 179 1.66 -31.03 25.74
CA LYS E 179 2.30 -32.20 26.36
C LYS E 179 1.38 -32.91 27.35
N TYR E 180 1.57 -34.22 27.48
CA TYR E 180 0.80 -35.03 28.42
C TYR E 180 1.38 -34.97 29.83
N THR E 181 0.51 -34.89 30.84
CA THR E 181 0.96 -34.86 32.24
C THR E 181 1.37 -36.22 32.81
N GLY E 182 1.06 -37.30 32.08
CA GLY E 182 1.34 -38.65 32.59
C GLY E 182 0.17 -39.28 33.32
N ASP E 183 -0.93 -38.54 33.49
CA ASP E 183 -2.12 -39.13 34.10
C ASP E 183 -3.42 -38.46 33.71
N PRO E 184 -4.50 -39.26 33.63
CA PRO E 184 -5.77 -38.69 33.16
C PRO E 184 -6.42 -37.62 34.08
N LYS E 185 -6.35 -37.76 35.40
CA LYS E 185 -6.98 -36.72 36.28
C LYS E 185 -6.40 -35.30 36.05
N THR E 186 -5.08 -35.16 36.09
CA THR E 186 -4.45 -33.85 35.89
C THR E 186 -4.54 -33.39 34.46
N PHE E 187 -4.48 -34.32 33.51
CA PHE E 187 -4.69 -33.95 32.12
C PHE E 187 -6.13 -33.50 31.83
N SER E 188 -7.13 -34.03 32.53
CA SER E 188 -8.53 -33.59 32.30
C SER E 188 -8.75 -32.14 32.73
N TRP E 189 -8.00 -31.67 33.74
CA TRP E 189 -8.00 -30.24 34.10
C TRP E 189 -7.55 -29.33 32.93
N ALA E 190 -6.51 -29.73 32.20
CA ALA E 190 -6.08 -29.00 30.99
C ALA E 190 -7.14 -29.03 29.90
N VAL E 191 -7.75 -30.20 29.73
CA VAL E 191 -8.79 -30.36 28.76
C VAL E 191 -9.96 -29.45 29.14
N LYS E 192 -10.35 -29.44 30.43
CA LYS E 192 -11.43 -28.55 30.89
C LYS E 192 -11.15 -27.05 30.63
N VAL E 193 -9.94 -26.57 30.98
CA VAL E 193 -9.66 -25.14 30.88
C VAL E 193 -9.54 -24.66 29.42
N ALA E 194 -9.26 -25.60 28.51
CA ALA E 194 -9.26 -25.31 27.08
C ALA E 194 -10.70 -25.07 26.55
N GLY E 195 -11.71 -25.44 27.34
CA GLY E 195 -13.13 -25.21 27.01
C GLY E 195 -13.54 -25.81 25.66
N LYS E 196 -14.08 -24.97 24.77
CA LYS E 196 -14.59 -25.40 23.44
C LYS E 196 -13.51 -25.76 22.41
N VAL E 197 -12.25 -25.43 22.69
CA VAL E 197 -11.16 -25.79 21.77
C VAL E 197 -10.63 -27.22 22.05
N PRO E 198 -10.62 -28.09 21.02
CA PRO E 198 -10.19 -29.50 21.23
C PRO E 198 -8.68 -29.62 21.46
N VAL E 199 -8.29 -30.60 22.29
CA VAL E 199 -6.91 -30.82 22.71
C VAL E 199 -6.36 -32.09 22.06
N LEU E 200 -5.19 -31.97 21.43
CA LEU E 200 -4.40 -33.12 20.93
C LEU E 200 -3.16 -33.36 21.81
N MET E 201 -2.90 -34.61 22.18
CA MET E 201 -1.69 -34.94 22.96
C MET E 201 -0.49 -34.99 22.01
N SER E 202 0.57 -34.27 22.36
CA SER E 202 1.85 -34.42 21.71
C SER E 202 2.45 -35.79 22.11
N GLY E 203 2.80 -36.61 21.14
CA GLY E 203 3.23 -37.99 21.40
C GLY E 203 4.52 -38.15 22.23
N GLY E 204 5.54 -37.33 21.94
CA GLY E 204 6.81 -37.32 22.71
C GLY E 204 7.86 -38.36 22.29
N PRO E 205 9.02 -38.38 22.99
CA PRO E 205 10.04 -39.37 22.68
C PRO E 205 9.46 -40.78 22.64
N LYS E 206 10.06 -41.62 21.80
CA LYS E 206 9.67 -43.01 21.71
C LYS E 206 9.69 -43.71 23.09
N THR E 207 8.55 -44.31 23.46
CA THR E 207 8.44 -44.94 24.79
C THR E 207 9.22 -46.25 24.80
N LYS E 208 9.56 -46.72 26.00
CA LYS E 208 10.33 -47.95 26.16
C LYS E 208 9.63 -49.17 25.54
N THR E 209 8.32 -49.29 25.74
CA THR E 209 7.53 -50.35 25.13
C THR E 209 6.32 -49.72 24.42
N GLU E 210 5.74 -50.46 23.46
CA GLU E 210 4.51 -50.03 22.79
C GLU E 210 3.36 -49.88 23.78
N GLU E 211 3.29 -50.81 24.73
CA GLU E 211 2.28 -50.75 25.79
C GLU E 211 2.32 -49.46 26.61
N ASP E 212 3.53 -48.95 26.92
CA ASP E 212 3.70 -47.69 27.66
C ASP E 212 3.00 -46.55 26.91
N PHE E 213 3.19 -46.50 25.58
CA PHE E 213 2.48 -45.51 24.77
C PHE E 213 0.97 -45.72 24.73
N LEU E 214 0.55 -46.95 24.48
CA LEU E 214 -0.90 -47.25 24.41
C LEU E 214 -1.59 -46.77 25.70
N LYS E 215 -1.00 -47.08 26.85
CA LYS E 215 -1.51 -46.65 28.17
C LYS E 215 -1.59 -45.12 28.33
N GLN E 216 -0.61 -44.39 27.77
CA GLN E 216 -0.66 -42.92 27.78
C GLN E 216 -1.84 -42.45 26.94
N VAL E 217 -1.97 -43.02 25.74
CA VAL E 217 -3.08 -42.69 24.84
C VAL E 217 -4.46 -42.95 25.50
N GLU E 218 -4.61 -44.08 26.20
CA GLU E 218 -5.83 -44.38 26.94
C GLU E 218 -6.15 -43.27 27.94
N GLY E 219 -5.14 -42.84 28.70
CA GLY E 219 -5.27 -41.73 29.64
C GLY E 219 -5.73 -40.41 29.02
N VAL E 220 -5.13 -40.05 27.88
CA VAL E 220 -5.49 -38.86 27.11
C VAL E 220 -6.97 -38.92 26.71
N LEU E 221 -7.39 -40.07 26.19
CA LEU E 221 -8.78 -40.28 25.83
C LEU E 221 -9.68 -40.24 27.07
N GLU E 222 -9.26 -40.89 28.15
CA GLU E 222 -9.98 -40.78 29.44
C GLU E 222 -10.19 -39.33 29.89
N ALA E 223 -9.17 -38.49 29.73
CA ALA E 223 -9.22 -37.11 30.15
C ALA E 223 -10.14 -36.28 29.25
N GLY E 224 -10.61 -36.87 28.16
CA GLY E 224 -11.52 -36.14 27.26
C GLY E 224 -10.83 -35.41 26.13
N ALA E 225 -9.56 -35.70 25.90
CA ALA E 225 -8.90 -35.06 24.75
C ALA E 225 -9.49 -35.58 23.42
N LEU E 226 -9.31 -34.79 22.37
CA LEU E 226 -9.75 -35.15 21.03
C LEU E 226 -8.95 -36.34 20.43
N GLY E 227 -7.67 -36.43 20.78
CA GLY E 227 -6.81 -37.49 20.23
C GLY E 227 -5.34 -37.11 20.33
N ILE E 228 -4.57 -37.52 19.32
CA ILE E 228 -3.12 -37.41 19.43
C ILE E 228 -2.45 -36.84 18.18
N ALA E 229 -1.34 -36.13 18.38
CA ALA E 229 -0.54 -35.68 17.26
C ALA E 229 0.77 -36.41 17.49
N VAL E 230 0.99 -37.48 16.74
CA VAL E 230 2.07 -38.40 17.06
C VAL E 230 3.09 -38.48 15.93
N GLY E 231 4.37 -38.51 16.31
CA GLY E 231 5.46 -38.65 15.35
C GLY E 231 6.33 -39.85 15.65
N ARG E 232 7.30 -39.66 16.54
CA ARG E 232 8.27 -40.75 16.82
C ARG E 232 7.68 -42.08 17.24
N ASN E 233 6.66 -42.04 18.11
CA ASN E 233 6.04 -43.28 18.60
C ASN E 233 5.31 -44.06 17.53
N VAL E 234 5.14 -43.48 16.36
CA VAL E 234 4.79 -44.26 15.17
C VAL E 234 6.03 -44.51 14.26
N TRP E 235 6.56 -43.48 13.60
CA TRP E 235 7.56 -43.68 12.54
C TRP E 235 8.98 -44.01 13.00
N GLN E 236 9.29 -43.86 14.30
CA GLN E 236 10.55 -44.43 14.81
C GLN E 236 10.51 -45.93 15.10
N ARG E 237 9.37 -46.57 14.80
CA ARG E 237 9.23 -48.02 15.02
C ARG E 237 9.34 -48.75 13.69
N ARG E 238 10.12 -49.84 13.68
CA ARG E 238 10.25 -50.70 12.49
C ARG E 238 8.94 -51.42 12.13
N ASP E 239 8.06 -51.58 13.12
CA ASP E 239 6.70 -52.06 12.91
C ASP E 239 5.72 -50.88 12.90
N ALA E 240 6.13 -49.76 12.26
CA ALA E 240 5.34 -48.51 12.26
C ALA E 240 3.89 -48.72 11.88
N LEU E 241 3.64 -49.43 10.76
CA LEU E 241 2.28 -49.58 10.26
C LEU E 241 1.40 -50.46 11.18
N LYS E 242 1.93 -51.62 11.60
CA LYS E 242 1.22 -52.49 12.56
C LYS E 242 0.79 -51.72 13.82
N PHE E 243 1.74 -50.98 14.40
CA PHE E 243 1.46 -50.19 15.60
C PHE E 243 0.51 -49.02 15.33
N ALA E 244 0.67 -48.35 14.19
CA ALA E 244 -0.20 -47.24 13.79
C ALA E 244 -1.66 -47.73 13.71
N ARG E 245 -1.83 -48.91 13.12
CA ARG E 245 -3.14 -49.56 13.09
C ARG E 245 -3.73 -49.87 14.48
N ALA E 246 -2.88 -50.28 15.42
CA ALA E 246 -3.37 -50.52 16.79
C ALA E 246 -3.81 -49.20 17.46
N LEU E 247 -3.09 -48.12 17.18
CA LEU E 247 -3.47 -46.79 17.71
C LEU E 247 -4.82 -46.33 17.15
N ALA E 248 -5.01 -46.54 15.84
CA ALA E 248 -6.28 -46.21 15.15
C ALA E 248 -7.46 -46.92 15.85
N GLU E 249 -7.34 -48.23 16.10
CA GLU E 249 -8.41 -48.95 16.78
C GLU E 249 -8.64 -48.42 18.20
N LEU E 250 -7.58 -48.08 18.93
CA LEU E 250 -7.73 -47.55 20.29
C LEU E 250 -8.50 -46.23 20.26
N VAL E 251 -8.03 -45.31 19.41
CA VAL E 251 -8.53 -43.93 19.34
C VAL E 251 -9.94 -43.86 18.71
N TYR E 252 -10.12 -44.47 17.53
CA TYR E 252 -11.42 -44.45 16.85
C TYR E 252 -12.39 -45.48 17.41
N GLY E 253 -11.84 -46.60 17.87
CA GLY E 253 -12.65 -47.70 18.40
C GLY E 253 -13.34 -47.39 19.70
N GLY E 254 -12.65 -46.66 20.57
CA GLY E 254 -13.22 -46.12 21.81
C GLY E 254 -13.44 -47.06 23.01
N LYS E 255 -12.68 -48.15 23.06
CA LYS E 255 -12.87 -49.18 24.13
C LYS E 255 -11.66 -49.29 25.08
N LYS E 256 -11.93 -49.75 26.31
CA LYS E 256 -10.94 -49.75 27.41
C LYS E 256 -9.91 -50.88 27.31
N LEU E 257 -8.80 -50.57 26.64
CA LEU E 257 -7.63 -51.47 26.50
C LEU E 257 -7.82 -52.88 27.07
N ASN F 3 18.79 -7.91 -22.40
CA ASN F 3 18.10 -7.28 -23.53
C ASN F 3 16.96 -8.26 -23.82
N LEU F 4 15.69 -7.81 -23.69
CA LEU F 4 14.57 -8.73 -23.90
C LEU F 4 14.34 -9.18 -25.37
N THR F 5 14.77 -8.39 -26.34
CA THR F 5 14.79 -8.89 -27.73
C THR F 5 15.76 -10.06 -27.88
N GLU F 6 16.94 -9.91 -27.30
CA GLU F 6 17.93 -10.99 -27.35
C GLU F 6 17.41 -12.27 -26.70
N LYS F 7 16.78 -12.12 -25.52
CA LYS F 7 16.13 -13.21 -24.84
C LYS F 7 15.02 -13.90 -25.69
N PHE F 8 14.19 -13.09 -26.33
CA PHE F 8 13.13 -13.60 -27.21
C PHE F 8 13.74 -14.40 -28.38
N LEU F 9 14.79 -13.85 -29.01
CA LEU F 9 15.51 -14.54 -30.08
C LEU F 9 16.16 -15.87 -29.65
N ARG F 10 16.78 -15.88 -28.46
CA ARG F 10 17.37 -17.07 -27.85
C ARG F 10 16.33 -18.20 -27.68
N ILE F 11 15.14 -17.87 -27.20
CA ILE F 11 14.11 -18.86 -26.93
C ILE F 11 13.30 -19.23 -28.19
N PHE F 12 12.88 -18.22 -28.95
CA PHE F 12 11.91 -18.42 -30.03
C PHE F 12 12.51 -18.40 -31.45
N ALA F 13 13.81 -18.13 -31.58
CA ALA F 13 14.47 -18.06 -32.88
C ALA F 13 15.89 -18.65 -32.88
N ARG F 14 16.08 -19.74 -32.12
CA ARG F 14 17.42 -20.30 -31.92
C ARG F 14 18.06 -20.68 -33.25
N ARG F 15 17.26 -21.04 -34.25
CA ARG F 15 17.77 -21.40 -35.60
C ARG F 15 18.03 -20.18 -36.53
N GLY F 16 17.71 -18.96 -36.07
CA GLY F 16 17.90 -17.73 -36.88
C GLY F 16 16.60 -17.14 -37.40
N LYS F 17 15.58 -17.99 -37.51
CA LYS F 17 14.24 -17.60 -37.96
C LYS F 17 13.24 -18.29 -37.02
N SER F 18 11.96 -17.95 -37.14
CA SER F 18 10.97 -18.37 -36.14
C SER F 18 9.63 -18.80 -36.73
N ILE F 19 9.07 -19.86 -36.16
CA ILE F 19 7.69 -20.20 -36.42
C ILE F 19 7.00 -20.37 -35.08
N ILE F 20 5.95 -19.57 -34.86
CA ILE F 20 5.14 -19.67 -33.66
C ILE F 20 3.75 -20.18 -34.04
N LEU F 21 3.26 -21.19 -33.32
CA LEU F 21 1.92 -21.72 -33.58
C LEU F 21 0.87 -20.98 -32.75
N ALA F 22 0.07 -20.15 -33.43
CA ALA F 22 -0.90 -19.28 -32.79
C ALA F 22 -2.20 -20.03 -32.44
N TYR F 23 -2.72 -19.83 -31.23
CA TYR F 23 -3.90 -20.57 -30.78
C TYR F 23 -4.76 -19.82 -29.75
N ASP F 24 -4.87 -18.50 -29.97
CA ASP F 24 -5.79 -17.65 -29.20
C ASP F 24 -7.19 -17.58 -29.86
N HIS F 25 -7.39 -18.35 -30.93
CA HIS F 25 -8.59 -18.25 -31.78
C HIS F 25 -9.89 -18.61 -31.07
N GLY F 26 -9.77 -19.50 -30.09
CA GLY F 26 -10.92 -19.94 -29.32
C GLY F 26 -11.73 -18.75 -28.77
N ILE F 27 -11.05 -17.71 -28.27
CA ILE F 27 -11.76 -16.49 -27.83
C ILE F 27 -11.95 -15.49 -28.98
N GLU F 28 -10.89 -15.27 -29.77
CA GLU F 28 -10.94 -14.27 -30.83
C GLU F 28 -12.03 -14.52 -31.87
N HIS F 29 -12.14 -15.76 -32.37
CA HIS F 29 -13.09 -16.10 -33.42
C HIS F 29 -14.13 -17.13 -33.00
N GLY F 30 -13.80 -17.92 -31.98
CA GLY F 30 -14.68 -18.97 -31.50
C GLY F 30 -14.45 -20.28 -32.23
N PRO F 31 -15.21 -21.31 -31.86
CA PRO F 31 -15.05 -22.69 -32.35
C PRO F 31 -15.38 -22.92 -33.82
N ALA F 32 -15.95 -21.94 -34.54
CA ALA F 32 -16.12 -22.09 -36.00
C ALA F 32 -14.76 -22.31 -36.69
N ASP F 33 -13.70 -21.68 -36.16
CA ASP F 33 -12.34 -21.90 -36.67
C ASP F 33 -11.96 -23.43 -36.70
N PHE F 34 -12.60 -24.22 -35.83
CA PHE F 34 -12.21 -25.63 -35.55
C PHE F 34 -13.04 -26.68 -36.27
N MET F 35 -14.11 -26.27 -36.96
CA MET F 35 -14.94 -27.21 -37.76
C MET F 35 -14.17 -27.90 -38.91
N ASP F 36 -13.27 -27.18 -39.57
CA ASP F 36 -12.51 -27.72 -40.73
C ASP F 36 -11.65 -28.96 -40.41
N ASN F 37 -10.98 -28.92 -39.27
CA ASN F 37 -10.16 -30.01 -38.78
C ASN F 37 -10.43 -30.13 -37.27
N PRO F 38 -11.41 -30.98 -36.89
CA PRO F 38 -12.03 -30.97 -35.54
C PRO F 38 -11.04 -31.19 -34.40
N ASP F 39 -10.02 -32.01 -34.65
CA ASP F 39 -8.87 -32.18 -33.74
C ASP F 39 -8.32 -30.84 -33.22
N SER F 40 -8.44 -29.78 -34.02
CA SER F 40 -7.81 -28.51 -33.68
C SER F 40 -8.51 -27.82 -32.50
N ALA F 41 -9.71 -28.29 -32.12
CA ALA F 41 -10.41 -27.86 -30.91
C ALA F 41 -9.75 -28.34 -29.61
N ASP F 42 -8.87 -29.32 -29.73
CA ASP F 42 -8.18 -29.93 -28.59
C ASP F 42 -6.76 -29.34 -28.44
N PRO F 43 -6.52 -28.59 -27.33
CA PRO F 43 -5.18 -27.99 -27.10
C PRO F 43 -4.03 -29.04 -27.00
N GLU F 44 -4.33 -30.28 -26.62
CA GLU F 44 -3.29 -31.32 -26.58
C GLU F 44 -2.77 -31.62 -27.99
N TYR F 45 -3.70 -31.61 -28.95
CA TYR F 45 -3.39 -31.80 -30.36
C TYR F 45 -2.47 -30.68 -30.90
N ILE F 46 -2.76 -29.44 -30.49
CA ILE F 46 -1.98 -28.26 -30.87
C ILE F 46 -0.54 -28.36 -30.35
N LEU F 47 -0.39 -28.71 -29.07
CA LEU F 47 0.95 -28.95 -28.50
C LEU F 47 1.71 -30.06 -29.20
N ARG F 48 1.07 -31.21 -29.49
CA ARG F 48 1.76 -32.31 -30.17
C ARG F 48 2.24 -31.84 -31.55
N LEU F 49 1.38 -31.09 -32.22
CA LEU F 49 1.62 -30.55 -33.54
C LEU F 49 2.88 -29.65 -33.55
N ALA F 50 2.93 -28.68 -32.67
CA ALA F 50 4.08 -27.79 -32.54
C ALA F 50 5.38 -28.54 -32.29
N ARG F 51 5.31 -29.53 -31.39
CA ARG F 51 6.45 -30.36 -31.06
C ARG F 51 6.89 -31.15 -32.29
N ASP F 52 5.97 -31.88 -32.91
CA ASP F 52 6.33 -32.78 -34.00
C ASP F 52 6.82 -32.03 -35.23
N ALA F 53 6.38 -30.80 -35.43
CA ALA F 53 6.82 -30.04 -36.60
C ALA F 53 8.12 -29.28 -36.33
N GLY F 54 8.55 -29.26 -35.06
CA GLY F 54 9.78 -28.59 -34.66
C GLY F 54 9.66 -27.07 -34.55
N PHE F 55 8.46 -26.59 -34.19
CA PHE F 55 8.21 -25.17 -34.15
C PHE F 55 8.82 -24.59 -32.87
N ASP F 56 8.93 -23.27 -32.84
CA ASP F 56 9.60 -22.58 -31.73
C ASP F 56 8.72 -22.25 -30.55
N GLY F 57 7.41 -22.13 -30.76
CA GLY F 57 6.56 -21.67 -29.67
C GLY F 57 5.08 -21.87 -29.97
N VAL F 58 4.26 -21.69 -28.94
CA VAL F 58 2.81 -21.72 -29.06
C VAL F 58 2.27 -20.48 -28.35
N VAL F 59 1.13 -19.99 -28.81
CA VAL F 59 0.43 -18.88 -28.16
C VAL F 59 -0.89 -19.33 -27.55
N PHE F 60 -1.03 -19.19 -26.21
CA PHE F 60 -2.26 -19.54 -25.51
C PHE F 60 -2.77 -18.36 -24.68
N GLN F 61 -4.08 -18.27 -24.55
CA GLN F 61 -4.73 -17.44 -23.52
C GLN F 61 -4.54 -18.15 -22.16
N ARG F 62 -4.77 -17.44 -21.05
CA ARG F 62 -4.53 -17.98 -19.68
C ARG F 62 -5.28 -19.29 -19.37
N GLY F 63 -6.53 -19.42 -19.84
CA GLY F 63 -7.34 -20.60 -19.51
C GLY F 63 -6.77 -21.87 -20.14
N ILE F 64 -6.33 -21.77 -21.39
CA ILE F 64 -5.71 -22.88 -22.10
C ILE F 64 -4.36 -23.17 -21.48
N ALA F 65 -3.57 -22.14 -21.19
CA ALA F 65 -2.29 -22.38 -20.53
C ALA F 65 -2.43 -23.10 -19.17
N GLU F 66 -3.36 -22.63 -18.33
CA GLU F 66 -3.57 -23.24 -17.01
C GLU F 66 -3.99 -24.72 -17.10
N LYS F 67 -4.91 -25.02 -18.01
CA LYS F 67 -5.46 -26.36 -18.10
C LYS F 67 -4.62 -27.32 -18.93
N TYR F 68 -3.83 -26.80 -19.87
CA TYR F 68 -3.19 -27.71 -20.83
C TYR F 68 -1.68 -27.61 -20.96
N TYR F 69 -1.11 -26.45 -20.64
CA TYR F 69 0.30 -26.27 -20.93
C TYR F 69 1.15 -27.23 -20.13
N ASP F 70 2.05 -27.94 -20.82
CA ASP F 70 2.85 -28.96 -20.16
C ASP F 70 4.35 -28.70 -20.25
N GLY F 71 4.77 -27.51 -20.69
CA GLY F 71 6.21 -27.19 -20.73
C GLY F 71 6.95 -27.69 -21.96
N SER F 72 6.25 -28.35 -22.87
CA SER F 72 6.91 -29.11 -23.94
C SER F 72 7.44 -28.25 -25.08
N VAL F 73 6.93 -27.03 -25.20
CA VAL F 73 7.28 -26.07 -26.25
C VAL F 73 7.20 -24.68 -25.57
N PRO F 74 8.10 -23.73 -25.91
CA PRO F 74 8.03 -22.42 -25.23
C PRO F 74 6.71 -21.67 -25.45
N LEU F 75 6.25 -21.00 -24.39
CA LEU F 75 4.91 -20.43 -24.36
C LEU F 75 4.91 -18.91 -24.40
N ILE F 76 4.11 -18.35 -25.30
CA ILE F 76 3.73 -16.91 -25.25
C ILE F 76 2.31 -16.84 -24.70
N LEU F 77 2.16 -16.22 -23.53
CA LEU F 77 0.85 -16.07 -22.95
C LEU F 77 0.26 -14.79 -23.52
N LYS F 78 -0.79 -14.95 -24.33
CA LYS F 78 -1.56 -13.84 -24.91
C LYS F 78 -2.49 -13.27 -23.80
N LEU F 79 -2.17 -12.06 -23.35
CA LEU F 79 -2.76 -11.50 -22.11
C LEU F 79 -4.18 -10.92 -22.31
N ASN F 80 -4.43 -10.33 -23.47
CA ASN F 80 -5.78 -9.77 -23.78
C ASN F 80 -6.57 -10.59 -24.82
N GLY F 81 -7.90 -10.53 -24.78
CA GLY F 81 -8.68 -11.23 -25.82
C GLY F 81 -9.99 -10.52 -25.95
N LYS F 82 -10.49 -10.44 -27.18
CA LYS F 82 -11.87 -9.99 -27.42
C LYS F 82 -12.58 -11.01 -28.31
N THR F 83 -13.87 -10.79 -28.52
CA THR F 83 -14.62 -11.70 -29.37
C THR F 83 -15.05 -11.02 -30.68
N THR F 84 -15.41 -11.82 -31.68
CA THR F 84 -15.98 -11.25 -32.94
C THR F 84 -17.44 -10.90 -32.77
N LEU F 85 -18.04 -11.34 -31.67
CA LEU F 85 -19.45 -11.02 -31.39
C LEU F 85 -19.61 -9.53 -31.07
N TYR F 86 -18.49 -8.93 -30.66
CA TYR F 86 -18.44 -7.53 -30.24
C TYR F 86 -18.52 -6.61 -31.46
N ASN F 87 -19.29 -5.54 -31.32
CA ASN F 87 -19.61 -4.57 -32.37
C ASN F 87 -19.11 -3.14 -32.16
N GLY F 88 -18.61 -2.82 -30.98
CA GLY F 88 -18.10 -1.45 -30.74
C GLY F 88 -16.75 -1.09 -31.39
N GLU F 89 -16.22 0.06 -30.99
CA GLU F 89 -14.83 0.44 -31.31
C GLU F 89 -13.93 -0.68 -30.82
N PRO F 90 -13.04 -1.17 -31.70
CA PRO F 90 -12.17 -2.33 -31.41
C PRO F 90 -11.43 -2.16 -30.10
N VAL F 91 -11.57 -3.12 -29.18
CA VAL F 91 -10.84 -3.03 -27.91
C VAL F 91 -10.66 -4.44 -27.36
N SER F 92 -9.54 -4.66 -26.72
CA SER F 92 -9.23 -5.97 -26.13
C SER F 92 -8.50 -5.70 -24.82
N VAL F 93 -9.07 -6.12 -23.70
CA VAL F 93 -8.41 -5.84 -22.40
C VAL F 93 -7.78 -7.09 -21.84
N ALA F 94 -6.79 -6.92 -20.94
CA ALA F 94 -6.10 -8.05 -20.34
C ALA F 94 -7.04 -8.84 -19.40
N ASN F 95 -7.00 -10.16 -19.54
CA ASN F 95 -7.72 -11.03 -18.63
C ASN F 95 -6.73 -11.74 -17.71
N CYS F 96 -5.44 -11.37 -17.82
CA CYS F 96 -4.36 -12.05 -17.07
C CYS F 96 -3.21 -11.05 -16.88
N SER F 97 -2.50 -11.13 -15.74
CA SER F 97 -1.34 -10.27 -15.48
C SER F 97 -0.01 -10.95 -15.93
N VAL F 98 1.04 -10.14 -16.07
CA VAL F 98 2.36 -10.68 -16.31
C VAL F 98 2.78 -11.63 -15.19
N GLU F 99 2.64 -11.21 -13.93
CA GLU F 99 2.93 -12.07 -12.79
C GLU F 99 2.28 -13.45 -12.91
N GLU F 100 0.99 -13.48 -13.24
CA GLU F 100 0.29 -14.74 -13.44
C GLU F 100 0.85 -15.51 -14.64
N ALA F 101 1.18 -14.81 -15.71
CA ALA F 101 1.80 -15.48 -16.89
C ALA F 101 3.07 -16.22 -16.49
N VAL F 102 3.92 -15.57 -15.69
CA VAL F 102 5.14 -16.19 -15.18
C VAL F 102 4.80 -17.48 -14.44
N SER F 103 3.82 -17.39 -13.55
CA SER F 103 3.36 -18.55 -12.78
C SER F 103 2.86 -19.72 -13.68
N LEU F 104 2.38 -19.38 -14.88
CA LEU F 104 1.76 -20.37 -15.77
C LEU F 104 2.82 -20.99 -16.69
N GLY F 105 4.06 -20.50 -16.58
CA GLY F 105 5.18 -21.06 -17.32
C GLY F 105 5.55 -20.35 -18.61
N ALA F 106 4.99 -19.15 -18.86
CA ALA F 106 5.29 -18.36 -20.04
C ALA F 106 6.77 -17.97 -20.13
N SER F 107 7.26 -17.94 -21.37
CA SER F 107 8.57 -17.43 -21.71
C SER F 107 8.51 -16.01 -22.32
N ALA F 108 7.29 -15.55 -22.63
CA ALA F 108 7.03 -14.20 -23.18
C ALA F 108 5.57 -13.90 -22.98
N VAL F 109 5.18 -12.63 -23.08
CA VAL F 109 3.78 -12.26 -23.00
C VAL F 109 3.36 -11.54 -24.27
N GLY F 110 2.07 -11.60 -24.60
CA GLY F 110 1.59 -11.05 -25.85
C GLY F 110 0.43 -10.12 -25.59
N TYR F 111 0.29 -9.08 -26.41
CA TYR F 111 -0.83 -8.15 -26.23
C TYR F 111 -1.16 -7.49 -27.58
N THR F 112 -2.44 -7.41 -27.89
CA THR F 112 -2.92 -6.81 -29.15
C THR F 112 -3.32 -5.35 -28.91
N ILE F 113 -2.81 -4.45 -29.75
CA ILE F 113 -3.32 -3.09 -29.80
C ILE F 113 -4.06 -2.89 -31.16
N TYR F 114 -5.09 -2.02 -31.17
CA TYR F 114 -5.75 -1.61 -32.40
C TYR F 114 -5.57 -0.11 -32.64
N PRO F 115 -4.39 0.28 -33.16
CA PRO F 115 -4.18 1.69 -33.46
C PRO F 115 -5.31 2.31 -34.31
N GLY F 116 -5.76 3.50 -33.94
CA GLY F 116 -6.82 4.18 -34.68
C GLY F 116 -8.20 3.91 -34.11
N SER F 117 -8.37 2.84 -33.34
CA SER F 117 -9.66 2.58 -32.64
C SER F 117 -10.09 3.79 -31.79
N GLY F 118 -11.39 4.08 -31.68
CA GLY F 118 -11.89 5.04 -30.68
C GLY F 118 -11.42 4.71 -29.25
N PHE F 119 -11.05 3.46 -28.99
CA PHE F 119 -10.50 3.05 -27.70
C PHE F 119 -8.98 2.84 -27.79
N GLU F 120 -8.29 3.47 -28.73
CA GLU F 120 -6.85 3.23 -28.81
C GLU F 120 -6.15 3.58 -27.49
N TRP F 121 -6.61 4.65 -26.84
CA TRP F 121 -6.04 5.13 -25.57
C TRP F 121 -6.17 4.09 -24.44
N LYS F 122 -7.26 3.33 -24.43
CA LYS F 122 -7.50 2.33 -23.39
C LYS F 122 -6.45 1.23 -23.49
N MET F 123 -6.15 0.75 -24.71
CA MET F 123 -5.10 -0.23 -24.89
C MET F 123 -3.69 0.34 -24.66
N PHE F 124 -3.45 1.59 -25.03
CA PHE F 124 -2.11 2.18 -24.80
C PHE F 124 -1.86 2.32 -23.30
N GLU F 125 -2.91 2.70 -22.57
CA GLU F 125 -2.82 2.86 -21.11
C GLU F 125 -2.48 1.50 -20.43
N GLU F 126 -3.23 0.48 -20.79
CA GLU F 126 -3.01 -0.82 -20.19
C GLU F 126 -1.68 -1.42 -20.65
N LEU F 127 -1.33 -1.22 -21.93
CA LEU F 127 -0.04 -1.73 -22.43
C LEU F 127 1.15 -1.15 -21.65
N ALA F 128 1.06 0.11 -21.24
CA ALA F 128 2.07 0.72 -20.37
C ALA F 128 2.32 -0.06 -19.08
N ARG F 129 1.25 -0.48 -18.40
CA ARG F 129 1.38 -1.27 -17.18
CA ARG F 129 1.35 -1.30 -17.18
C ARG F 129 2.00 -2.65 -17.48
N ILE F 130 1.56 -3.26 -18.59
CA ILE F 130 2.03 -4.58 -18.99
C ILE F 130 3.53 -4.52 -19.37
N LYS F 131 3.91 -3.46 -20.10
CA LYS F 131 5.31 -3.27 -20.46
C LYS F 131 6.22 -3.17 -19.23
N ARG F 132 5.79 -2.36 -18.26
CA ARG F 132 6.54 -2.16 -17.03
C ARG F 132 6.71 -3.49 -16.26
N ASP F 133 5.64 -4.29 -16.23
CA ASP F 133 5.69 -5.64 -15.63
C ASP F 133 6.58 -6.61 -16.38
N ALA F 134 6.54 -6.57 -17.71
CA ALA F 134 7.38 -7.43 -18.56
C ALA F 134 8.86 -7.18 -18.27
N VAL F 135 9.23 -5.92 -18.10
CA VAL F 135 10.60 -5.58 -17.73
C VAL F 135 10.88 -6.09 -16.34
N LYS F 136 9.97 -5.83 -15.40
CA LYS F 136 10.18 -6.24 -14.00
C LYS F 136 10.43 -7.78 -13.85
N PHE F 137 9.62 -8.56 -14.57
CA PHE F 137 9.67 -10.01 -14.54
C PHE F 137 10.61 -10.62 -15.61
N ASP F 138 11.24 -9.78 -16.43
CA ASP F 138 12.20 -10.22 -17.46
C ASP F 138 11.59 -11.22 -18.46
N LEU F 139 10.36 -10.94 -18.89
CA LEU F 139 9.67 -11.65 -19.96
C LEU F 139 9.55 -10.74 -21.17
N PRO F 140 9.99 -11.20 -22.35
CA PRO F 140 9.83 -10.35 -23.56
C PRO F 140 8.35 -10.04 -23.84
N LEU F 141 8.08 -8.82 -24.29
CA LEU F 141 6.76 -8.39 -24.66
C LEU F 141 6.58 -8.43 -26.19
N VAL F 142 5.59 -9.19 -26.65
CA VAL F 142 5.32 -9.35 -28.09
C VAL F 142 4.00 -8.62 -28.40
N VAL F 143 4.04 -7.62 -29.27
CA VAL F 143 2.85 -6.82 -29.52
C VAL F 143 2.21 -7.23 -30.85
N TRP F 144 0.92 -7.58 -30.80
CA TRP F 144 0.15 -7.85 -32.01
C TRP F 144 -0.33 -6.46 -32.41
N SER F 145 0.25 -5.88 -33.47
CA SER F 145 -0.10 -4.50 -33.79
C SER F 145 -1.06 -4.44 -34.98
N PHE F 146 -2.35 -4.25 -34.72
CA PHE F 146 -3.41 -4.42 -35.73
C PHE F 146 -4.28 -3.17 -35.84
N PRO F 147 -3.82 -2.12 -36.57
CA PRO F 147 -4.67 -0.93 -36.79
C PRO F 147 -6.06 -1.36 -37.24
N ARG F 148 -7.08 -0.75 -36.63
CA ARG F 148 -8.47 -1.18 -36.82
C ARG F 148 -9.38 -0.11 -36.20
N GLY F 149 -10.46 0.23 -36.92
CA GLY F 149 -11.34 1.35 -36.59
C GLY F 149 -10.76 2.70 -36.99
N GLY F 150 -11.41 3.77 -36.59
CA GLY F 150 -10.92 5.10 -36.92
C GLY F 150 -10.90 5.26 -38.42
N LYS F 151 -9.77 5.76 -38.93
CA LYS F 151 -9.55 6.00 -40.36
C LYS F 151 -9.11 4.73 -41.14
N VAL F 152 -8.88 3.63 -40.44
CA VAL F 152 -8.43 2.38 -41.08
C VAL F 152 -9.49 1.77 -42.00
N VAL F 153 -9.16 1.66 -43.31
CA VAL F 153 -10.06 0.97 -44.28
C VAL F 153 -9.43 -0.39 -44.66
N ASN F 154 -8.29 -0.33 -45.32
CA ASN F 154 -7.60 -1.53 -45.75
C ASN F 154 -6.46 -1.89 -44.77
N GLU F 155 -6.65 -2.93 -43.96
CA GLU F 155 -5.63 -3.29 -42.95
C GLU F 155 -4.32 -3.78 -43.56
N THR F 156 -4.34 -4.23 -44.81
CA THR F 156 -3.11 -4.69 -45.41
C THR F 156 -2.47 -3.65 -46.34
N ALA F 157 -3.03 -2.44 -46.37
CA ALA F 157 -2.45 -1.36 -47.18
C ALA F 157 -1.00 -1.14 -46.75
N PRO F 158 -0.08 -0.88 -47.71
CA PRO F 158 1.32 -0.79 -47.30
C PRO F 158 1.60 0.26 -46.18
N GLU F 159 0.90 1.39 -46.19
CA GLU F 159 1.16 2.46 -45.21
C GLU F 159 0.61 2.13 -43.82
N ILE F 160 -0.45 1.32 -43.80
CA ILE F 160 -1.10 0.92 -42.55
C ILE F 160 -0.22 -0.10 -41.82
N VAL F 161 0.25 -1.10 -42.58
CA VAL F 161 1.15 -2.13 -42.04
C VAL F 161 2.50 -1.51 -41.55
N ALA F 162 3.09 -0.57 -42.30
CA ALA F 162 4.28 0.16 -41.84
C ALA F 162 4.00 0.99 -40.56
N TYR F 163 2.80 1.59 -40.48
CA TYR F 163 2.40 2.36 -39.31
C TYR F 163 2.29 1.39 -38.12
N ALA F 164 1.65 0.24 -38.35
CA ALA F 164 1.54 -0.80 -37.31
C ALA F 164 2.92 -1.15 -36.73
N ALA F 165 3.89 -1.39 -37.62
CA ALA F 165 5.26 -1.78 -37.25
C ALA F 165 5.94 -0.70 -36.39
N ARG F 166 5.89 0.54 -36.88
CA ARG F 166 6.51 1.64 -36.17
C ARG F 166 5.85 1.83 -34.79
N ILE F 167 4.53 1.72 -34.70
CA ILE F 167 3.87 1.95 -33.40
C ILE F 167 4.35 0.89 -32.39
N ALA F 168 4.46 -0.35 -32.85
CA ALA F 168 4.93 -1.41 -31.95
C ALA F 168 6.33 -1.12 -31.43
N LEU F 169 7.20 -0.62 -32.30
CA LEU F 169 8.55 -0.22 -31.86
C LEU F 169 8.47 0.92 -30.82
N GLU F 170 7.68 1.95 -31.13
CA GLU F 170 7.64 3.18 -30.32
C GLU F 170 7.10 2.93 -28.89
N LEU F 171 6.18 1.99 -28.78
CA LEU F 171 5.51 1.67 -27.50
C LEU F 171 6.32 0.73 -26.62
N GLY F 172 7.39 0.14 -27.17
CA GLY F 172 8.32 -0.68 -26.36
C GLY F 172 8.32 -2.19 -26.53
N SER F 173 7.69 -2.69 -27.61
CA SER F 173 7.69 -4.12 -27.93
C SER F 173 9.10 -4.68 -28.09
N ASP F 174 9.26 -5.94 -27.68
CA ASP F 174 10.51 -6.64 -27.84
C ASP F 174 10.51 -7.50 -29.11
N ALA F 175 9.31 -7.83 -29.61
CA ALA F 175 9.06 -8.50 -30.91
C ALA F 175 7.64 -8.10 -31.27
N MET F 176 7.30 -8.17 -32.55
CA MET F 176 5.95 -7.76 -32.96
C MET F 176 5.34 -8.72 -33.94
N LYS F 177 4.02 -8.73 -34.01
CA LYS F 177 3.32 -9.51 -35.03
C LYS F 177 2.40 -8.57 -35.79
N ILE F 178 2.48 -8.60 -37.11
CA ILE F 178 1.71 -7.69 -37.98
C ILE F 178 1.19 -8.43 -39.22
N LYS F 179 0.21 -7.80 -39.89
CA LYS F 179 -0.38 -8.35 -41.11
C LYS F 179 0.57 -8.20 -42.30
N TYR F 180 0.51 -9.17 -43.22
CA TYR F 180 1.32 -9.13 -44.43
C TYR F 180 0.66 -8.23 -45.47
N THR F 181 1.45 -7.40 -46.14
CA THR F 181 0.94 -6.53 -47.20
C THR F 181 0.64 -7.29 -48.50
N GLY F 182 1.16 -8.51 -48.62
CA GLY F 182 0.99 -9.31 -49.84
C GLY F 182 2.13 -9.26 -50.83
N ASP F 183 3.15 -8.45 -50.56
CA ASP F 183 4.33 -8.39 -51.44
C ASP F 183 5.63 -7.99 -50.70
N PRO F 184 6.77 -8.59 -51.10
CA PRO F 184 8.04 -8.45 -50.34
C PRO F 184 8.56 -7.02 -50.26
N LYS F 185 8.35 -6.24 -51.32
CA LYS F 185 8.89 -4.88 -51.36
C LYS F 185 8.21 -3.91 -50.37
N THR F 186 6.88 -3.92 -50.33
CA THR F 186 6.14 -3.06 -49.39
C THR F 186 6.29 -3.61 -47.95
N PHE F 187 6.31 -4.93 -47.81
CA PHE F 187 6.54 -5.52 -46.50
C PHE F 187 7.93 -5.21 -45.93
N SER F 188 8.95 -5.07 -46.79
CA SER F 188 10.30 -4.76 -46.29
C SER F 188 10.42 -3.34 -45.71
N TRP F 189 9.54 -2.42 -46.13
CA TRP F 189 9.42 -1.11 -45.49
C TRP F 189 8.95 -1.20 -44.02
N ALA F 190 7.89 -2.01 -43.76
CA ALA F 190 7.42 -2.25 -42.38
C ALA F 190 8.54 -2.86 -41.54
N VAL F 191 9.25 -3.85 -42.11
CA VAL F 191 10.41 -4.46 -41.45
C VAL F 191 11.50 -3.43 -41.12
N LYS F 192 11.80 -2.57 -42.09
CA LYS F 192 12.76 -1.49 -41.89
C LYS F 192 12.37 -0.54 -40.76
N VAL F 193 11.13 -0.05 -40.75
CA VAL F 193 10.77 0.96 -39.76
C VAL F 193 10.64 0.35 -38.35
N ALA F 194 10.56 -1.00 -38.27
CA ALA F 194 10.56 -1.71 -36.97
C ALA F 194 11.97 -1.72 -36.35
N GLY F 195 12.97 -1.31 -37.15
CA GLY F 195 14.38 -1.20 -36.70
C GLY F 195 14.92 -2.46 -36.03
N LYS F 196 15.35 -2.33 -34.77
CA LYS F 196 15.97 -3.44 -34.00
C LYS F 196 14.95 -4.47 -33.49
N VAL F 197 13.65 -4.22 -33.66
CA VAL F 197 12.62 -5.15 -33.16
C VAL F 197 12.18 -6.11 -34.28
N PRO F 198 12.34 -7.43 -34.06
CA PRO F 198 12.02 -8.43 -35.07
C PRO F 198 10.52 -8.49 -35.35
N VAL F 199 10.18 -8.83 -36.59
CA VAL F 199 8.82 -8.80 -37.11
C VAL F 199 8.35 -10.21 -37.50
N LEU F 200 7.18 -10.57 -37.01
CA LEU F 200 6.52 -11.84 -37.37
C LEU F 200 5.29 -11.57 -38.22
N MET F 201 5.11 -12.32 -39.30
CA MET F 201 3.91 -12.23 -40.10
C MET F 201 2.74 -12.95 -39.44
N SER F 202 1.61 -12.26 -39.32
CA SER F 202 0.33 -12.88 -38.96
C SER F 202 -0.19 -13.72 -40.17
N GLY F 203 -0.44 -15.02 -39.98
CA GLY F 203 -0.77 -15.90 -41.10
C GLY F 203 -2.05 -15.58 -41.83
N GLY F 204 -3.05 -15.11 -41.09
CA GLY F 204 -4.34 -14.72 -41.67
C GLY F 204 -5.23 -15.93 -41.98
N PRO F 205 -6.39 -15.67 -42.60
CA PRO F 205 -7.32 -16.73 -42.99
C PRO F 205 -6.64 -17.79 -43.87
N LYS F 206 -7.11 -19.04 -43.78
CA LYS F 206 -6.56 -20.14 -44.58
C LYS F 206 -6.57 -19.77 -46.06
N THR F 207 -5.47 -20.02 -46.76
CA THR F 207 -5.36 -19.61 -48.15
C THR F 207 -6.04 -20.61 -49.07
N LYS F 208 -6.23 -20.21 -50.33
CA LYS F 208 -7.00 -21.01 -51.28
C LYS F 208 -6.27 -22.31 -51.56
N THR F 209 -4.94 -22.24 -51.63
CA THR F 209 -4.08 -23.39 -51.86
C THR F 209 -2.90 -23.29 -50.91
N GLU F 210 -2.26 -24.42 -50.61
CA GLU F 210 -1.06 -24.40 -49.78
C GLU F 210 0.05 -23.56 -50.43
N GLU F 211 0.18 -23.68 -51.75
CA GLU F 211 1.15 -22.91 -52.52
C GLU F 211 1.05 -21.38 -52.30
N ASP F 212 -0.18 -20.87 -52.24
CA ASP F 212 -0.41 -19.45 -51.93
C ASP F 212 0.26 -19.01 -50.61
N PHE F 213 0.05 -19.78 -49.54
CA PHE F 213 0.68 -19.46 -48.27
C PHE F 213 2.21 -19.54 -48.33
N LEU F 214 2.72 -20.64 -48.93
CA LEU F 214 4.15 -20.83 -49.03
C LEU F 214 4.76 -19.61 -49.72
N LYS F 215 4.10 -19.13 -50.79
CA LYS F 215 4.51 -17.92 -51.50
C LYS F 215 4.49 -16.65 -50.64
N GLN F 216 3.48 -16.53 -49.76
CA GLN F 216 3.44 -15.40 -48.87
C GLN F 216 4.63 -15.46 -47.89
N VAL F 217 4.90 -16.65 -47.33
CA VAL F 217 6.00 -16.86 -46.37
C VAL F 217 7.38 -16.57 -46.99
N GLU F 218 7.56 -17.01 -48.23
CA GLU F 218 8.77 -16.73 -48.99
C GLU F 218 8.97 -15.21 -49.14
N GLY F 219 7.89 -14.48 -49.42
CA GLY F 219 7.92 -13.01 -49.52
C GLY F 219 8.29 -12.37 -48.16
N VAL F 220 7.67 -12.87 -47.09
CA VAL F 220 7.95 -12.42 -45.71
C VAL F 220 9.45 -12.52 -45.38
N LEU F 221 10.04 -13.67 -45.71
CA LEU F 221 11.45 -13.95 -45.46
C LEU F 221 12.34 -13.05 -46.33
N GLU F 222 12.00 -12.92 -47.61
CA GLU F 222 12.67 -11.96 -48.52
C GLU F 222 12.68 -10.53 -47.98
N ALA F 223 11.59 -10.13 -47.33
CA ALA F 223 11.44 -8.78 -46.81
C ALA F 223 12.34 -8.53 -45.57
N GLY F 224 12.89 -9.61 -45.00
CA GLY F 224 13.75 -9.56 -43.82
C GLY F 224 13.06 -9.82 -42.49
N ALA F 225 11.81 -10.27 -42.51
CA ALA F 225 11.12 -10.64 -41.24
C ALA F 225 11.75 -11.86 -40.60
N LEU F 226 11.47 -12.03 -39.32
CA LEU F 226 12.05 -13.07 -38.50
C LEU F 226 11.33 -14.39 -38.79
N GLY F 227 10.05 -14.29 -39.14
CA GLY F 227 9.27 -15.47 -39.46
C GLY F 227 7.78 -15.23 -39.39
N ILE F 228 7.07 -16.22 -38.87
CA ILE F 228 5.63 -16.26 -38.96
C ILE F 228 5.00 -16.66 -37.63
N ALA F 229 3.88 -16.03 -37.29
CA ALA F 229 3.04 -16.51 -36.21
C ALA F 229 1.79 -17.01 -36.91
N VAL F 230 1.68 -18.34 -37.05
CA VAL F 230 0.67 -18.97 -37.92
C VAL F 230 -0.30 -19.81 -37.09
N GLY F 231 -1.59 -19.65 -37.35
CA GLY F 231 -2.60 -20.52 -36.76
C GLY F 231 -3.38 -21.31 -37.80
N ARG F 232 -4.35 -20.64 -38.43
CA ARG F 232 -5.31 -21.29 -39.32
C ARG F 232 -4.62 -22.02 -40.49
N ASN F 233 -3.58 -21.40 -41.07
CA ASN F 233 -2.90 -22.04 -42.22
C ASN F 233 -2.14 -23.33 -41.89
N VAL F 234 -1.97 -23.62 -40.60
CA VAL F 234 -1.54 -24.92 -40.14
C VAL F 234 -2.74 -25.76 -39.65
N TRP F 235 -3.36 -25.36 -38.54
CA TRP F 235 -4.28 -26.31 -37.88
C TRP F 235 -5.71 -26.39 -38.45
N GLN F 236 -6.05 -25.50 -39.39
CA GLN F 236 -7.32 -25.66 -40.16
C GLN F 236 -7.22 -26.70 -41.25
N ARG F 237 -6.00 -27.17 -41.55
CA ARG F 237 -5.79 -28.15 -42.62
C ARG F 237 -5.81 -29.58 -42.07
N ARG F 238 -6.41 -30.48 -42.83
CA ARG F 238 -6.51 -31.89 -42.50
C ARG F 238 -5.12 -32.57 -42.53
N ASP F 239 -4.24 -32.07 -43.42
CA ASP F 239 -2.82 -32.45 -43.42
C ASP F 239 -1.92 -31.48 -42.60
N ALA F 240 -2.39 -31.08 -41.41
CA ALA F 240 -1.68 -30.08 -40.61
C ALA F 240 -0.20 -30.37 -40.40
N LEU F 241 0.12 -31.61 -40.00
CA LEU F 241 1.51 -31.96 -39.73
C LEU F 241 2.40 -31.91 -40.96
N LYS F 242 1.95 -32.54 -42.05
CA LYS F 242 2.70 -32.55 -43.31
C LYS F 242 3.00 -31.13 -43.78
N PHE F 243 1.99 -30.26 -43.76
CA PHE F 243 2.18 -28.88 -44.23
C PHE F 243 3.03 -28.05 -43.28
N ALA F 244 2.86 -28.27 -41.98
CA ALA F 244 3.73 -27.64 -40.96
C ALA F 244 5.22 -27.94 -41.18
N ARG F 245 5.55 -29.18 -41.51
CA ARG F 245 6.92 -29.58 -41.84
C ARG F 245 7.43 -28.92 -43.12
N ALA F 246 6.57 -28.80 -44.12
CA ALA F 246 6.89 -28.07 -45.33
C ALA F 246 7.26 -26.60 -45.01
N LEU F 247 6.55 -26.00 -44.04
CA LEU F 247 6.91 -24.65 -43.53
C LEU F 247 8.23 -24.63 -42.75
N ALA F 248 8.44 -25.64 -41.90
CA ALA F 248 9.72 -25.79 -41.19
C ALA F 248 10.89 -25.81 -42.18
N GLU F 249 10.77 -26.65 -43.22
CA GLU F 249 11.82 -26.76 -44.22
C GLU F 249 12.06 -25.40 -44.91
N LEU F 250 10.99 -24.73 -45.33
CA LEU F 250 11.10 -23.39 -45.92
C LEU F 250 11.73 -22.32 -45.01
N VAL F 251 11.22 -22.18 -43.79
CA VAL F 251 11.63 -21.07 -42.91
C VAL F 251 13.03 -21.22 -42.29
N TYR F 252 13.40 -22.44 -41.91
CA TYR F 252 14.65 -22.69 -41.15
C TYR F 252 15.93 -22.78 -42.00
N ASN G 3 13.99 24.42 -8.28
CA ASN G 3 13.55 25.15 -9.51
C ASN G 3 13.86 24.37 -10.78
N LEU G 4 12.85 23.68 -11.31
CA LEU G 4 13.06 22.78 -12.47
C LEU G 4 13.15 23.51 -13.81
N THR G 5 12.60 24.70 -13.92
CA THR G 5 12.85 25.55 -15.09
C THR G 5 14.35 25.86 -15.18
N GLU G 6 14.96 26.22 -14.05
CA GLU G 6 16.39 26.53 -14.03
C GLU G 6 17.20 25.31 -14.45
N LYS G 7 16.81 24.14 -13.95
CA LYS G 7 17.44 22.87 -14.31
C LYS G 7 17.31 22.61 -15.81
N PHE G 8 16.10 22.83 -16.34
CA PHE G 8 15.82 22.69 -17.77
C PHE G 8 16.75 23.60 -18.56
N LEU G 9 16.89 24.84 -18.11
CA LEU G 9 17.70 25.80 -18.85
C LEU G 9 19.20 25.42 -18.84
N ARG G 10 19.68 24.92 -17.68
CA ARG G 10 21.09 24.49 -17.49
C ARG G 10 21.40 23.37 -18.49
N ILE G 11 20.46 22.43 -18.64
CA ILE G 11 20.71 21.26 -19.45
C ILE G 11 20.46 21.52 -20.94
N PHE G 12 19.33 22.16 -21.27
CA PHE G 12 18.87 22.27 -22.66
C PHE G 12 19.06 23.65 -23.32
N ALA G 13 19.61 24.60 -22.58
CA ALA G 13 19.81 25.95 -23.12
C ALA G 13 21.07 26.60 -22.56
N ARG G 14 22.12 25.81 -22.42
CA ARG G 14 23.37 26.31 -21.86
C ARG G 14 23.91 27.55 -22.61
N ARG G 15 23.55 27.70 -23.89
CA ARG G 15 24.01 28.86 -24.66
C ARG G 15 23.07 30.07 -24.59
N GLY G 16 21.97 29.93 -23.86
CA GLY G 16 20.99 31.01 -23.76
C GLY G 16 19.75 30.78 -24.61
N LYS G 17 19.84 29.90 -25.61
CA LYS G 17 18.74 29.57 -26.54
C LYS G 17 18.83 28.08 -26.77
N SER G 18 17.79 27.47 -27.32
CA SER G 18 17.71 26.01 -27.37
C SER G 18 17.26 25.46 -28.73
N ILE G 19 17.90 24.37 -29.17
CA ILE G 19 17.37 23.57 -30.29
C ILE G 19 17.27 22.12 -29.85
N ILE G 20 16.02 21.64 -29.91
CA ILE G 20 15.66 20.27 -29.60
C ILE G 20 15.19 19.57 -30.89
N LEU G 21 15.78 18.40 -31.20
CA LEU G 21 15.37 17.63 -32.37
C LEU G 21 14.25 16.66 -31.97
N ALA G 22 13.04 16.93 -32.47
CA ALA G 22 11.84 16.18 -32.07
C ALA G 22 11.71 14.93 -32.93
N TYR G 23 11.40 13.81 -32.30
CA TYR G 23 11.38 12.53 -33.03
C TYR G 23 10.36 11.55 -32.47
N ASP G 24 9.20 12.10 -32.06
CA ASP G 24 8.01 11.33 -31.66
C ASP G 24 7.10 11.01 -32.85
N HIS G 25 7.53 11.44 -34.04
CA HIS G 25 6.74 11.33 -35.27
C HIS G 25 6.31 9.90 -35.64
N GLY G 26 7.17 8.93 -35.37
CA GLY G 26 6.88 7.53 -35.72
C GLY G 26 5.52 7.06 -35.18
N ILE G 27 5.14 7.48 -33.97
CA ILE G 27 3.78 7.19 -33.47
C ILE G 27 2.76 8.25 -33.89
N GLU G 28 3.10 9.54 -33.77
CA GLU G 28 2.10 10.62 -34.02
C GLU G 28 1.62 10.65 -35.47
N HIS G 29 2.52 10.45 -36.43
CA HIS G 29 2.16 10.49 -37.87
C HIS G 29 2.42 9.17 -38.59
N GLY G 30 3.31 8.38 -38.01
CA GLY G 30 3.74 7.17 -38.67
C GLY G 30 4.83 7.42 -39.69
N PRO G 31 5.29 6.33 -40.35
CA PRO G 31 6.47 6.31 -41.22
C PRO G 31 6.35 7.07 -42.56
N ALA G 32 5.14 7.46 -42.95
CA ALA G 32 5.04 8.33 -44.13
C ALA G 32 5.88 9.61 -43.95
N ASP G 33 6.02 10.12 -42.72
CA ASP G 33 6.99 11.19 -42.43
C ASP G 33 8.45 10.89 -42.91
N PHE G 34 8.83 9.60 -43.06
CA PHE G 34 10.24 9.21 -43.28
C PHE G 34 10.60 8.87 -44.74
N MET G 35 9.59 8.86 -45.62
CA MET G 35 9.81 8.52 -47.04
C MET G 35 10.74 9.53 -47.76
N ASP G 36 10.51 10.83 -47.55
CA ASP G 36 11.33 11.92 -48.13
C ASP G 36 12.84 11.70 -48.09
N ASN G 37 13.32 11.28 -46.91
CA ASN G 37 14.74 11.10 -46.62
C ASN G 37 14.82 9.84 -45.76
N PRO G 38 14.89 8.64 -46.40
CA PRO G 38 14.66 7.38 -45.64
C PRO G 38 15.64 7.07 -44.49
N ASP G 39 16.81 7.71 -44.46
CA ASP G 39 17.71 7.62 -43.30
C ASP G 39 16.98 8.09 -42.03
N SER G 40 15.98 8.97 -42.16
CA SER G 40 15.23 9.47 -40.99
C SER G 40 14.38 8.42 -40.27
N ALA G 41 14.15 7.25 -40.86
CA ALA G 41 13.44 6.17 -40.16
C ALA G 41 14.35 5.50 -39.11
N ASP G 42 15.65 5.78 -39.19
CA ASP G 42 16.68 5.22 -38.32
C ASP G 42 17.03 6.17 -37.14
N PRO G 43 16.64 5.79 -35.91
CA PRO G 43 16.95 6.61 -34.73
C PRO G 43 18.46 6.86 -34.56
N GLU G 44 19.31 5.91 -34.93
CA GLU G 44 20.76 6.17 -34.79
C GLU G 44 21.16 7.36 -35.66
N TYR G 45 20.58 7.44 -36.85
CA TYR G 45 20.84 8.58 -37.71
C TYR G 45 20.39 9.90 -37.06
N ILE G 46 19.24 9.87 -36.38
CA ILE G 46 18.72 11.05 -35.69
C ILE G 46 19.65 11.49 -34.55
N LEU G 47 20.10 10.55 -33.73
CA LEU G 47 21.07 10.88 -32.66
C LEU G 47 22.35 11.52 -33.18
N ARG G 48 22.89 10.96 -34.27
CA ARG G 48 24.10 11.48 -34.91
C ARG G 48 23.89 12.90 -35.46
N LEU G 49 22.73 13.13 -36.06
CA LEU G 49 22.38 14.46 -36.55
C LEU G 49 22.37 15.51 -35.41
N ALA G 50 21.64 15.25 -34.33
CA ALA G 50 21.60 16.11 -33.13
C ALA G 50 23.00 16.43 -32.58
N ARG G 51 23.81 15.40 -32.45
CA ARG G 51 25.17 15.53 -31.98
C ARG G 51 26.04 16.32 -32.98
N ASP G 52 25.98 15.96 -34.25
CA ASP G 52 26.82 16.63 -35.27
C ASP G 52 26.43 18.10 -35.45
N ALA G 53 25.14 18.40 -35.27
CA ALA G 53 24.69 19.80 -35.43
C ALA G 53 24.88 20.63 -34.15
N GLY G 54 25.26 19.96 -33.06
CA GLY G 54 25.50 20.62 -31.78
C GLY G 54 24.20 21.08 -31.12
N PHE G 55 23.11 20.31 -31.33
CA PHE G 55 21.80 20.64 -30.78
C PHE G 55 21.75 20.32 -29.27
N ASP G 56 20.77 20.87 -28.57
CA ASP G 56 20.64 20.70 -27.09
C ASP G 56 19.99 19.42 -26.60
N GLY G 57 19.19 18.78 -27.45
CA GLY G 57 18.45 17.61 -27.01
C GLY G 57 17.70 16.89 -28.13
N VAL G 58 17.17 15.71 -27.78
CA VAL G 58 16.30 14.93 -28.65
C VAL G 58 15.08 14.53 -27.84
N VAL G 59 13.96 14.35 -28.54
CA VAL G 59 12.71 13.88 -27.94
C VAL G 59 12.37 12.50 -28.53
N PHE G 60 12.31 11.47 -27.66
CA PHE G 60 11.99 10.08 -28.05
C PHE G 60 10.82 9.56 -27.23
N GLN G 61 9.99 8.73 -27.84
CA GLN G 61 9.06 7.86 -27.07
C GLN G 61 9.88 6.76 -26.39
N ARG G 62 9.29 6.10 -25.39
CA ARG G 62 10.00 5.09 -24.57
C ARG G 62 10.64 3.96 -25.39
N GLY G 63 9.97 3.53 -26.45
CA GLY G 63 10.42 2.38 -27.19
C GLY G 63 11.74 2.73 -27.89
N ILE G 64 11.79 3.92 -28.49
CA ILE G 64 12.98 4.42 -29.19
C ILE G 64 14.10 4.67 -28.18
N ALA G 65 13.78 5.28 -27.03
CA ALA G 65 14.79 5.53 -25.99
C ALA G 65 15.41 4.21 -25.48
N GLU G 66 14.57 3.22 -25.18
CA GLU G 66 15.06 1.92 -24.68
C GLU G 66 16.01 1.23 -25.66
N LYS G 67 15.63 1.16 -26.94
CA LYS G 67 16.40 0.41 -27.93
C LYS G 67 17.59 1.16 -28.54
N TYR G 68 17.54 2.49 -28.47
CA TYR G 68 18.51 3.33 -29.18
C TYR G 68 19.28 4.39 -28.39
N TYR G 69 18.74 4.90 -27.29
CA TYR G 69 19.38 6.02 -26.62
C TYR G 69 20.70 5.62 -26.00
N ASP G 70 21.73 6.42 -26.24
CA ASP G 70 23.11 6.08 -25.82
C ASP G 70 23.79 7.15 -24.92
N GLY G 71 22.99 8.08 -24.37
CA GLY G 71 23.50 9.16 -23.50
C GLY G 71 24.19 10.31 -24.22
N SER G 72 24.21 10.29 -25.55
CA SER G 72 25.11 11.20 -26.29
C SER G 72 24.58 12.63 -26.46
N VAL G 73 23.26 12.79 -26.35
CA VAL G 73 22.59 14.07 -26.39
C VAL G 73 21.48 14.03 -25.30
N PRO G 74 21.29 15.13 -24.53
CA PRO G 74 20.26 15.14 -23.46
C PRO G 74 18.88 14.70 -23.99
N LEU G 75 18.17 13.87 -23.22
CA LEU G 75 16.96 13.25 -23.69
C LEU G 75 15.72 13.82 -23.00
N ILE G 76 14.72 14.19 -23.82
CA ILE G 76 13.37 14.43 -23.31
C ILE G 76 12.53 13.20 -23.70
N LEU G 77 12.04 12.50 -22.68
CA LEU G 77 11.23 11.31 -22.86
C LEU G 77 9.79 11.77 -22.97
N LYS G 78 9.23 11.61 -24.17
CA LYS G 78 7.88 12.01 -24.46
C LYS G 78 6.99 10.88 -23.95
N LEU G 79 6.21 11.16 -22.92
CA LEU G 79 5.50 10.12 -22.18
C LEU G 79 4.22 9.59 -22.82
N ASN G 80 3.53 10.45 -23.58
CA ASN G 80 2.26 10.05 -24.21
C ASN G 80 2.35 10.13 -25.74
N GLY G 81 1.53 9.34 -26.42
CA GLY G 81 1.52 9.36 -27.90
C GLY G 81 0.14 8.94 -28.32
N LYS G 82 -0.33 9.55 -29.42
CA LYS G 82 -1.51 9.05 -30.11
C LYS G 82 -1.20 8.91 -31.60
N THR G 83 -2.12 8.35 -32.37
CA THR G 83 -1.91 8.21 -33.82
C THR G 83 -2.86 9.12 -34.61
N THR G 84 -2.52 9.39 -35.88
CA THR G 84 -3.44 10.13 -36.75
C THR G 84 -4.53 9.21 -37.32
N LEU G 85 -4.42 7.91 -37.08
CA LEU G 85 -5.47 6.96 -37.47
C LEU G 85 -6.77 7.14 -36.67
N TYR G 86 -6.60 7.60 -35.44
CA TYR G 86 -7.66 7.85 -34.47
C TYR G 86 -8.63 8.98 -34.90
N ASN G 87 -9.94 8.75 -34.73
CA ASN G 87 -10.98 9.74 -35.05
C ASN G 87 -11.72 10.42 -33.89
N GLY G 88 -11.65 9.89 -32.68
CA GLY G 88 -12.36 10.57 -31.56
C GLY G 88 -11.93 12.02 -31.23
N GLU G 89 -12.49 12.56 -30.13
CA GLU G 89 -12.00 13.83 -29.56
C GLU G 89 -10.53 13.60 -29.17
N PRO G 90 -9.65 14.57 -29.46
CA PRO G 90 -8.23 14.31 -29.35
C PRO G 90 -7.86 13.87 -27.92
N VAL G 91 -7.05 12.82 -27.82
CA VAL G 91 -6.56 12.42 -26.51
C VAL G 91 -5.29 11.63 -26.69
N SER G 92 -4.34 11.81 -25.77
CA SER G 92 -3.07 11.12 -25.83
C SER G 92 -2.75 10.69 -24.37
N VAL G 93 -2.63 9.39 -24.14
CA VAL G 93 -2.38 8.89 -22.77
C VAL G 93 -0.93 8.48 -22.62
N ALA G 94 -0.41 8.57 -21.38
CA ALA G 94 0.92 8.07 -21.06
C ALA G 94 1.08 6.57 -21.38
N ASN G 95 2.14 6.24 -22.11
CA ASN G 95 2.55 4.85 -22.30
C ASN G 95 3.80 4.52 -21.46
N CYS G 96 4.22 5.47 -20.63
CA CYS G 96 5.46 5.41 -19.83
C CYS G 96 5.28 6.24 -18.56
N SER G 97 5.89 5.81 -17.46
CA SER G 97 5.87 6.58 -16.21
C SER G 97 7.13 7.44 -16.11
N VAL G 98 7.06 8.48 -15.26
CA VAL G 98 8.24 9.27 -14.96
C VAL G 98 9.38 8.41 -14.42
N GLU G 99 9.07 7.51 -13.45
CA GLU G 99 10.09 6.62 -12.88
C GLU G 99 10.86 5.84 -14.00
N GLU G 100 10.12 5.34 -14.97
CA GLU G 100 10.73 4.57 -16.07
C GLU G 100 11.55 5.47 -16.98
N ALA G 101 11.08 6.71 -17.18
CA ALA G 101 11.83 7.69 -17.98
C ALA G 101 13.21 7.94 -17.34
N VAL G 102 13.24 8.02 -16.00
CA VAL G 102 14.49 8.17 -15.27
C VAL G 102 15.44 6.99 -15.58
N SER G 103 14.93 5.74 -15.53
CA SER G 103 15.75 4.56 -15.82
C SER G 103 16.27 4.53 -17.25
N LEU G 104 15.52 5.12 -18.19
CA LEU G 104 15.94 5.16 -19.61
C LEU G 104 16.89 6.31 -19.94
N GLY G 105 17.32 7.05 -18.93
CA GLY G 105 18.28 8.15 -19.10
C GLY G 105 17.73 9.53 -19.44
N ALA G 106 16.42 9.75 -19.27
CA ALA G 106 15.83 11.08 -19.53
C ALA G 106 16.36 12.18 -18.59
N SER G 107 16.54 13.37 -19.14
CA SER G 107 16.87 14.58 -18.36
C SER G 107 15.64 15.49 -18.15
N ALA G 108 14.54 15.15 -18.82
CA ALA G 108 13.22 15.80 -18.68
C ALA G 108 12.18 14.86 -19.28
N VAL G 109 10.92 15.13 -18.99
CA VAL G 109 9.79 14.39 -19.57
C VAL G 109 8.86 15.34 -20.31
N GLY G 110 8.19 14.80 -21.34
CA GLY G 110 7.29 15.59 -22.16
C GLY G 110 5.88 15.00 -22.15
N TYR G 111 4.88 15.87 -22.27
CA TYR G 111 3.48 15.41 -22.31
C TYR G 111 2.63 16.35 -23.12
N THR G 112 1.82 15.79 -24.02
CA THR G 112 0.91 16.62 -24.83
C THR G 112 -0.45 16.75 -24.16
N ILE G 113 -0.96 17.98 -24.09
CA ILE G 113 -2.38 18.25 -23.75
C ILE G 113 -3.12 18.86 -24.98
N TYR G 114 -4.42 18.56 -25.14
CA TYR G 114 -5.24 19.19 -26.17
C TYR G 114 -6.38 19.98 -25.49
N PRO G 115 -6.08 21.21 -25.03
CA PRO G 115 -7.17 21.98 -24.41
C PRO G 115 -8.34 22.16 -25.40
N GLY G 116 -9.55 22.03 -24.88
CA GLY G 116 -10.74 22.16 -25.70
C GLY G 116 -11.34 20.81 -26.03
N SER G 117 -10.49 19.79 -26.10
CA SER G 117 -10.94 18.43 -26.45
C SER G 117 -12.07 17.99 -25.51
N GLY G 118 -13.02 17.23 -26.02
CA GLY G 118 -14.00 16.55 -25.13
C GLY G 118 -13.30 15.78 -24.01
N PHE G 119 -12.05 15.37 -24.26
CA PHE G 119 -11.23 14.64 -23.28
C PHE G 119 -10.22 15.53 -22.53
N GLU G 120 -10.45 16.84 -22.54
CA GLU G 120 -9.54 17.78 -21.86
C GLU G 120 -9.31 17.31 -20.41
N TRP G 121 -10.40 16.98 -19.70
CA TRP G 121 -10.32 16.47 -18.32
C TRP G 121 -9.38 15.24 -18.14
N LYS G 122 -9.41 14.31 -19.09
CA LYS G 122 -8.62 13.06 -18.95
C LYS G 122 -7.12 13.35 -19.00
N MET G 123 -6.72 14.23 -19.91
CA MET G 123 -5.35 14.66 -19.97
C MET G 123 -4.91 15.54 -18.79
N PHE G 124 -5.80 16.41 -18.29
CA PHE G 124 -5.45 17.23 -17.13
C PHE G 124 -5.26 16.36 -15.86
N GLU G 125 -6.14 15.37 -15.69
CA GLU G 125 -6.06 14.43 -14.55
C GLU G 125 -4.71 13.65 -14.56
N GLU G 126 -4.34 13.16 -15.73
CA GLU G 126 -3.09 12.38 -15.85
C GLU G 126 -1.85 13.27 -15.79
N LEU G 127 -1.88 14.41 -16.48
CA LEU G 127 -0.83 15.42 -16.29
C LEU G 127 -0.58 15.76 -14.79
N ALA G 128 -1.64 15.89 -13.99
CA ALA G 128 -1.45 16.15 -12.54
C ALA G 128 -0.54 15.10 -11.86
N ARG G 129 -0.76 13.82 -12.19
CA ARG G 129 0.06 12.71 -11.66
C ARG G 129 1.51 12.75 -12.17
N ILE G 130 1.66 13.03 -13.46
CA ILE G 130 2.99 13.19 -14.07
C ILE G 130 3.74 14.39 -13.46
N LYS G 131 3.02 15.48 -13.23
CA LYS G 131 3.65 16.67 -12.65
C LYS G 131 4.19 16.34 -11.23
N ARG G 132 3.38 15.64 -10.44
CA ARG G 132 3.75 15.26 -9.10
C ARG G 132 5.02 14.37 -9.13
N ASP G 133 5.03 13.43 -10.05
CA ASP G 133 6.19 12.55 -10.25
C ASP G 133 7.44 13.32 -10.73
N ALA G 134 7.24 14.31 -11.61
CA ALA G 134 8.35 15.09 -12.19
C ALA G 134 9.07 15.80 -11.05
N VAL G 135 8.29 16.38 -10.13
CA VAL G 135 8.84 17.03 -8.94
C VAL G 135 9.58 15.99 -8.09
N LYS G 136 8.93 14.87 -7.85
CA LYS G 136 9.52 13.86 -6.97
C LYS G 136 10.88 13.36 -7.50
N PHE G 137 10.96 13.14 -8.81
CA PHE G 137 12.19 12.66 -9.47
C PHE G 137 13.14 13.79 -9.93
N ASP G 138 12.74 15.03 -9.66
CA ASP G 138 13.49 16.25 -10.03
C ASP G 138 13.80 16.31 -11.55
N LEU G 139 12.84 15.94 -12.37
CA LEU G 139 12.99 16.06 -13.84
C LEU G 139 12.07 17.17 -14.30
N PRO G 140 12.59 18.12 -15.09
CA PRO G 140 11.72 19.18 -15.67
C PRO G 140 10.58 18.61 -16.51
N LEU G 141 9.42 19.24 -16.44
CA LEU G 141 8.28 18.80 -17.23
C LEU G 141 8.03 19.76 -18.35
N VAL G 142 7.93 19.22 -19.56
CA VAL G 142 7.84 20.05 -20.76
C VAL G 142 6.48 19.69 -21.38
N VAL G 143 5.61 20.68 -21.51
CA VAL G 143 4.25 20.38 -21.96
C VAL G 143 4.09 20.86 -23.42
N TRP G 144 3.62 19.97 -24.28
CA TRP G 144 3.28 20.35 -25.67
C TRP G 144 1.84 20.82 -25.52
N SER G 145 1.57 22.10 -25.71
CA SER G 145 0.21 22.55 -25.42
C SER G 145 -0.45 22.88 -26.76
N PHE G 146 -1.30 21.96 -27.24
CA PHE G 146 -1.88 22.04 -28.58
C PHE G 146 -3.41 22.04 -28.50
N PRO G 147 -4.06 23.23 -28.31
CA PRO G 147 -5.54 23.22 -28.33
C PRO G 147 -6.08 22.53 -29.59
N ARG G 148 -7.06 21.66 -29.41
CA ARG G 148 -7.59 20.84 -30.50
C ARG G 148 -8.90 20.21 -30.00
N GLY G 149 -9.91 20.23 -30.87
CA GLY G 149 -11.25 19.72 -30.53
C GLY G 149 -12.07 20.86 -29.93
N GLY G 150 -13.31 20.57 -29.53
CA GLY G 150 -14.17 21.59 -28.93
C GLY G 150 -14.29 22.80 -29.86
N LYS G 151 -14.10 24.00 -29.29
CA LYS G 151 -14.35 25.24 -30.03
C LYS G 151 -13.09 25.75 -30.77
N VAL G 152 -12.02 24.94 -30.84
CA VAL G 152 -10.83 25.28 -31.61
C VAL G 152 -11.08 25.13 -33.12
N VAL G 153 -11.09 26.26 -33.83
CA VAL G 153 -11.28 26.22 -35.29
C VAL G 153 -9.94 26.40 -35.99
N ASN G 154 -9.10 27.29 -35.48
CA ASN G 154 -7.84 27.59 -36.11
C ASN G 154 -6.74 27.48 -35.06
N GLU G 155 -5.93 26.45 -35.16
CA GLU G 155 -4.95 26.18 -34.13
C GLU G 155 -3.86 27.24 -34.01
N THR G 156 -3.59 27.94 -35.12
CA THR G 156 -2.54 28.96 -35.07
C THR G 156 -3.07 30.37 -34.95
N ALA G 157 -4.37 30.53 -34.68
CA ALA G 157 -4.90 31.86 -34.39
C ALA G 157 -4.16 32.46 -33.19
N PRO G 158 -3.85 33.79 -33.23
CA PRO G 158 -3.11 34.40 -32.12
C PRO G 158 -3.70 34.10 -30.74
N GLU G 159 -5.04 34.15 -30.61
CA GLU G 159 -5.67 33.97 -29.29
C GLU G 159 -5.63 32.51 -28.80
N ILE G 160 -5.61 31.58 -29.74
CA ILE G 160 -5.51 30.15 -29.42
C ILE G 160 -4.11 29.82 -28.95
N VAL G 161 -3.10 30.31 -29.69
CA VAL G 161 -1.73 30.07 -29.27
C VAL G 161 -1.45 30.75 -27.90
N ALA G 162 -1.93 31.98 -27.69
CA ALA G 162 -1.77 32.65 -26.39
C ALA G 162 -2.44 31.84 -25.27
N TYR G 163 -3.65 31.36 -25.51
CA TYR G 163 -4.33 30.48 -24.56
C TYR G 163 -3.49 29.19 -24.24
N ALA G 164 -2.99 28.51 -25.29
CA ALA G 164 -2.15 27.32 -25.13
C ALA G 164 -0.98 27.55 -24.17
N ALA G 165 -0.34 28.72 -24.34
CA ALA G 165 0.84 29.10 -23.57
C ALA G 165 0.46 29.35 -22.11
N ARG G 166 -0.63 30.10 -21.90
CA ARG G 166 -1.07 30.36 -20.55
C ARG G 166 -1.50 29.08 -19.79
N ILE G 167 -2.21 28.19 -20.48
CA ILE G 167 -2.67 26.95 -19.85
C ILE G 167 -1.43 26.15 -19.37
N ALA G 168 -0.42 26.08 -20.20
CA ALA G 168 0.80 25.35 -19.82
C ALA G 168 1.46 25.89 -18.55
N LEU G 169 1.53 27.21 -18.45
CA LEU G 169 2.01 27.84 -17.22
C LEU G 169 1.14 27.46 -16.02
N GLU G 170 -0.18 27.60 -16.16
CA GLU G 170 -1.13 27.44 -15.04
C GLU G 170 -1.08 26.02 -14.48
N LEU G 171 -0.88 25.05 -15.37
CA LEU G 171 -0.89 23.63 -15.00
C LEU G 171 0.43 23.11 -14.44
N GLY G 172 1.47 23.96 -14.43
CA GLY G 172 2.74 23.64 -13.81
C GLY G 172 3.92 23.23 -14.71
N SER G 173 3.81 23.44 -16.01
CA SER G 173 4.95 23.14 -16.92
C SER G 173 6.22 23.88 -16.47
N ASP G 174 7.38 23.29 -16.72
CA ASP G 174 8.66 23.97 -16.48
C ASP G 174 9.26 24.54 -17.78
N ALA G 175 8.78 24.04 -18.93
CA ALA G 175 9.05 24.60 -20.26
C ALA G 175 7.85 24.18 -21.10
N MET G 176 7.59 24.84 -22.21
CA MET G 176 6.46 24.45 -23.06
C MET G 176 6.82 24.50 -24.57
N LYS G 177 6.07 23.73 -25.35
CA LYS G 177 6.17 23.73 -26.81
C LYS G 177 4.80 24.14 -27.35
N ILE G 178 4.77 25.14 -28.23
CA ILE G 178 3.50 25.62 -28.79
C ILE G 178 3.67 25.89 -30.28
N LYS G 179 2.54 26.03 -30.97
CA LYS G 179 2.54 26.37 -32.41
C LYS G 179 2.83 27.83 -32.63
N TYR G 180 3.52 28.13 -33.74
CA TYR G 180 3.78 29.50 -34.16
C TYR G 180 2.53 30.13 -34.77
N THR G 181 2.31 31.41 -34.50
CA THR G 181 1.20 32.18 -35.09
C THR G 181 1.50 32.67 -36.53
N GLY G 182 2.74 32.62 -36.96
CA GLY G 182 3.08 33.13 -38.27
C GLY G 182 3.73 34.51 -38.25
N ASP G 183 3.69 35.18 -37.10
CA ASP G 183 4.38 36.45 -37.00
C ASP G 183 4.86 36.76 -35.61
N PRO G 184 5.97 37.49 -35.51
CA PRO G 184 6.54 37.74 -34.20
C PRO G 184 5.65 38.57 -33.29
N LYS G 185 4.91 39.56 -33.82
CA LYS G 185 4.09 40.39 -32.92
C LYS G 185 3.05 39.58 -32.11
N THR G 186 2.22 38.79 -32.78
CA THR G 186 1.20 38.00 -32.06
C THR G 186 1.85 36.89 -31.21
N PHE G 187 2.98 36.34 -31.68
CA PHE G 187 3.65 35.27 -30.93
C PHE G 187 4.30 35.80 -29.64
N SER G 188 4.70 37.08 -29.66
CA SER G 188 5.26 37.70 -28.46
C SER G 188 4.23 37.81 -27.33
N TRP G 189 2.94 37.90 -27.67
CA TRP G 189 1.89 37.87 -26.66
C TRP G 189 1.83 36.51 -25.96
N ALA G 190 1.97 35.41 -26.73
CA ALA G 190 2.02 34.07 -26.11
C ALA G 190 3.23 33.93 -25.20
N VAL G 191 4.37 34.43 -25.66
CA VAL G 191 5.58 34.40 -24.86
C VAL G 191 5.39 35.19 -23.54
N LYS G 192 4.78 36.35 -23.63
CA LYS G 192 4.54 37.20 -22.46
C LYS G 192 3.63 36.48 -21.43
N VAL G 193 2.51 35.94 -21.90
CA VAL G 193 1.57 35.23 -20.99
C VAL G 193 2.13 33.95 -20.37
N ALA G 194 3.18 33.41 -20.98
CA ALA G 194 3.90 32.26 -20.39
C ALA G 194 4.75 32.68 -19.18
N GLY G 195 4.95 33.99 -19.03
CA GLY G 195 5.71 34.53 -17.90
C GLY G 195 7.10 33.89 -17.78
N LYS G 196 7.42 33.34 -16.62
CA LYS G 196 8.72 32.73 -16.34
C LYS G 196 8.98 31.40 -17.02
N VAL G 197 7.99 30.80 -17.67
CA VAL G 197 8.21 29.50 -18.30
C VAL G 197 8.65 29.73 -19.75
N PRO G 198 9.83 29.20 -20.11
CA PRO G 198 10.38 29.35 -21.48
C PRO G 198 9.48 28.68 -22.50
N VAL G 199 9.43 29.27 -23.69
CA VAL G 199 8.63 28.78 -24.83
C VAL G 199 9.52 28.25 -25.97
N LEU G 200 9.20 27.04 -26.41
CA LEU G 200 9.79 26.50 -27.64
C LEU G 200 8.72 26.48 -28.73
N MET G 201 9.12 26.89 -29.93
CA MET G 201 8.28 26.80 -31.12
C MET G 201 8.29 25.38 -31.66
N SER G 202 7.10 24.86 -31.96
CA SER G 202 6.95 23.60 -32.67
C SER G 202 7.24 23.85 -34.17
N GLY G 203 8.15 23.09 -34.76
CA GLY G 203 8.61 23.35 -36.13
C GLY G 203 7.54 23.33 -37.21
N GLY G 204 6.62 22.38 -37.15
CA GLY G 204 5.55 22.27 -38.16
C GLY G 204 5.97 21.54 -39.45
N PRO G 205 5.05 21.45 -40.43
CA PRO G 205 5.28 20.78 -41.70
C PRO G 205 6.50 21.37 -42.42
N LYS G 206 7.27 20.52 -43.11
CA LYS G 206 8.43 21.02 -43.85
C LYS G 206 8.01 22.16 -44.75
N THR G 207 8.70 23.30 -44.64
CA THR G 207 8.44 24.47 -45.50
C THR G 207 8.98 24.25 -46.93
N LYS G 208 8.41 24.98 -47.89
CA LYS G 208 8.76 24.85 -49.31
C LYS G 208 10.20 25.24 -49.63
N THR G 209 10.72 26.24 -48.93
CA THR G 209 12.13 26.63 -49.06
C THR G 209 12.75 26.65 -47.67
N GLU G 210 14.08 26.59 -47.62
CA GLU G 210 14.81 26.67 -46.36
C GLU G 210 14.64 28.05 -45.73
N GLU G 211 14.71 29.09 -46.57
CA GLU G 211 14.46 30.46 -46.15
C GLU G 211 13.15 30.68 -45.37
N ASP G 212 12.03 30.05 -45.80
CA ASP G 212 10.74 30.22 -45.12
C ASP G 212 10.87 29.78 -43.67
N PHE G 213 11.56 28.67 -43.45
CA PHE G 213 11.69 28.14 -42.09
C PHE G 213 12.61 29.00 -41.22
N LEU G 214 13.70 29.48 -41.80
CA LEU G 214 14.65 30.30 -41.01
C LEU G 214 14.01 31.66 -40.66
N LYS G 215 13.16 32.16 -41.56
CA LYS G 215 12.36 33.35 -41.29
C LYS G 215 11.42 33.13 -40.09
N GLN G 216 10.71 32.00 -40.06
CA GLN G 216 9.84 31.69 -38.92
C GLN G 216 10.66 31.64 -37.61
N VAL G 217 11.83 31.00 -37.66
CA VAL G 217 12.72 30.89 -36.48
C VAL G 217 13.22 32.28 -36.02
N GLU G 218 13.64 33.11 -36.96
CA GLU G 218 14.03 34.49 -36.63
C GLU G 218 12.87 35.25 -35.91
N GLY G 219 11.64 35.08 -36.40
CA GLY G 219 10.43 35.65 -35.76
C GLY G 219 10.22 35.19 -34.33
N VAL G 220 10.32 33.88 -34.12
CA VAL G 220 10.23 33.21 -32.81
C VAL G 220 11.26 33.80 -31.82
N LEU G 221 12.49 33.95 -32.29
CA LEU G 221 13.54 34.53 -31.45
C LEU G 221 13.25 36.03 -31.15
N GLU G 222 12.85 36.78 -32.17
CA GLU G 222 12.44 38.21 -32.01
C GLU G 222 11.34 38.36 -30.95
N ALA G 223 10.36 37.47 -31.00
CA ALA G 223 9.26 37.43 -30.03
C ALA G 223 9.66 37.04 -28.59
N GLY G 224 10.91 36.61 -28.38
CA GLY G 224 11.43 36.32 -27.04
C GLY G 224 11.36 34.86 -26.59
N ALA G 225 11.11 33.96 -27.53
CA ALA G 225 11.04 32.54 -27.24
C ALA G 225 12.42 32.00 -26.97
N LEU G 226 12.49 30.88 -26.26
CA LEU G 226 13.75 30.22 -25.96
C LEU G 226 14.41 29.56 -27.18
N GLY G 227 13.61 29.00 -28.07
CA GLY G 227 14.18 28.27 -29.16
C GLY G 227 13.10 27.48 -29.86
N ILE G 228 13.53 26.40 -30.48
CA ILE G 228 12.62 25.65 -31.33
C ILE G 228 12.71 24.18 -30.97
N ALA G 229 11.61 23.46 -31.16
CA ALA G 229 11.62 22.01 -31.09
C ALA G 229 11.25 21.58 -32.50
N VAL G 230 12.22 21.10 -33.27
CA VAL G 230 12.05 20.96 -34.69
C VAL G 230 12.24 19.50 -35.08
N GLY G 231 11.34 18.99 -35.93
CA GLY G 231 11.49 17.64 -36.46
C GLY G 231 11.65 17.64 -37.97
N ARG G 232 10.51 17.68 -38.65
CA ARG G 232 10.47 17.54 -40.10
C ARG G 232 11.35 18.56 -40.81
N ASN G 233 11.40 19.81 -40.33
CA ASN G 233 12.17 20.83 -41.07
C ASN G 233 13.68 20.62 -41.09
N VAL G 234 14.14 19.69 -40.25
CA VAL G 234 15.52 19.18 -40.32
C VAL G 234 15.55 17.79 -40.96
N TRP G 235 14.95 16.77 -40.34
CA TRP G 235 15.22 15.41 -40.84
C TRP G 235 14.46 14.94 -42.10
N GLN G 236 13.43 15.68 -42.51
CA GLN G 236 12.81 15.45 -43.82
C GLN G 236 13.63 16.00 -45.00
N ARG G 237 14.72 16.71 -44.72
CA ARG G 237 15.54 17.29 -45.82
C ARG G 237 16.73 16.43 -46.21
N ARG G 238 17.00 16.37 -47.52
CA ARG G 238 18.16 15.65 -48.04
C ARG G 238 19.46 16.22 -47.46
N ASP G 239 19.54 17.55 -47.37
CA ASP G 239 20.69 18.21 -46.77
C ASP G 239 20.48 18.46 -45.26
N ALA G 240 19.94 17.45 -44.53
CA ALA G 240 19.60 17.65 -43.10
C ALA G 240 20.69 18.25 -42.20
N LEU G 241 21.93 17.75 -42.34
CA LEU G 241 23.04 18.21 -41.49
C LEU G 241 23.46 19.65 -41.80
N LYS G 242 23.65 19.95 -43.08
CA LYS G 242 23.97 21.29 -43.51
C LYS G 242 22.90 22.29 -43.00
N PHE G 243 21.62 21.97 -43.21
CA PHE G 243 20.57 22.86 -42.73
C PHE G 243 20.53 22.92 -41.21
N ALA G 244 20.77 21.79 -40.55
CA ALA G 244 20.78 21.74 -39.09
C ALA G 244 21.89 22.66 -38.56
N ARG G 245 23.03 22.68 -39.23
CA ARG G 245 24.11 23.62 -38.89
C ARG G 245 23.78 25.09 -39.13
N ALA G 246 23.08 25.41 -40.22
CA ALA G 246 22.62 26.80 -40.48
C ALA G 246 21.64 27.21 -39.38
N LEU G 247 20.79 26.27 -38.96
CA LEU G 247 19.87 26.53 -37.84
C LEU G 247 20.60 26.86 -36.54
N ALA G 248 21.56 26.00 -36.15
CA ALA G 248 22.44 26.25 -35.00
C ALA G 248 23.11 27.64 -35.09
N GLU G 249 23.64 27.96 -36.26
CA GLU G 249 24.29 29.23 -36.48
C GLU G 249 23.32 30.41 -36.19
N LEU G 250 22.08 30.32 -36.68
CA LEU G 250 21.08 31.37 -36.44
C LEU G 250 20.67 31.48 -34.96
N VAL G 251 20.27 30.36 -34.38
CA VAL G 251 19.75 30.32 -33.01
C VAL G 251 20.80 30.68 -31.94
N TYR G 252 21.99 30.08 -32.02
CA TYR G 252 23.05 30.36 -31.07
C TYR G 252 23.81 31.59 -31.53
N ASN H 3 -12.25 23.07 13.81
CA ASN H 3 -13.23 23.86 13.00
C ASN H 3 -12.53 24.72 11.92
N LEU H 4 -12.63 24.26 10.68
CA LEU H 4 -11.91 24.88 9.57
C LEU H 4 -12.59 26.16 9.08
N THR H 5 -13.89 26.31 9.34
CA THR H 5 -14.53 27.60 9.07
C THR H 5 -13.94 28.72 9.94
N GLU H 6 -13.71 28.43 11.22
CA GLU H 6 -13.05 29.36 12.14
C GLU H 6 -11.63 29.70 11.70
N LYS H 7 -10.90 28.69 11.24
CA LYS H 7 -9.56 28.89 10.71
C LYS H 7 -9.61 29.75 9.42
N PHE H 8 -10.57 29.47 8.54
CA PHE H 8 -10.74 30.31 7.35
C PHE H 8 -10.95 31.79 7.72
N LEU H 9 -11.84 32.04 8.66
CA LEU H 9 -12.15 33.42 9.05
C LEU H 9 -10.98 34.16 9.69
N ARG H 10 -10.18 33.45 10.49
CA ARG H 10 -9.00 33.99 11.17
C ARG H 10 -7.99 34.45 10.13
N ILE H 11 -7.84 33.64 9.08
CA ILE H 11 -6.85 33.90 8.04
C ILE H 11 -7.35 34.92 6.99
N PHE H 12 -8.57 34.71 6.49
CA PHE H 12 -9.04 35.48 5.35
C PHE H 12 -10.10 36.56 5.69
N ALA H 13 -10.49 36.65 6.97
CA ALA H 13 -11.51 37.64 7.36
C ALA H 13 -11.20 38.25 8.73
N ARG H 14 -9.93 38.57 8.97
CA ARG H 14 -9.52 39.10 10.27
CA ARG H 14 -9.51 39.11 10.27
C ARG H 14 -10.26 40.39 10.66
N ARG H 15 -10.73 41.17 9.68
CA ARG H 15 -11.43 42.44 9.97
C ARG H 15 -12.95 42.27 10.12
N GLY H 16 -13.42 41.04 9.92
CA GLY H 16 -14.83 40.74 10.07
C GLY H 16 -15.47 40.46 8.73
N LYS H 17 -14.82 40.94 7.66
CA LYS H 17 -15.32 40.78 6.28
C LYS H 17 -14.12 40.48 5.39
N SER H 18 -14.37 40.02 4.16
CA SER H 18 -13.26 39.50 3.33
C SER H 18 -13.24 40.04 1.91
N ILE H 19 -12.04 40.32 1.41
CA ILE H 19 -11.82 40.52 -0.02
C ILE H 19 -10.71 39.60 -0.49
N ILE H 20 -11.05 38.71 -1.42
CA ILE H 20 -10.09 37.82 -2.04
C ILE H 20 -9.89 38.23 -3.51
N LEU H 21 -8.63 38.33 -3.93
CA LEU H 21 -8.36 38.68 -5.31
C LEU H 21 -8.22 37.41 -6.13
N ALA H 22 -9.18 37.18 -7.05
CA ALA H 22 -9.23 35.90 -7.79
C ALA H 22 -8.38 35.99 -9.05
N TYR H 23 -7.58 34.97 -9.32
CA TYR H 23 -6.69 34.99 -10.50
C TYR H 23 -6.49 33.63 -11.13
N ASP H 24 -7.54 32.81 -11.16
CA ASP H 24 -7.57 31.54 -11.91
C ASP H 24 -7.96 31.74 -13.39
N HIS H 25 -8.11 32.98 -13.81
CA HIS H 25 -8.68 33.32 -15.15
C HIS H 25 -7.82 32.86 -16.35
N GLY H 26 -6.51 32.84 -16.13
CA GLY H 26 -5.54 32.37 -17.13
C GLY H 26 -5.92 31.03 -17.75
N ILE H 27 -6.34 30.06 -16.92
CA ILE H 27 -6.84 28.78 -17.44
C ILE H 27 -8.33 28.83 -17.81
N GLU H 28 -9.16 29.39 -16.94
CA GLU H 28 -10.62 29.36 -17.13
C GLU H 28 -11.08 30.12 -18.37
N HIS H 29 -10.49 31.29 -18.63
CA HIS H 29 -10.90 32.12 -19.80
C HIS H 29 -9.75 32.34 -20.77
N GLY H 30 -8.52 32.17 -20.27
CA GLY H 30 -7.35 32.52 -21.07
C GLY H 30 -7.02 34.01 -21.05
N PRO H 31 -5.92 34.37 -21.78
CA PRO H 31 -5.34 35.70 -21.79
C PRO H 31 -6.17 36.80 -22.46
N ALA H 32 -7.30 36.50 -23.09
CA ALA H 32 -8.13 37.60 -23.58
C ALA H 32 -8.59 38.51 -22.41
N ASP H 33 -8.91 37.92 -21.25
CA ASP H 33 -9.17 38.69 -20.03
C ASP H 33 -8.08 39.78 -19.74
N PHE H 34 -6.82 39.51 -20.13
CA PHE H 34 -5.68 40.39 -19.78
C PHE H 34 -5.36 41.51 -20.78
N MET H 35 -6.02 41.55 -21.93
CA MET H 35 -5.72 42.61 -22.92
C MET H 35 -6.10 44.04 -22.49
N ASP H 36 -7.26 44.21 -21.84
CA ASP H 36 -7.73 45.52 -21.31
C ASP H 36 -6.68 46.24 -20.43
N ASN H 37 -5.99 45.48 -19.58
CA ASN H 37 -4.97 46.02 -18.67
C ASN H 37 -3.75 45.06 -18.70
N PRO H 38 -2.85 45.22 -19.71
CA PRO H 38 -1.82 44.20 -19.96
C PRO H 38 -0.95 43.77 -18.76
N ASP H 39 -0.66 44.68 -17.83
CA ASP H 39 0.00 44.31 -16.56
C ASP H 39 -0.70 43.12 -15.84
N SER H 40 -2.00 42.97 -16.04
CA SER H 40 -2.72 41.91 -15.33
C SER H 40 -2.26 40.50 -15.76
N ALA H 41 -1.52 40.38 -16.87
CA ALA H 41 -0.98 39.11 -17.36
C ALA H 41 0.19 38.60 -16.47
N ASP H 42 0.75 39.52 -15.69
CA ASP H 42 1.91 39.28 -14.82
C ASP H 42 1.42 38.99 -13.37
N PRO H 43 1.63 37.74 -12.90
CA PRO H 43 1.20 37.36 -11.55
C PRO H 43 1.89 38.16 -10.43
N GLU H 44 3.12 38.63 -10.65
CA GLU H 44 3.77 39.52 -9.66
C GLU H 44 2.98 40.84 -9.49
N TYR H 45 2.41 41.34 -10.59
CA TYR H 45 1.59 42.54 -10.53
C TYR H 45 0.33 42.29 -9.70
N ILE H 46 -0.27 41.12 -9.91
CA ILE H 46 -1.42 40.66 -9.13
C ILE H 46 -1.11 40.55 -7.62
N LEU H 47 0.04 39.96 -7.26
CA LEU H 47 0.44 39.92 -5.85
C LEU H 47 0.66 41.32 -5.27
N ARG H 48 1.34 42.20 -6.00
CA ARG H 48 1.51 43.59 -5.54
C ARG H 48 0.16 44.28 -5.31
N LEU H 49 -0.79 44.06 -6.21
CA LEU H 49 -2.07 44.71 -6.16
C LEU H 49 -2.81 44.26 -4.89
N ALA H 50 -2.78 42.96 -4.61
CA ALA H 50 -3.42 42.41 -3.39
C ALA H 50 -2.81 42.99 -2.11
N ARG H 51 -1.47 43.05 -2.02
CA ARG H 51 -0.80 43.63 -0.85
C ARG H 51 -1.12 45.12 -0.72
N ASP H 52 -0.88 45.89 -1.78
CA ASP H 52 -1.03 47.34 -1.73
C ASP H 52 -2.45 47.79 -1.46
N ALA H 53 -3.43 46.94 -1.76
CA ALA H 53 -4.82 47.30 -1.51
C ALA H 53 -5.29 46.81 -0.15
N GLY H 54 -4.45 46.02 0.52
CA GLY H 54 -4.79 45.45 1.81
C GLY H 54 -5.83 44.33 1.77
N PHE H 55 -5.87 43.56 0.68
CA PHE H 55 -6.82 42.44 0.55
C PHE H 55 -6.39 41.22 1.39
N ASP H 56 -7.33 40.31 1.61
CA ASP H 56 -7.13 39.21 2.51
C ASP H 56 -6.48 38.00 1.86
N GLY H 57 -6.62 37.85 0.55
CA GLY H 57 -6.11 36.63 -0.08
C GLY H 57 -6.01 36.75 -1.57
N VAL H 58 -5.34 35.77 -2.18
CA VAL H 58 -5.27 35.62 -3.64
C VAL H 58 -5.61 34.19 -3.98
N VAL H 59 -6.15 33.97 -5.18
CA VAL H 59 -6.45 32.61 -5.65
C VAL H 59 -5.58 32.32 -6.85
N PHE H 60 -4.73 31.30 -6.73
CA PHE H 60 -3.87 30.89 -7.83
C PHE H 60 -4.06 29.39 -8.14
N GLN H 61 -3.95 29.03 -9.42
CA GLN H 61 -3.70 27.64 -9.82
C GLN H 61 -2.26 27.26 -9.44
N ARG H 62 -2.00 25.95 -9.36
CA ARG H 62 -0.70 25.41 -8.94
C ARG H 62 0.53 25.97 -9.70
N GLY H 63 0.43 26.16 -11.00
CA GLY H 63 1.59 26.59 -11.77
C GLY H 63 1.98 28.05 -11.44
N ILE H 64 0.96 28.89 -11.27
CA ILE H 64 1.16 30.28 -10.82
C ILE H 64 1.70 30.32 -9.40
N ALA H 65 1.07 29.60 -8.47
CA ALA H 65 1.62 29.53 -7.11
C ALA H 65 3.07 29.01 -7.10
N GLU H 66 3.37 27.95 -7.85
CA GLU H 66 4.72 27.39 -7.86
C GLU H 66 5.78 28.38 -8.35
N LYS H 67 5.48 29.04 -9.47
CA LYS H 67 6.45 29.94 -10.07
C LYS H 67 6.51 31.33 -9.42
N TYR H 68 5.44 31.74 -8.74
CA TYR H 68 5.27 33.14 -8.35
C TYR H 68 4.99 33.41 -6.88
N TYR H 69 4.30 32.49 -6.20
CA TYR H 69 3.88 32.75 -4.82
C TYR H 69 5.07 32.99 -3.86
N ASP H 70 4.98 34.07 -3.08
CA ASP H 70 6.11 34.47 -2.25
C ASP H 70 5.74 34.62 -0.77
N GLY H 71 4.60 34.08 -0.37
CA GLY H 71 4.20 34.13 1.03
C GLY H 71 3.61 35.44 1.52
N SER H 72 3.48 36.43 0.64
CA SER H 72 3.16 37.81 1.08
C SER H 72 1.68 38.10 1.38
N VAL H 73 0.77 37.32 0.80
CA VAL H 73 -0.68 37.41 1.03
C VAL H 73 -1.18 35.97 1.19
N PRO H 74 -2.14 35.72 2.10
CA PRO H 74 -2.57 34.30 2.20
C PRO H 74 -3.09 33.71 0.88
N LEU H 75 -2.80 32.43 0.66
CA LEU H 75 -3.06 31.82 -0.64
C LEU H 75 -4.20 30.77 -0.59
N ILE H 76 -5.19 30.89 -1.48
CA ILE H 76 -6.14 29.82 -1.75
C ILE H 76 -5.70 29.16 -3.06
N LEU H 77 -5.28 27.91 -2.96
CA LEU H 77 -4.83 27.15 -4.15
C LEU H 77 -6.06 26.54 -4.81
N LYS H 78 -6.43 27.07 -5.97
CA LYS H 78 -7.50 26.53 -6.77
C LYS H 78 -7.07 25.21 -7.44
N LEU H 79 -7.66 24.11 -7.02
CA LEU H 79 -7.12 22.76 -7.36
C LEU H 79 -7.52 22.27 -8.74
N ASN H 80 -8.73 22.62 -9.19
CA ASN H 80 -9.24 22.24 -10.52
C ASN H 80 -9.36 23.44 -11.46
N GLY H 81 -9.34 23.16 -12.76
CA GLY H 81 -9.45 24.18 -13.78
C GLY H 81 -9.90 23.54 -15.07
N LYS H 82 -10.69 24.27 -15.85
CA LYS H 82 -11.08 23.86 -17.22
C LYS H 82 -10.98 25.09 -18.12
N THR H 83 -11.11 24.91 -19.43
CA THR H 83 -11.01 26.03 -20.37
C THR H 83 -12.38 26.35 -20.99
N THR H 84 -12.50 27.53 -21.59
CA THR H 84 -13.70 27.85 -22.34
C THR H 84 -13.63 27.25 -23.73
N LEU H 85 -12.50 26.66 -24.11
CA LEU H 85 -12.41 25.98 -25.40
C LEU H 85 -13.21 24.69 -25.38
N TYR H 86 -13.43 24.18 -24.16
CA TYR H 86 -14.09 22.91 -23.94
C TYR H 86 -15.58 23.07 -24.20
N ASN H 87 -16.14 22.13 -24.94
CA ASN H 87 -17.54 22.23 -25.32
C ASN H 87 -18.46 21.13 -24.72
N GLY H 88 -17.90 20.19 -23.98
CA GLY H 88 -18.80 19.17 -23.41
C GLY H 88 -19.61 19.62 -22.17
N GLU H 89 -20.23 18.63 -21.53
CA GLU H 89 -20.84 18.85 -20.21
C GLU H 89 -19.80 19.43 -19.27
N PRO H 90 -20.16 20.51 -18.53
CA PRO H 90 -19.19 21.24 -17.70
C PRO H 90 -18.52 20.28 -16.72
N VAL H 91 -17.20 20.32 -16.64
CA VAL H 91 -16.44 19.46 -15.74
C VAL H 91 -15.07 20.08 -15.63
N SER H 92 -14.53 20.03 -14.42
CA SER H 92 -13.24 20.65 -14.10
C SER H 92 -12.60 19.68 -13.11
N VAL H 93 -11.47 19.10 -13.50
CA VAL H 93 -10.84 18.10 -12.65
C VAL H 93 -9.62 18.70 -11.96
N ALA H 94 -9.28 18.15 -10.80
CA ALA H 94 -8.08 18.58 -10.03
C ALA H 94 -6.83 18.39 -10.86
N ASN H 95 -5.98 19.39 -10.87
CA ASN H 95 -4.67 19.24 -11.50
C ASN H 95 -3.59 19.29 -10.42
N CYS H 96 -4.00 19.29 -9.14
CA CYS H 96 -3.09 19.44 -8.00
C CYS H 96 -3.74 18.74 -6.84
N SER H 97 -2.96 18.17 -5.93
CA SER H 97 -3.50 17.55 -4.71
C SER H 97 -3.45 18.54 -3.52
N VAL H 98 -4.26 18.26 -2.50
CA VAL H 98 -4.17 19.01 -1.26
C VAL H 98 -2.74 18.96 -0.69
N GLU H 99 -2.13 17.76 -0.68
CA GLU H 99 -0.76 17.63 -0.16
C GLU H 99 0.20 18.61 -0.89
N GLU H 100 0.08 18.68 -2.20
CA GLU H 100 0.92 19.58 -3.00
C GLU H 100 0.63 21.05 -2.72
N ALA H 101 -0.66 21.36 -2.51
CA ALA H 101 -1.09 22.69 -2.15
C ALA H 101 -0.44 23.13 -0.84
N VAL H 102 -0.40 22.24 0.18
CA VAL H 102 0.33 22.51 1.40
C VAL H 102 1.78 22.84 1.08
N SER H 103 2.43 22.05 0.23
CA SER H 103 3.84 22.30 -0.09
C SER H 103 4.04 23.65 -0.81
N LEU H 104 3.01 24.12 -1.53
CA LEU H 104 3.06 25.41 -2.27
C LEU H 104 2.78 26.67 -1.41
N GLY H 105 2.46 26.47 -0.13
CA GLY H 105 2.23 27.59 0.78
C GLY H 105 0.78 27.95 0.93
N ALA H 106 -0.15 27.10 0.48
CA ALA H 106 -1.60 27.37 0.55
C ALA H 106 -2.10 27.49 2.01
N SER H 107 -3.00 28.43 2.27
CA SER H 107 -3.69 28.48 3.57
C SER H 107 -5.09 27.87 3.49
N ALA H 108 -5.60 27.71 2.26
CA ALA H 108 -6.87 27.04 1.95
C ALA H 108 -6.80 26.40 0.55
N VAL H 109 -7.75 25.54 0.21
CA VAL H 109 -7.86 25.00 -1.15
C VAL H 109 -9.22 25.37 -1.74
N GLY H 110 -9.28 25.51 -3.06
CA GLY H 110 -10.54 25.89 -3.75
C GLY H 110 -10.88 24.79 -4.74
N TYR H 111 -12.17 24.58 -4.96
CA TYR H 111 -12.61 23.57 -5.93
C TYR H 111 -13.96 24.01 -6.50
N THR H 112 -14.06 23.98 -7.84
CA THR H 112 -15.32 24.26 -8.52
C THR H 112 -16.17 23.01 -8.74
N ILE H 113 -17.45 23.13 -8.39
CA ILE H 113 -18.46 22.16 -8.79
C ILE H 113 -19.49 22.81 -9.74
N TYR H 114 -20.06 21.99 -10.63
CA TYR H 114 -21.12 22.42 -11.57
C TYR H 114 -22.35 21.51 -11.42
N PRO H 115 -23.13 21.73 -10.35
CA PRO H 115 -24.34 20.96 -10.10
C PRO H 115 -25.24 21.06 -11.32
N GLY H 116 -25.85 19.96 -11.74
CA GLY H 116 -26.73 19.95 -12.93
C GLY H 116 -26.01 19.38 -14.15
N SER H 117 -24.69 19.50 -14.18
CA SER H 117 -23.91 19.01 -15.33
C SER H 117 -24.13 17.52 -15.53
N GLY H 118 -24.12 17.08 -16.79
CA GLY H 118 -24.02 15.67 -17.13
C GLY H 118 -22.89 14.98 -16.35
N PHE H 119 -21.88 15.76 -15.95
CA PHE H 119 -20.71 15.24 -15.19
C PHE H 119 -20.72 15.63 -13.73
N GLU H 120 -21.88 16.01 -13.19
CA GLU H 120 -21.89 16.50 -11.78
C GLU H 120 -21.32 15.42 -10.84
N TRP H 121 -21.60 14.16 -11.13
CA TRP H 121 -21.07 13.01 -10.33
C TRP H 121 -19.51 12.93 -10.30
N LYS H 122 -18.88 13.30 -11.43
CA LYS H 122 -17.43 13.25 -11.51
C LYS H 122 -16.82 14.24 -10.53
N MET H 123 -17.39 15.43 -10.47
CA MET H 123 -16.88 16.42 -9.55
C MET H 123 -17.23 16.12 -8.10
N PHE H 124 -18.42 15.56 -7.84
CA PHE H 124 -18.75 15.15 -6.46
C PHE H 124 -17.84 14.02 -5.96
N GLU H 125 -17.54 13.05 -6.85
CA GLU H 125 -16.60 11.93 -6.51
C GLU H 125 -15.26 12.50 -6.10
N GLU H 126 -14.72 13.38 -6.94
CA GLU H 126 -13.41 13.95 -6.67
C GLU H 126 -13.39 14.91 -5.46
N LEU H 127 -14.44 15.73 -5.31
CA LEU H 127 -14.54 16.60 -4.15
C LEU H 127 -14.56 15.84 -2.80
N ALA H 128 -15.12 14.63 -2.79
CA ALA H 128 -15.11 13.76 -1.61
C ALA H 128 -13.68 13.44 -1.17
N ARG H 129 -12.82 13.14 -2.14
CA ARG H 129 -11.38 12.87 -1.84
C ARG H 129 -10.62 14.14 -1.37
N ILE H 130 -10.91 15.27 -2.02
CA ILE H 130 -10.32 16.57 -1.65
C ILE H 130 -10.78 17.04 -0.28
N LYS H 131 -12.08 16.89 0.04
CA LYS H 131 -12.61 17.22 1.38
C LYS H 131 -11.92 16.34 2.47
N ARG H 132 -11.79 15.05 2.21
CA ARG H 132 -11.12 14.18 3.14
C ARG H 132 -9.66 14.67 3.37
N ASP H 133 -8.97 15.04 2.30
CA ASP H 133 -7.57 15.50 2.44
C ASP H 133 -7.51 16.88 3.11
N ALA H 134 -8.46 17.75 2.78
CA ALA H 134 -8.52 19.08 3.41
C ALA H 134 -8.57 18.96 4.96
N VAL H 135 -9.42 18.06 5.47
CA VAL H 135 -9.50 17.77 6.91
C VAL H 135 -8.17 17.20 7.45
N LYS H 136 -7.62 16.22 6.75
CA LYS H 136 -6.36 15.62 7.14
C LYS H 136 -5.21 16.64 7.25
N PHE H 137 -5.11 17.56 6.30
CA PHE H 137 -4.02 18.55 6.29
C PHE H 137 -4.42 19.84 7.02
N ASP H 138 -5.64 19.90 7.53
CA ASP H 138 -6.17 21.06 8.28
C ASP H 138 -6.20 22.35 7.46
N LEU H 139 -6.50 22.23 6.19
CA LEU H 139 -6.68 23.36 5.28
C LEU H 139 -8.18 23.59 5.02
N PRO H 140 -8.70 24.83 5.22
CA PRO H 140 -10.12 25.05 4.85
C PRO H 140 -10.38 24.75 3.39
N LEU H 141 -11.52 24.11 3.13
CA LEU H 141 -12.03 23.89 1.77
C LEU H 141 -13.03 24.98 1.35
N VAL H 142 -12.70 25.65 0.25
CA VAL H 142 -13.57 26.68 -0.32
C VAL H 142 -14.13 26.20 -1.66
N VAL H 143 -15.46 26.13 -1.72
CA VAL H 143 -16.13 25.54 -2.88
C VAL H 143 -16.75 26.67 -3.72
N TRP H 144 -16.37 26.69 -5.00
CA TRP H 144 -16.96 27.60 -5.99
C TRP H 144 -18.19 26.84 -6.47
N SER H 145 -19.38 27.24 -6.07
CA SER H 145 -20.55 26.44 -6.38
C SER H 145 -21.33 27.09 -7.50
N PHE H 146 -21.10 26.60 -8.73
CA PHE H 146 -21.59 27.23 -9.97
C PHE H 146 -22.45 26.22 -10.76
N PRO H 147 -23.73 26.07 -10.39
CA PRO H 147 -24.65 25.22 -11.18
C PRO H 147 -24.57 25.59 -12.65
N ARG H 148 -24.42 24.59 -13.53
CA ARG H 148 -24.17 24.81 -14.95
C ARG H 148 -24.40 23.47 -15.70
N GLY H 149 -25.05 23.55 -16.85
CA GLY H 149 -25.49 22.38 -17.60
C GLY H 149 -26.81 21.87 -17.05
N GLY H 150 -27.26 20.72 -17.55
CA GLY H 150 -28.57 20.21 -17.16
C GLY H 150 -29.70 21.21 -17.34
N LYS H 151 -30.50 21.39 -16.29
CA LYS H 151 -31.68 22.26 -16.30
C LYS H 151 -31.33 23.73 -16.05
N VAL H 152 -30.06 24.02 -15.82
CA VAL H 152 -29.65 25.38 -15.46
C VAL H 152 -29.69 26.23 -16.72
N VAL H 153 -30.44 27.32 -16.65
CA VAL H 153 -30.45 28.29 -17.75
C VAL H 153 -29.76 29.56 -17.30
N ASN H 154 -30.42 30.36 -16.45
CA ASN H 154 -29.81 31.59 -15.94
C ASN H 154 -29.18 31.32 -14.55
N GLU H 155 -27.87 31.41 -14.49
CA GLU H 155 -27.12 31.05 -13.32
C GLU H 155 -27.33 32.00 -12.17
N THR H 156 -27.80 33.22 -12.47
CA THR H 156 -28.01 34.24 -11.46
C THR H 156 -29.46 34.27 -10.98
N ALA H 157 -30.30 33.38 -11.49
CA ALA H 157 -31.68 33.25 -11.00
C ALA H 157 -31.66 32.97 -9.50
N PRO H 158 -32.56 33.61 -8.74
CA PRO H 158 -32.51 33.45 -7.27
C PRO H 158 -32.60 32.00 -6.79
N GLU H 159 -33.41 31.16 -7.43
CA GLU H 159 -33.53 29.76 -7.00
C GLU H 159 -32.26 28.97 -7.33
N ILE H 160 -31.53 29.34 -8.38
CA ILE H 160 -30.30 28.59 -8.76
C ILE H 160 -29.16 28.95 -7.81
N VAL H 161 -29.06 30.24 -7.45
CA VAL H 161 -28.02 30.68 -6.51
C VAL H 161 -28.28 30.10 -5.11
N ALA H 162 -29.54 30.02 -4.69
CA ALA H 162 -29.88 29.45 -3.36
C ALA H 162 -29.52 27.96 -3.34
N TYR H 163 -29.84 27.27 -4.43
CA TYR H 163 -29.46 25.87 -4.59
C TYR H 163 -27.94 25.69 -4.51
N ALA H 164 -27.21 26.53 -5.23
CA ALA H 164 -25.74 26.50 -5.22
C ALA H 164 -25.17 26.61 -3.81
N ALA H 165 -25.69 27.57 -3.03
CA ALA H 165 -25.25 27.78 -1.66
C ALA H 165 -25.56 26.55 -0.81
N ARG H 166 -26.78 26.02 -0.94
CA ARG H 166 -27.14 24.89 -0.08
C ARG H 166 -26.26 23.65 -0.40
N ILE H 167 -26.06 23.38 -1.70
CA ILE H 167 -25.21 22.25 -2.11
C ILE H 167 -23.80 22.33 -1.48
N ALA H 168 -23.18 23.50 -1.53
CA ALA H 168 -21.83 23.68 -0.96
C ALA H 168 -21.83 23.36 0.55
N LEU H 169 -22.89 23.76 1.26
CA LEU H 169 -23.02 23.43 2.69
C LEU H 169 -23.14 21.91 2.90
N GLU H 170 -23.98 21.25 2.11
CA GLU H 170 -24.28 19.81 2.28
C GLU H 170 -23.05 18.94 2.03
N LEU H 171 -22.21 19.37 1.06
CA LEU H 171 -21.04 18.61 0.62
C LEU H 171 -19.80 18.86 1.47
N GLY H 172 -19.90 19.78 2.45
CA GLY H 172 -18.80 19.92 3.41
C GLY H 172 -17.86 21.11 3.29
N SER H 173 -18.21 22.11 2.45
CA SER H 173 -17.36 23.28 2.23
C SER H 173 -17.21 24.01 3.57
N ASP H 174 -16.06 24.65 3.77
CA ASP H 174 -15.85 25.47 4.99
C ASP H 174 -16.11 26.96 4.73
N ALA H 175 -16.08 27.33 3.44
CA ALA H 175 -16.47 28.64 2.93
C ALA H 175 -16.90 28.41 1.47
N MET H 176 -17.65 29.33 0.89
CA MET H 176 -18.12 29.14 -0.49
C MET H 176 -18.12 30.41 -1.31
N LYS H 177 -18.10 30.23 -2.63
CA LYS H 177 -18.12 31.34 -3.56
C LYS H 177 -19.27 31.04 -4.53
N ILE H 178 -20.21 31.96 -4.63
CA ILE H 178 -21.39 31.79 -5.48
C ILE H 178 -21.64 33.04 -6.32
N LYS H 179 -22.40 32.90 -7.40
CA LYS H 179 -22.81 34.06 -8.21
C LYS H 179 -23.81 34.99 -7.50
N TYR H 180 -23.72 36.28 -7.81
CA TYR H 180 -24.67 37.26 -7.28
C TYR H 180 -26.00 37.24 -8.08
N THR H 181 -27.11 37.39 -7.38
CA THR H 181 -28.44 37.33 -8.00
C THR H 181 -28.84 38.69 -8.57
N GLY H 182 -28.12 39.74 -8.19
CA GLY H 182 -28.42 41.09 -8.70
C GLY H 182 -29.20 41.97 -7.75
N ASP H 183 -29.70 41.38 -6.64
CA ASP H 183 -30.32 42.18 -5.57
C ASP H 183 -30.20 41.51 -4.18
N PRO H 184 -30.01 42.32 -3.11
CA PRO H 184 -29.83 41.87 -1.73
C PRO H 184 -30.96 40.99 -1.16
N LYS H 185 -32.22 41.25 -1.50
CA LYS H 185 -33.32 40.46 -0.94
C LYS H 185 -33.19 38.97 -1.32
N THR H 186 -33.01 38.69 -2.61
CA THR H 186 -32.91 37.31 -3.06
C THR H 186 -31.58 36.70 -2.67
N PHE H 187 -30.51 37.52 -2.68
CA PHE H 187 -29.19 37.05 -2.24
C PHE H 187 -29.16 36.59 -0.76
N SER H 188 -29.96 37.23 0.08
CA SER H 188 -29.98 36.93 1.52
C SER H 188 -30.60 35.56 1.79
N TRP H 189 -31.52 35.12 0.93
CA TRP H 189 -32.05 33.75 1.01
C TRP H 189 -30.90 32.75 0.81
N ALA H 190 -30.08 32.95 -0.24
CA ALA H 190 -28.89 32.11 -0.49
C ALA H 190 -27.95 32.13 0.73
N VAL H 191 -27.73 33.31 1.30
CA VAL H 191 -26.86 33.44 2.49
C VAL H 191 -27.47 32.67 3.66
N LYS H 192 -28.78 32.74 3.81
CA LYS H 192 -29.46 32.04 4.90
C LYS H 192 -29.31 30.52 4.83
N VAL H 193 -29.53 29.96 3.64
CA VAL H 193 -29.55 28.51 3.50
C VAL H 193 -28.15 27.90 3.59
N ALA H 194 -27.13 28.74 3.39
CA ALA H 194 -25.75 28.36 3.66
C ALA H 194 -25.45 28.16 5.17
N GLY H 195 -26.36 28.62 6.03
CA GLY H 195 -26.23 28.48 7.50
C GLY H 195 -24.88 29.02 8.04
N LYS H 196 -24.14 28.15 8.73
CA LYS H 196 -22.85 28.47 9.39
C LYS H 196 -21.66 28.62 8.43
N VAL H 197 -21.87 28.36 7.14
CA VAL H 197 -20.78 28.48 6.18
C VAL H 197 -20.82 29.86 5.50
N PRO H 198 -19.70 30.61 5.57
CA PRO H 198 -19.66 31.96 5.02
C PRO H 198 -19.68 31.96 3.48
N VAL H 199 -20.34 32.98 2.92
CA VAL H 199 -20.51 33.15 1.50
C VAL H 199 -19.69 34.31 0.94
N LEU H 200 -18.96 34.02 -0.13
CA LEU H 200 -18.29 35.08 -0.86
C LEU H 200 -18.99 35.28 -2.21
N MET H 201 -19.34 36.53 -2.54
CA MET H 201 -19.81 36.89 -3.87
C MET H 201 -18.71 36.77 -4.94
N SER H 202 -18.99 36.04 -6.01
CA SER H 202 -18.17 36.03 -7.22
C SER H 202 -18.39 37.37 -7.99
N GLY H 203 -17.29 38.04 -8.33
CA GLY H 203 -17.36 39.39 -8.86
C GLY H 203 -17.99 39.53 -10.25
N GLY H 204 -17.79 38.55 -11.12
CA GLY H 204 -18.42 38.57 -12.44
C GLY H 204 -17.67 39.40 -13.49
N PRO H 205 -18.21 39.44 -14.74
CA PRO H 205 -17.70 40.28 -15.82
C PRO H 205 -17.54 41.71 -15.35
N LYS H 206 -16.58 42.44 -15.93
CA LYS H 206 -16.40 43.85 -15.62
C LYS H 206 -17.67 44.66 -15.91
N THR H 207 -18.12 45.37 -14.89
CA THR H 207 -19.34 46.15 -14.93
C THR H 207 -19.18 47.39 -15.82
N LYS H 208 -20.30 47.97 -16.28
CA LYS H 208 -20.22 49.14 -17.17
C LYS H 208 -19.54 50.34 -16.49
N THR H 209 -19.83 50.57 -15.21
CA THR H 209 -19.22 51.65 -14.45
C THR H 209 -18.76 51.10 -13.11
N GLU H 210 -17.84 51.82 -12.45
CA GLU H 210 -17.36 51.46 -11.11
C GLU H 210 -18.46 51.53 -10.06
N GLU H 211 -19.31 52.55 -10.16
CA GLU H 211 -20.48 52.67 -9.29
C GLU H 211 -21.37 51.42 -9.33
N ASP H 212 -21.64 50.89 -10.53
CA ASP H 212 -22.45 49.68 -10.68
C ASP H 212 -21.91 48.54 -9.79
N PHE H 213 -20.58 48.38 -9.77
CA PHE H 213 -19.96 47.30 -8.99
C PHE H 213 -20.01 47.58 -7.49
N LEU H 214 -19.70 48.81 -7.09
CA LEU H 214 -19.82 49.18 -5.68
C LEU H 214 -21.25 48.96 -5.15
N LYS H 215 -22.25 49.22 -6.01
CA LYS H 215 -23.65 48.95 -5.70
C LYS H 215 -23.93 47.48 -5.47
N GLN H 216 -23.43 46.60 -6.34
CA GLN H 216 -23.55 45.17 -6.11
C GLN H 216 -22.89 44.76 -4.79
N VAL H 217 -21.69 45.29 -4.54
CA VAL H 217 -20.97 44.94 -3.31
C VAL H 217 -21.74 45.39 -2.07
N GLU H 218 -22.31 46.60 -2.10
CA GLU H 218 -23.15 47.03 -0.99
C GLU H 218 -24.33 46.08 -0.71
N GLY H 219 -24.96 45.57 -1.78
CA GLY H 219 -26.09 44.62 -1.66
C GLY H 219 -25.65 43.30 -1.07
N VAL H 220 -24.49 42.82 -1.52
CA VAL H 220 -23.87 41.59 -0.99
C VAL H 220 -23.68 41.69 0.54
N LEU H 221 -23.10 42.79 1.00
CA LEU H 221 -22.94 43.02 2.43
C LEU H 221 -24.28 43.16 3.17
N GLU H 222 -25.25 43.89 2.62
CA GLU H 222 -26.60 44.00 3.22
C GLU H 222 -27.22 42.63 3.43
N ALA H 223 -27.05 41.76 2.43
CA ALA H 223 -27.58 40.41 2.43
C ALA H 223 -26.96 39.50 3.51
N GLY H 224 -25.88 39.97 4.13
CA GLY H 224 -25.18 39.20 5.16
C GLY H 224 -24.02 38.35 4.66
N ALA H 225 -23.58 38.51 3.40
CA ALA H 225 -22.38 37.79 2.96
C ALA H 225 -21.06 38.23 3.65
N LEU H 226 -20.07 37.33 3.64
CA LEU H 226 -18.76 37.61 4.27
C LEU H 226 -17.94 38.63 3.48
N GLY H 227 -18.18 38.70 2.17
CA GLY H 227 -17.43 39.65 1.32
C GLY H 227 -17.40 39.12 -0.09
N ILE H 228 -16.29 39.35 -0.79
CA ILE H 228 -16.26 39.18 -2.25
C ILE H 228 -14.97 38.45 -2.65
N ALA H 229 -15.05 37.65 -3.71
CA ALA H 229 -13.90 37.05 -4.35
C ALA H 229 -13.93 37.66 -5.75
N VAL H 230 -13.08 38.66 -5.97
CA VAL H 230 -13.17 39.51 -7.17
C VAL H 230 -11.90 39.37 -7.99
N GLY H 231 -12.06 39.24 -9.31
CA GLY H 231 -10.96 39.26 -10.24
C GLY H 231 -11.09 40.42 -11.21
N ARG H 232 -11.91 40.24 -12.25
CA ARG H 232 -11.97 41.20 -13.38
C ARG H 232 -12.33 42.62 -12.99
N ASN H 233 -13.27 42.75 -12.06
CA ASN H 233 -13.70 44.10 -11.63
C ASN H 233 -12.61 44.87 -10.85
N VAL H 234 -11.53 44.19 -10.49
CA VAL H 234 -10.32 44.90 -10.03
C VAL H 234 -9.25 44.99 -11.15
N TRP H 235 -8.73 43.84 -11.58
CA TRP H 235 -7.53 43.85 -12.42
C TRP H 235 -7.71 44.08 -13.94
N GLN H 236 -8.95 44.03 -14.43
CA GLN H 236 -9.22 44.45 -15.81
C GLN H 236 -9.27 45.98 -15.93
N ARG H 237 -9.19 46.69 -14.81
CA ARG H 237 -9.25 48.16 -14.82
C ARG H 237 -7.88 48.82 -14.84
N ARG H 238 -7.78 49.89 -15.63
CA ARG H 238 -6.59 50.68 -15.78
C ARG H 238 -6.22 51.34 -14.46
N ASP H 239 -7.24 51.66 -13.66
CA ASP H 239 -7.06 52.27 -12.34
C ASP H 239 -7.23 51.21 -11.24
N ALA H 240 -6.68 50.02 -11.49
CA ALA H 240 -6.88 48.83 -10.60
C ALA H 240 -6.70 49.12 -9.12
N LEU H 241 -5.53 49.66 -8.76
CA LEU H 241 -5.17 49.96 -7.37
C LEU H 241 -6.12 50.95 -6.68
N LYS H 242 -6.41 52.08 -7.34
CA LYS H 242 -7.34 53.07 -6.81
C LYS H 242 -8.73 52.43 -6.53
N PHE H 243 -9.28 51.69 -7.48
CA PHE H 243 -10.56 51.04 -7.25
C PHE H 243 -10.47 49.92 -6.19
N ALA H 244 -9.34 49.19 -6.17
CA ALA H 244 -9.19 48.12 -5.16
C ALA H 244 -9.22 48.73 -3.76
N ARG H 245 -8.57 49.89 -3.61
CA ARG H 245 -8.61 50.65 -2.37
C ARG H 245 -10.00 51.22 -2.00
N ALA H 246 -10.81 51.59 -3.00
CA ALA H 246 -12.22 51.99 -2.75
C ALA H 246 -13.09 50.78 -2.31
N LEU H 247 -12.80 49.61 -2.88
CA LEU H 247 -13.44 48.38 -2.41
C LEU H 247 -13.08 48.03 -0.95
N ALA H 248 -11.80 48.13 -0.59
CA ALA H 248 -11.35 47.94 0.79
C ALA H 248 -12.09 48.86 1.79
N GLU H 249 -12.19 50.14 1.45
CA GLU H 249 -12.88 51.10 2.33
C GLU H 249 -14.34 50.73 2.53
N LEU H 250 -14.97 50.22 1.48
CA LEU H 250 -16.38 49.85 1.55
C LEU H 250 -16.60 48.58 2.38
N VAL H 251 -15.81 47.55 2.12
CA VAL H 251 -16.01 46.23 2.71
C VAL H 251 -15.53 46.23 4.17
N TYR H 252 -14.40 46.88 4.41
CA TYR H 252 -13.82 46.87 5.75
C TYR H 252 -14.38 48.01 6.54
N ASN I 3 -24.43 -8.87 13.94
CA ASN I 3 -25.65 -8.83 13.09
C ASN I 3 -26.11 -7.38 13.03
N LEU I 4 -25.88 -6.75 11.88
CA LEU I 4 -26.08 -5.32 11.75
C LEU I 4 -27.57 -4.95 11.66
N THR I 5 -28.42 -5.84 11.21
CA THR I 5 -29.87 -5.58 11.26
C THR I 5 -30.33 -5.44 12.72
N GLU I 6 -29.87 -6.38 13.55
CA GLU I 6 -30.16 -6.32 14.98
C GLU I 6 -29.66 -5.04 15.62
N LYS I 7 -28.47 -4.59 15.21
CA LYS I 7 -27.91 -3.36 15.77
C LYS I 7 -28.76 -2.17 15.29
N PHE I 8 -29.12 -2.17 14.02
CA PHE I 8 -30.02 -1.14 13.49
C PHE I 8 -31.33 -1.09 14.32
N LEU I 9 -31.93 -2.24 14.54
CA LEU I 9 -33.17 -2.31 15.32
C LEU I 9 -33.03 -1.80 16.78
N ARG I 10 -31.89 -2.08 17.43
CA ARG I 10 -31.71 -1.62 18.83
C ARG I 10 -31.60 -0.10 18.90
N ILE I 11 -30.93 0.48 17.91
CA ILE I 11 -30.66 1.93 17.92
C ILE I 11 -31.86 2.76 17.39
N PHE I 12 -32.41 2.34 16.25
CA PHE I 12 -33.45 3.06 15.55
C PHE I 12 -34.85 2.48 15.74
N ALA I 13 -34.99 1.39 16.46
CA ALA I 13 -36.35 0.85 16.66
C ALA I 13 -36.53 0.22 18.04
N ARG I 14 -36.03 0.89 19.06
CA ARG I 14 -36.17 0.34 20.41
C ARG I 14 -37.62 0.05 20.83
N ARG I 15 -38.60 0.77 20.27
CA ARG I 15 -40.02 0.56 20.62
C ARG I 15 -40.69 -0.52 19.75
N GLY I 16 -39.96 -1.04 18.77
CA GLY I 16 -40.45 -2.12 17.90
C GLY I 16 -40.88 -1.62 16.54
N LYS I 17 -40.97 -0.30 16.41
CA LYS I 17 -41.29 0.40 15.16
C LYS I 17 -40.39 1.62 15.11
N SER I 18 -40.31 2.27 13.95
CA SER I 18 -39.30 3.28 13.74
C SER I 18 -39.86 4.50 13.01
N ILE I 19 -39.43 5.67 13.47
CA ILE I 19 -39.64 6.89 12.74
C ILE I 19 -38.29 7.61 12.61
N ILE I 20 -37.91 7.84 11.35
CA ILE I 20 -36.67 8.54 11.01
C ILE I 20 -37.06 9.85 10.34
N LEU I 21 -36.49 10.95 10.82
CA LEU I 21 -36.70 12.27 10.20
C LEU I 21 -35.65 12.53 9.12
N ALA I 22 -36.07 12.54 7.86
CA ALA I 22 -35.13 12.59 6.72
C ALA I 22 -34.82 14.04 6.39
N TYR I 23 -33.53 14.35 6.15
CA TYR I 23 -33.15 15.76 5.89
C TYR I 23 -31.97 15.84 4.92
N ASP I 24 -31.97 14.97 3.91
CA ASP I 24 -31.01 15.08 2.80
C ASP I 24 -31.50 16.02 1.67
N HIS I 25 -32.65 16.65 1.86
CA HIS I 25 -33.37 17.35 0.79
C HIS I 25 -32.63 18.58 0.26
N GLY I 26 -31.86 19.22 1.12
CA GLY I 26 -31.03 20.38 0.71
C GLY I 26 -30.16 20.17 -0.53
N ILE I 27 -29.62 18.95 -0.72
CA ILE I 27 -28.91 18.61 -1.95
C ILE I 27 -29.88 18.00 -2.99
N GLU I 28 -30.74 17.09 -2.54
CA GLU I 28 -31.59 16.31 -3.48
C GLU I 28 -32.57 17.18 -4.26
N HIS I 29 -33.17 18.17 -3.58
CA HIS I 29 -34.20 19.03 -4.19
C HIS I 29 -33.83 20.48 -4.06
N GLY I 30 -32.93 20.77 -3.12
CA GLY I 30 -32.62 22.17 -2.81
C GLY I 30 -33.60 22.94 -1.94
N PRO I 31 -33.32 24.23 -1.69
CA PRO I 31 -34.08 24.98 -0.70
C PRO I 31 -35.52 25.40 -1.06
N ALA I 32 -35.96 25.19 -2.32
CA ALA I 32 -37.41 25.30 -2.64
C ALA I 32 -38.25 24.42 -1.67
N ASP I 33 -37.71 23.29 -1.24
CA ASP I 33 -38.36 22.43 -0.23
C ASP I 33 -38.60 23.14 1.14
N PHE I 34 -37.86 24.23 1.42
CA PHE I 34 -37.87 24.95 2.74
C PHE I 34 -38.70 26.24 2.74
N MET I 35 -39.22 26.62 1.57
CA MET I 35 -40.01 27.86 1.50
C MET I 35 -41.41 27.79 2.18
N ASP I 36 -42.09 26.64 2.08
CA ASP I 36 -43.38 26.39 2.77
C ASP I 36 -43.27 26.69 4.27
N ASN I 37 -42.12 26.34 4.88
CA ASN I 37 -41.92 26.50 6.33
C ASN I 37 -40.45 26.86 6.61
N PRO I 38 -40.08 28.16 6.49
CA PRO I 38 -38.68 28.63 6.53
C PRO I 38 -37.78 28.07 7.69
N ASP I 39 -38.33 27.90 8.90
CA ASP I 39 -37.53 27.29 9.97
C ASP I 39 -36.81 26.01 9.47
N SER I 40 -37.41 25.30 8.51
CA SER I 40 -36.92 23.99 8.06
C SER I 40 -35.56 24.05 7.35
N ALA I 41 -35.15 25.26 6.94
CA ALA I 41 -33.79 25.49 6.38
C ALA I 41 -32.69 25.40 7.46
N ASP I 42 -33.08 25.48 8.72
CA ASP I 42 -32.15 25.46 9.85
C ASP I 42 -32.01 24.03 10.44
N PRO I 43 -30.82 23.41 10.30
CA PRO I 43 -30.67 22.04 10.80
C PRO I 43 -30.89 21.93 12.32
N GLU I 44 -30.65 23.01 13.07
CA GLU I 44 -30.90 22.99 14.53
C GLU I 44 -32.38 22.82 14.85
N TYR I 45 -33.23 23.49 14.06
CA TYR I 45 -34.68 23.28 14.15
C TYR I 45 -35.02 21.82 13.90
N ILE I 46 -34.35 21.22 12.91
CA ILE I 46 -34.62 19.82 12.53
C ILE I 46 -34.24 18.86 13.67
N LEU I 47 -33.08 19.07 14.27
CA LEU I 47 -32.67 18.25 15.43
C LEU I 47 -33.64 18.34 16.61
N ARG I 48 -34.04 19.58 16.95
CA ARG I 48 -34.97 19.83 18.04
C ARG I 48 -36.31 19.15 17.76
N LEU I 49 -36.79 19.26 16.52
CA LEU I 49 -38.02 18.60 16.11
C LEU I 49 -37.99 17.07 16.34
N ALA I 50 -36.94 16.40 15.86
CA ALA I 50 -36.72 14.96 16.06
C ALA I 50 -36.72 14.59 17.53
N ARG I 51 -35.99 15.38 18.33
CA ARG I 51 -35.93 15.17 19.78
C ARG I 51 -37.29 15.43 20.48
N ASP I 52 -37.92 16.57 20.19
CA ASP I 52 -39.18 16.95 20.85
C ASP I 52 -40.36 16.01 20.52
N ALA I 53 -40.35 15.48 19.30
CA ALA I 53 -41.33 14.48 18.86
C ALA I 53 -41.02 13.05 19.31
N GLY I 54 -39.84 12.82 19.88
CA GLY I 54 -39.46 11.46 20.31
C GLY I 54 -39.16 10.49 19.16
N PHE I 55 -38.71 11.03 18.03
CA PHE I 55 -38.34 10.21 16.89
C PHE I 55 -37.00 9.46 17.14
N ASP I 56 -36.79 8.38 16.40
CA ASP I 56 -35.64 7.52 16.54
C ASP I 56 -34.35 7.94 15.87
N GLY I 57 -34.40 8.82 14.87
CA GLY I 57 -33.22 9.07 14.06
C GLY I 57 -33.41 10.27 13.15
N VAL I 58 -32.29 10.81 12.69
CA VAL I 58 -32.24 11.84 11.64
C VAL I 58 -31.31 11.39 10.53
N VAL I 59 -31.59 11.86 9.32
CA VAL I 59 -30.76 11.57 8.17
C VAL I 59 -30.08 12.87 7.68
N PHE I 60 -28.75 12.93 7.73
CA PHE I 60 -27.99 14.12 7.27
C PHE I 60 -26.92 13.73 6.22
N GLN I 61 -26.69 14.61 5.24
CA GLN I 61 -25.44 14.56 4.45
C GLN I 61 -24.26 14.93 5.37
N ARG I 62 -23.03 14.60 4.93
CA ARG I 62 -21.81 14.88 5.68
C ARG I 62 -21.66 16.37 6.12
N GLY I 63 -22.00 17.31 5.24
CA GLY I 63 -21.81 18.74 5.50
C GLY I 63 -22.67 19.21 6.66
N ILE I 64 -23.93 18.77 6.67
CA ILE I 64 -24.86 19.11 7.78
C ILE I 64 -24.47 18.41 9.11
N ALA I 65 -24.09 17.12 9.02
CA ALA I 65 -23.60 16.38 10.20
C ALA I 65 -22.36 17.08 10.77
N GLU I 66 -21.41 17.44 9.90
CA GLU I 66 -20.18 18.05 10.39
C GLU I 66 -20.44 19.37 11.15
N LYS I 67 -21.27 20.22 10.57
CA LYS I 67 -21.51 21.57 11.12
C LYS I 67 -22.56 21.64 12.22
N TYR I 68 -23.46 20.65 12.27
CA TYR I 68 -24.63 20.75 13.16
C TYR I 68 -24.88 19.56 14.08
N TYR I 69 -24.41 18.37 13.71
CA TYR I 69 -24.73 17.21 14.56
C TYR I 69 -24.17 17.32 15.98
N ASP I 70 -25.06 17.12 16.96
CA ASP I 70 -24.71 17.35 18.36
C ASP I 70 -24.89 16.11 19.22
N GLY I 71 -25.07 14.95 18.59
CA GLY I 71 -25.17 13.69 19.34
C GLY I 71 -26.54 13.41 19.95
N SER I 72 -27.51 14.29 19.71
CA SER I 72 -28.76 14.31 20.51
C SER I 72 -29.82 13.27 20.07
N VAL I 73 -29.76 12.89 18.82
CA VAL I 73 -30.65 11.91 18.20
C VAL I 73 -29.73 11.00 17.33
N PRO I 74 -29.96 9.66 17.31
CA PRO I 74 -29.13 8.77 16.48
C PRO I 74 -29.06 9.22 15.00
N LEU I 75 -27.86 9.21 14.42
CA LEU I 75 -27.64 9.73 13.07
C LEU I 75 -27.41 8.64 12.03
N ILE I 76 -28.15 8.75 10.91
CA ILE I 76 -27.82 8.03 9.67
C ILE I 76 -27.13 9.00 8.71
N LEU I 77 -25.86 8.75 8.40
CA LEU I 77 -25.14 9.60 7.50
C LEU I 77 -25.43 9.13 6.08
N LYS I 78 -26.14 9.96 5.32
CA LYS I 78 -26.46 9.68 3.92
C LYS I 78 -25.23 9.98 3.05
N LEU I 79 -24.63 8.92 2.48
CA LEU I 79 -23.27 9.04 1.91
C LEU I 79 -23.25 9.64 0.51
N ASN I 80 -24.24 9.31 -0.32
CA ASN I 80 -24.37 9.87 -1.65
C ASN I 80 -25.50 10.91 -1.77
N GLY I 81 -25.36 11.79 -2.75
CA GLY I 81 -26.38 12.80 -3.06
C GLY I 81 -26.26 13.23 -4.50
N LYS I 82 -27.40 13.53 -5.12
CA LYS I 82 -27.43 14.12 -6.47
C LYS I 82 -28.43 15.28 -6.43
N THR I 83 -28.48 16.09 -7.48
CA THR I 83 -29.39 17.25 -7.48
C THR I 83 -30.51 17.01 -8.49
N THR I 84 -31.59 17.79 -8.42
CA THR I 84 -32.63 17.72 -9.42
C THR I 84 -32.27 18.53 -10.68
N LEU I 85 -31.23 19.36 -10.62
CA LEU I 85 -30.77 20.11 -11.78
C LEU I 85 -30.21 19.18 -12.88
N TYR I 86 -29.76 18.01 -12.46
CA TYR I 86 -29.13 17.05 -13.35
C TYR I 86 -30.14 16.39 -14.29
N ASN I 87 -29.76 16.26 -15.55
CA ASN I 87 -30.55 15.63 -16.61
C ASN I 87 -30.13 14.23 -17.08
N GLY I 88 -28.95 13.75 -16.80
CA GLY I 88 -28.65 12.36 -17.30
C GLY I 88 -29.40 11.12 -16.74
N GLU I 89 -28.90 9.92 -17.10
CA GLU I 89 -29.30 8.67 -16.43
C GLU I 89 -29.07 8.88 -14.94
N PRO I 90 -30.06 8.53 -14.11
CA PRO I 90 -29.95 8.82 -12.68
C PRO I 90 -28.71 8.19 -12.07
N VAL I 91 -27.94 8.97 -11.30
CA VAL I 91 -26.77 8.41 -10.64
C VAL I 91 -26.48 9.32 -9.45
N SER I 92 -26.00 8.72 -8.36
CA SER I 92 -25.71 9.48 -7.16
C SER I 92 -24.44 8.83 -6.60
N VAL I 93 -23.36 9.60 -6.54
CA VAL I 93 -22.09 9.04 -6.02
C VAL I 93 -21.81 9.48 -4.56
N ALA I 94 -21.05 8.66 -3.83
CA ALA I 94 -20.64 9.02 -2.45
C ALA I 94 -19.81 10.30 -2.46
N ASN I 95 -20.11 11.19 -1.51
CA ASN I 95 -19.30 12.39 -1.25
C ASN I 95 -18.63 12.27 0.16
N CYS I 96 -18.81 11.11 0.78
CA CYS I 96 -18.27 10.79 2.10
C CYS I 96 -17.96 9.26 2.18
N SER I 97 -16.94 8.88 2.94
CA SER I 97 -16.63 7.47 3.19
C SER I 97 -17.27 6.99 4.50
N VAL I 98 -17.39 5.68 4.65
CA VAL I 98 -17.91 5.11 5.91
C VAL I 98 -17.01 5.52 7.09
N GLU I 99 -15.69 5.46 6.87
CA GLU I 99 -14.74 5.85 7.90
C GLU I 99 -15.02 7.29 8.41
N GLU I 100 -15.27 8.20 7.48
CA GLU I 100 -15.58 9.59 7.88
C GLU I 100 -16.93 9.64 8.61
N ALA I 101 -17.89 8.83 8.16
CA ALA I 101 -19.21 8.87 8.78
C ALA I 101 -19.06 8.47 10.24
N VAL I 102 -18.18 7.49 10.51
CA VAL I 102 -17.92 7.06 11.90
C VAL I 102 -17.38 8.25 12.74
N SER I 103 -16.47 9.00 12.16
CA SER I 103 -15.84 10.14 12.83
C SER I 103 -16.86 11.28 13.07
N LEU I 104 -17.91 11.36 12.25
CA LEU I 104 -18.95 12.38 12.36
C LEU I 104 -20.05 12.01 13.39
N GLY I 105 -19.94 10.82 13.99
CA GLY I 105 -20.88 10.31 14.97
C GLY I 105 -22.04 9.49 14.45
N ALA I 106 -21.93 8.99 13.21
CA ALA I 106 -23.05 8.24 12.62
C ALA I 106 -23.26 6.92 13.37
N SER I 107 -24.51 6.51 13.54
CA SER I 107 -24.82 5.14 14.03
C SER I 107 -25.17 4.19 12.88
N ALA I 108 -25.35 4.76 11.68
CA ALA I 108 -25.60 3.98 10.49
C ALA I 108 -25.23 4.82 9.27
N VAL I 109 -25.08 4.18 8.11
CA VAL I 109 -24.86 4.91 6.84
C VAL I 109 -25.96 4.61 5.82
N GLY I 110 -26.23 5.57 4.95
CA GLY I 110 -27.26 5.39 3.93
C GLY I 110 -26.71 5.63 2.54
N TYR I 111 -27.35 5.01 1.55
CA TYR I 111 -26.89 5.07 0.16
C TYR I 111 -28.09 4.79 -0.71
N THR I 112 -28.29 5.66 -1.69
CA THR I 112 -29.34 5.50 -2.70
C THR I 112 -28.81 4.73 -3.91
N ILE I 113 -29.61 3.76 -4.36
CA ILE I 113 -29.41 3.13 -5.67
C ILE I 113 -30.63 3.44 -6.55
N TYR I 114 -30.38 3.55 -7.87
CA TYR I 114 -31.46 3.66 -8.88
C TYR I 114 -31.37 2.44 -9.85
N PRO I 115 -31.87 1.27 -9.43
CA PRO I 115 -31.95 0.10 -10.32
C PRO I 115 -32.61 0.46 -11.64
N GLY I 116 -32.06 -0.03 -12.75
CA GLY I 116 -32.60 0.28 -14.08
C GLY I 116 -31.92 1.45 -14.80
N SER I 117 -31.30 2.35 -14.05
CA SER I 117 -30.55 3.45 -14.64
C SER I 117 -29.49 2.91 -15.60
N GLY I 118 -29.21 3.65 -16.68
CA GLY I 118 -28.03 3.42 -17.53
C GLY I 118 -26.75 3.30 -16.66
N PHE I 119 -26.74 3.99 -15.53
CA PHE I 119 -25.62 3.93 -14.59
C PHE I 119 -25.86 2.98 -13.39
N GLU I 120 -26.82 2.05 -13.46
CA GLU I 120 -27.00 1.18 -12.28
C GLU I 120 -25.70 0.45 -11.86
N TRP I 121 -24.85 0.08 -12.81
CA TRP I 121 -23.57 -0.59 -12.54
C TRP I 121 -22.62 0.28 -11.68
N LYS I 122 -22.68 1.59 -11.85
CA LYS I 122 -21.76 2.51 -11.18
C LYS I 122 -22.16 2.59 -9.69
N MET I 123 -23.46 2.64 -9.39
CA MET I 123 -23.90 2.57 -8.01
C MET I 123 -23.68 1.21 -7.34
N PHE I 124 -23.88 0.12 -8.08
CA PHE I 124 -23.70 -1.23 -7.54
C PHE I 124 -22.21 -1.46 -7.20
N GLU I 125 -21.33 -1.00 -8.07
CA GLU I 125 -19.88 -1.11 -7.83
C GLU I 125 -19.48 -0.28 -6.56
N GLU I 126 -20.00 0.91 -6.45
CA GLU I 126 -19.71 1.74 -5.27
C GLU I 126 -20.33 1.18 -3.98
N LEU I 127 -21.60 0.76 -4.06
CA LEU I 127 -22.25 0.16 -2.90
C LEU I 127 -21.47 -1.04 -2.36
N ALA I 128 -20.86 -1.81 -3.24
CA ALA I 128 -20.04 -2.99 -2.82
C ALA I 128 -18.91 -2.56 -1.86
N ARG I 129 -18.28 -1.43 -2.19
CA ARG I 129 -17.17 -0.93 -1.40
C ARG I 129 -17.70 -0.40 -0.07
N ILE I 130 -18.84 0.28 -0.14
CA ILE I 130 -19.49 0.84 1.07
C ILE I 130 -20.00 -0.27 2.01
N LYS I 131 -20.66 -1.31 1.45
CA LYS I 131 -21.07 -2.49 2.20
C LYS I 131 -19.87 -3.10 2.94
N ARG I 132 -18.77 -3.32 2.22
CA ARG I 132 -17.57 -3.91 2.83
C ARG I 132 -17.06 -3.02 4.01
N ASP I 133 -17.03 -1.71 3.80
CA ASP I 133 -16.63 -0.80 4.90
C ASP I 133 -17.65 -0.78 6.05
N ALA I 134 -18.94 -0.85 5.73
CA ALA I 134 -19.96 -0.89 6.80
C ALA I 134 -19.74 -2.09 7.75
N VAL I 135 -19.40 -3.23 7.16
CA VAL I 135 -19.15 -4.42 7.95
C VAL I 135 -17.89 -4.22 8.80
N LYS I 136 -16.85 -3.67 8.17
CA LYS I 136 -15.58 -3.44 8.83
C LYS I 136 -15.72 -2.46 10.01
N PHE I 137 -16.48 -1.39 9.85
CA PHE I 137 -16.69 -0.39 10.94
C PHE I 137 -17.92 -0.69 11.84
N ASP I 138 -18.62 -1.78 11.54
CA ASP I 138 -19.82 -2.28 12.29
C ASP I 138 -20.93 -1.22 12.37
N LEU I 139 -21.15 -0.52 11.25
CA LEU I 139 -22.27 0.43 11.09
C LEU I 139 -23.31 -0.22 10.15
N PRO I 140 -24.62 -0.31 10.55
CA PRO I 140 -25.67 -0.84 9.67
C PRO I 140 -25.73 -0.05 8.38
N LEU I 141 -25.94 -0.75 7.27
CA LEU I 141 -26.11 -0.12 5.97
C LEU I 141 -27.59 0.01 5.61
N VAL I 142 -28.06 1.24 5.37
CA VAL I 142 -29.45 1.49 5.02
C VAL I 142 -29.54 1.89 3.55
N VAL I 143 -30.25 1.10 2.75
CA VAL I 143 -30.24 1.41 1.31
C VAL I 143 -31.57 2.05 0.93
N TRP I 144 -31.49 3.20 0.26
CA TRP I 144 -32.69 3.82 -0.34
C TRP I 144 -32.77 3.14 -1.72
N SER I 145 -33.78 2.33 -1.96
CA SER I 145 -33.83 1.58 -3.21
C SER I 145 -34.93 2.21 -4.09
N PHE I 146 -34.49 3.02 -5.04
CA PHE I 146 -35.45 3.80 -5.84
C PHE I 146 -35.25 3.51 -7.33
N PRO I 147 -35.85 2.44 -7.86
CA PRO I 147 -35.77 2.17 -9.31
C PRO I 147 -36.12 3.41 -10.12
N ARG I 148 -35.26 3.75 -11.08
CA ARG I 148 -35.40 5.03 -11.81
C ARG I 148 -34.51 4.95 -13.05
N GLY I 149 -35.00 5.47 -14.19
CA GLY I 149 -34.34 5.33 -15.52
C GLY I 149 -34.65 3.97 -16.14
N GLY I 150 -34.04 3.69 -17.30
CA GLY I 150 -34.26 2.37 -17.97
C GLY I 150 -35.74 2.16 -18.25
N LYS I 151 -36.29 0.99 -17.91
CA LYS I 151 -37.70 0.68 -18.22
C LYS I 151 -38.70 1.23 -17.18
N VAL I 152 -38.20 1.92 -16.16
CA VAL I 152 -39.04 2.30 -15.03
C VAL I 152 -39.90 3.50 -15.44
N VAL I 153 -41.21 3.35 -15.41
CA VAL I 153 -42.09 4.45 -15.81
C VAL I 153 -43.01 4.89 -14.67
N ASN I 154 -43.23 4.01 -13.71
CA ASN I 154 -44.10 4.32 -12.57
C ASN I 154 -43.42 3.76 -11.32
N GLU I 155 -42.84 4.66 -10.54
CA GLU I 155 -42.06 4.29 -9.36
C GLU I 155 -42.86 3.70 -8.19
N THR I 156 -44.17 3.91 -8.19
CA THR I 156 -45.03 3.34 -7.16
C THR I 156 -45.81 2.10 -7.62
N ALA I 157 -45.54 1.62 -8.83
CA ALA I 157 -46.21 0.41 -9.30
C ALA I 157 -45.83 -0.76 -8.37
N PRO I 158 -46.80 -1.62 -8.02
CA PRO I 158 -46.50 -2.73 -7.09
C PRO I 158 -45.27 -3.58 -7.51
N GLU I 159 -45.17 -3.92 -8.80
CA GLU I 159 -44.02 -4.72 -9.27
C GLU I 159 -42.70 -3.97 -9.13
N ILE I 160 -42.72 -2.64 -9.29
CA ILE I 160 -41.49 -1.85 -9.20
C ILE I 160 -41.01 -1.74 -7.74
N VAL I 161 -41.97 -1.50 -6.83
CA VAL I 161 -41.64 -1.37 -5.39
C VAL I 161 -41.16 -2.73 -4.82
N ALA I 162 -41.80 -3.83 -5.25
CA ALA I 162 -41.37 -5.17 -4.79
C ALA I 162 -39.94 -5.45 -5.27
N TYR I 163 -39.69 -5.07 -6.52
CA TYR I 163 -38.35 -5.21 -7.10
C TYR I 163 -37.33 -4.38 -6.31
N ALA I 164 -37.65 -3.12 -6.02
CA ALA I 164 -36.79 -2.26 -5.18
C ALA I 164 -36.40 -2.98 -3.86
N ALA I 165 -37.40 -3.52 -3.17
CA ALA I 165 -37.21 -4.20 -1.89
C ALA I 165 -36.27 -5.40 -2.07
N ARG I 166 -36.57 -6.23 -3.06
CA ARG I 166 -35.76 -7.42 -3.26
C ARG I 166 -34.30 -7.07 -3.53
N ILE I 167 -34.06 -6.13 -4.44
CA ILE I 167 -32.70 -5.72 -4.81
C ILE I 167 -31.90 -5.28 -3.57
N ALA I 168 -32.55 -4.48 -2.71
CA ALA I 168 -31.86 -4.04 -1.47
C ALA I 168 -31.46 -5.22 -0.60
N LEU I 169 -32.29 -6.25 -0.52
CA LEU I 169 -31.93 -7.44 0.25
C LEU I 169 -30.77 -8.16 -0.42
N GLU I 170 -30.84 -8.31 -1.74
CA GLU I 170 -29.83 -9.09 -2.50
C GLU I 170 -28.44 -8.48 -2.37
N LEU I 171 -28.38 -7.16 -2.28
CA LEU I 171 -27.11 -6.43 -2.31
C LEU I 171 -26.50 -6.26 -0.93
N GLY I 172 -27.23 -6.63 0.13
CA GLY I 172 -26.66 -6.71 1.46
C GLY I 172 -27.09 -5.61 2.41
N SER I 173 -28.19 -4.89 2.10
CA SER I 173 -28.68 -3.86 3.04
C SER I 173 -29.08 -4.48 4.38
N ASP I 174 -28.84 -3.73 5.45
CA ASP I 174 -29.30 -4.14 6.77
C ASP I 174 -30.69 -3.59 7.12
N ALA I 175 -31.08 -2.50 6.45
CA ALA I 175 -32.45 -1.96 6.47
C ALA I 175 -32.63 -1.23 5.14
N MET I 176 -33.88 -0.95 4.74
CA MET I 176 -34.09 -0.27 3.44
C MET I 176 -35.23 0.72 3.54
N LYS I 177 -35.21 1.68 2.63
CA LYS I 177 -36.26 2.70 2.49
C LYS I 177 -36.74 2.55 1.04
N ILE I 178 -38.05 2.35 0.86
CA ILE I 178 -38.63 2.18 -0.46
C ILE I 178 -39.87 3.09 -0.58
N LYS I 179 -40.33 3.35 -1.81
CA LYS I 179 -41.58 4.12 -2.03
C LYS I 179 -42.83 3.29 -1.66
N TYR I 180 -43.89 3.95 -1.20
CA TYR I 180 -45.17 3.34 -0.95
C TYR I 180 -45.95 3.11 -2.28
N THR I 181 -46.60 1.96 -2.40
CA THR I 181 -47.42 1.60 -3.54
C THR I 181 -48.81 2.25 -3.48
N GLY I 182 -49.20 2.72 -2.30
CA GLY I 182 -50.56 3.26 -2.15
C GLY I 182 -51.61 2.38 -1.49
N ASP I 183 -51.31 1.11 -1.23
CA ASP I 183 -52.24 0.22 -0.54
C ASP I 183 -51.51 -0.87 0.24
N PRO I 184 -52.07 -1.28 1.39
CA PRO I 184 -51.37 -2.26 2.22
C PRO I 184 -51.18 -3.65 1.57
N LYS I 185 -52.12 -4.09 0.73
CA LYS I 185 -51.98 -5.40 0.07
C LYS I 185 -50.77 -5.51 -0.87
N THR I 186 -50.63 -4.60 -1.84
CA THR I 186 -49.44 -4.62 -2.71
C THR I 186 -48.16 -4.28 -1.95
N PHE I 187 -48.26 -3.37 -0.96
CA PHE I 187 -47.08 -3.04 -0.16
C PHE I 187 -46.58 -4.20 0.73
N SER I 188 -47.49 -5.07 1.17
CA SER I 188 -47.08 -6.22 1.97
C SER I 188 -46.30 -7.27 1.15
N TRP I 189 -46.52 -7.31 -0.16
CA TRP I 189 -45.69 -8.13 -1.03
C TRP I 189 -44.21 -7.64 -1.03
N ALA I 190 -44.02 -6.32 -1.11
CA ALA I 190 -42.67 -5.74 -1.05
C ALA I 190 -42.02 -6.09 0.30
N VAL I 191 -42.80 -6.02 1.39
CA VAL I 191 -42.26 -6.29 2.73
C VAL I 191 -41.86 -7.77 2.85
N LYS I 192 -42.68 -8.65 2.32
CA LYS I 192 -42.42 -10.08 2.30
C LYS I 192 -41.12 -10.46 1.57
N VAL I 193 -40.92 -9.93 0.35
CA VAL I 193 -39.74 -10.27 -0.43
C VAL I 193 -38.45 -9.70 0.16
N ALA I 194 -38.58 -8.68 1.03
CA ALA I 194 -37.44 -8.14 1.77
C ALA I 194 -36.96 -9.08 2.93
N GLY I 195 -37.79 -10.08 3.26
CA GLY I 195 -37.43 -11.14 4.24
C GLY I 195 -37.04 -10.54 5.59
N LYS I 196 -35.86 -10.88 6.09
CA LYS I 196 -35.42 -10.45 7.41
C LYS I 196 -34.97 -9.00 7.45
N VAL I 197 -34.92 -8.32 6.31
CA VAL I 197 -34.45 -6.92 6.30
C VAL I 197 -35.66 -5.96 6.50
N PRO I 198 -35.61 -5.12 7.55
CA PRO I 198 -36.73 -4.20 7.84
C PRO I 198 -36.91 -3.14 6.76
N VAL I 199 -38.15 -2.83 6.43
CA VAL I 199 -38.53 -1.88 5.39
C VAL I 199 -39.09 -0.58 6.04
N LEU I 200 -38.54 0.57 5.64
CA LEU I 200 -39.11 1.89 5.96
C LEU I 200 -39.75 2.48 4.70
N MET I 201 -40.96 3.01 4.86
CA MET I 201 -41.66 3.79 3.85
C MET I 201 -41.04 5.18 3.72
N SER I 202 -40.68 5.51 2.50
CA SER I 202 -40.37 6.89 2.10
C SER I 202 -41.62 7.80 2.19
N GLY I 203 -41.54 8.89 2.95
CA GLY I 203 -42.70 9.80 3.12
C GLY I 203 -43.32 10.38 1.86
N GLY I 204 -42.49 10.82 0.92
CA GLY I 204 -42.97 11.39 -0.35
C GLY I 204 -43.32 12.87 -0.20
N PRO I 205 -43.77 13.48 -1.31
CA PRO I 205 -44.21 14.87 -1.26
C PRO I 205 -45.36 15.04 -0.26
N LYS I 206 -45.46 16.22 0.30
CA LYS I 206 -46.48 16.55 1.28
C LYS I 206 -47.90 16.27 0.73
N THR I 207 -48.73 15.59 1.52
CA THR I 207 -50.04 15.15 1.07
C THR I 207 -51.02 16.36 1.13
N LYS I 208 -52.17 16.27 0.47
CA LYS I 208 -53.08 17.40 0.42
C LYS I 208 -53.65 17.72 1.81
N THR I 209 -53.90 16.68 2.60
CA THR I 209 -54.37 16.81 3.98
C THR I 209 -53.51 15.92 4.88
N GLU I 210 -53.47 16.24 6.17
CA GLU I 210 -52.75 15.40 7.14
C GLU I 210 -53.34 14.01 7.21
N GLU I 211 -54.68 13.95 7.14
CA GLU I 211 -55.40 12.69 7.13
C GLU I 211 -54.90 11.73 6.05
N ASP I 212 -54.65 12.24 4.83
CA ASP I 212 -54.12 11.44 3.74
C ASP I 212 -52.81 10.72 4.11
N PHE I 213 -51.90 11.48 4.73
CA PHE I 213 -50.61 10.89 5.12
C PHE I 213 -50.82 9.85 6.21
N LEU I 214 -51.64 10.19 7.22
CA LEU I 214 -51.94 9.27 8.31
C LEU I 214 -52.52 7.94 7.78
N LYS I 215 -53.47 8.03 6.84
CA LYS I 215 -53.98 6.83 6.17
C LYS I 215 -52.86 6.03 5.47
N GLN I 216 -51.89 6.70 4.84
CA GLN I 216 -50.80 5.97 4.20
C GLN I 216 -49.94 5.26 5.25
N VAL I 217 -49.61 5.95 6.34
CA VAL I 217 -48.79 5.34 7.41
C VAL I 217 -49.52 4.12 8.02
N GLU I 218 -50.83 4.24 8.15
CA GLU I 218 -51.66 3.13 8.63
C GLU I 218 -51.48 1.89 7.73
N GLY I 219 -51.52 2.10 6.42
CA GLY I 219 -51.32 1.01 5.44
C GLY I 219 -49.94 0.40 5.51
N VAL I 220 -48.92 1.25 5.71
CA VAL I 220 -47.53 0.83 5.85
C VAL I 220 -47.39 -0.14 7.03
N LEU I 221 -47.93 0.26 8.17
CA LEU I 221 -47.92 -0.58 9.37
C LEU I 221 -48.72 -1.87 9.17
N GLU I 222 -49.92 -1.77 8.59
CA GLU I 222 -50.70 -2.97 8.26
C GLU I 222 -49.92 -3.96 7.36
N ALA I 223 -49.04 -3.43 6.52
CA ALA I 223 -48.31 -4.25 5.55
C ALA I 223 -47.13 -4.98 6.20
N GLY I 224 -46.80 -4.62 7.43
CA GLY I 224 -45.72 -5.30 8.17
C GLY I 224 -44.44 -4.50 8.16
N ALA I 225 -44.50 -3.25 7.71
CA ALA I 225 -43.24 -2.49 7.62
C ALA I 225 -42.78 -2.01 9.02
N LEU I 226 -41.50 -1.77 9.16
CA LEU I 226 -40.91 -1.31 10.43
C LEU I 226 -41.38 0.12 10.81
N GLY I 227 -41.57 0.97 9.80
CA GLY I 227 -42.07 2.33 10.04
C GLY I 227 -41.78 3.23 8.86
N ILE I 228 -41.40 4.47 9.14
CA ILE I 228 -41.31 5.48 8.09
C ILE I 228 -40.00 6.26 8.19
N ALA I 229 -39.51 6.70 7.03
CA ALA I 229 -38.46 7.69 6.96
C ALA I 229 -39.10 8.90 6.31
N VAL I 230 -39.38 9.94 7.11
CA VAL I 230 -40.29 11.05 6.68
C VAL I 230 -39.55 12.37 6.75
N GLY I 231 -39.70 13.19 5.71
CA GLY I 231 -39.15 14.53 5.72
C GLY I 231 -40.26 15.56 5.55
N ARG I 232 -40.66 15.73 4.29
CA ARG I 232 -41.57 16.81 3.90
C ARG I 232 -42.89 16.77 4.66
N ASN I 233 -43.46 15.57 4.80
CA ASN I 233 -44.75 15.44 5.50
C ASN I 233 -44.73 15.83 6.97
N VAL I 234 -43.54 16.06 7.49
CA VAL I 234 -43.38 16.69 8.79
C VAL I 234 -42.93 18.15 8.70
N TRP I 235 -41.69 18.39 8.25
CA TRP I 235 -41.12 19.74 8.39
C TRP I 235 -41.54 20.77 7.35
N GLN I 236 -42.33 20.39 6.34
CA GLN I 236 -42.94 21.39 5.44
C GLN I 236 -44.22 21.95 6.02
N ARG I 237 -44.65 21.38 7.15
CA ARG I 237 -45.87 21.83 7.82
C ARG I 237 -45.62 22.85 8.93
N ARG I 238 -46.51 23.84 9.00
CA ARG I 238 -46.49 24.85 10.06
C ARG I 238 -46.66 24.24 11.45
N ASP I 239 -47.39 23.11 11.50
CA ASP I 239 -47.70 22.43 12.74
C ASP I 239 -46.84 21.17 12.84
N ALA I 240 -45.57 21.30 12.41
CA ALA I 240 -44.65 20.18 12.32
C ALA I 240 -44.59 19.38 13.63
N LEU I 241 -44.42 20.07 14.77
CA LEU I 241 -44.24 19.35 16.04
C LEU I 241 -45.51 18.61 16.47
N LYS I 242 -46.66 19.31 16.43
CA LYS I 242 -47.97 18.71 16.65
C LYS I 242 -48.21 17.49 15.73
N PHE I 243 -48.01 17.66 14.43
CA PHE I 243 -48.22 16.53 13.52
C PHE I 243 -47.20 15.40 13.78
N ALA I 244 -45.95 15.75 14.08
CA ALA I 244 -44.92 14.75 14.38
C ALA I 244 -45.28 13.89 15.58
N ARG I 245 -45.87 14.55 16.59
CA ARG I 245 -46.34 13.84 17.79
C ARG I 245 -47.52 12.93 17.49
N ALA I 246 -48.42 13.33 16.60
CA ALA I 246 -49.51 12.44 16.23
C ALA I 246 -48.98 11.21 15.44
N LEU I 247 -47.94 11.40 14.64
CA LEU I 247 -47.32 10.27 13.92
C LEU I 247 -46.67 9.30 14.89
N ALA I 248 -46.00 9.84 15.91
CA ALA I 248 -45.37 9.05 17.00
C ALA I 248 -46.44 8.20 17.72
N GLU I 249 -47.58 8.82 17.97
CA GLU I 249 -48.70 8.12 18.59
C GLU I 249 -49.17 6.96 17.70
N LEU I 250 -49.36 7.25 16.41
CA LEU I 250 -49.81 6.22 15.47
C LEU I 250 -48.78 5.08 15.34
N VAL I 251 -47.51 5.41 15.11
CA VAL I 251 -46.50 4.40 14.85
C VAL I 251 -46.09 3.57 16.08
N TYR I 252 -45.75 4.25 17.17
CA TYR I 252 -45.50 3.58 18.44
C TYR I 252 -46.82 3.28 19.09
N ASN J 3 -5.67 -28.21 -8.19
CA ASN J 3 -6.56 -28.12 -9.39
C ASN J 3 -7.98 -27.75 -8.94
N LEU J 4 -8.45 -26.56 -9.33
CA LEU J 4 -9.74 -26.05 -8.85
C LEU J 4 -10.94 -26.72 -9.51
N THR J 5 -10.78 -27.20 -10.73
CA THR J 5 -11.84 -28.03 -11.33
C THR J 5 -12.05 -29.31 -10.52
N GLU J 6 -10.94 -29.94 -10.10
CA GLU J 6 -11.01 -31.17 -9.28
C GLU J 6 -11.75 -30.88 -7.98
N LYS J 7 -11.37 -29.76 -7.36
CA LYS J 7 -12.02 -29.32 -6.14
C LYS J 7 -13.52 -29.06 -6.34
N PHE J 8 -13.88 -28.35 -7.41
CA PHE J 8 -15.28 -28.14 -7.73
C PHE J 8 -16.05 -29.48 -7.85
N LEU J 9 -15.47 -30.46 -8.53
CA LEU J 9 -16.11 -31.75 -8.70
C LEU J 9 -16.31 -32.53 -7.38
N ARG J 10 -15.31 -32.45 -6.50
CA ARG J 10 -15.36 -33.15 -5.21
CA ARG J 10 -15.36 -33.15 -5.22
C ARG J 10 -16.52 -32.62 -4.37
N ILE J 11 -16.68 -31.30 -4.37
CA ILE J 11 -17.72 -30.63 -3.59
C ILE J 11 -19.11 -30.66 -4.23
N PHE J 12 -19.19 -30.38 -5.53
CA PHE J 12 -20.47 -30.21 -6.25
C PHE J 12 -20.91 -31.37 -7.12
N ALA J 13 -20.07 -32.39 -7.28
CA ALA J 13 -20.42 -33.55 -8.14
C ALA J 13 -19.89 -34.87 -7.59
N ARG J 14 -20.06 -35.07 -6.28
CA ARG J 14 -19.51 -36.27 -5.63
C ARG J 14 -20.09 -37.55 -6.27
N ARG J 15 -21.32 -37.47 -6.77
CA ARG J 15 -21.95 -38.63 -7.44
C ARG J 15 -21.61 -38.75 -8.93
N GLY J 16 -20.80 -37.82 -9.46
CA GLY J 16 -20.38 -37.94 -10.84
C GLY J 16 -21.16 -36.98 -11.74
N LYS J 17 -22.32 -36.55 -11.28
CA LYS J 17 -23.11 -35.51 -11.99
C LYS J 17 -23.58 -34.50 -10.96
N SER J 18 -24.07 -33.35 -11.41
CA SER J 18 -24.37 -32.24 -10.49
C SER J 18 -25.75 -31.66 -10.72
N ILE J 19 -26.44 -31.32 -9.64
CA ILE J 19 -27.59 -30.41 -9.70
C ILE J 19 -27.36 -29.29 -8.68
N ILE J 20 -27.36 -28.04 -9.17
CA ILE J 20 -27.18 -26.85 -8.36
C ILE J 20 -28.51 -26.10 -8.41
N LEU J 21 -29.05 -25.69 -7.26
CA LEU J 21 -30.31 -24.93 -7.23
C LEU J 21 -29.96 -23.44 -7.34
N ALA J 22 -30.35 -22.80 -8.44
CA ALA J 22 -29.99 -21.39 -8.65
C ALA J 22 -31.03 -20.44 -8.05
N TYR J 23 -30.55 -19.39 -7.40
CA TYR J 23 -31.42 -18.48 -6.67
C TYR J 23 -30.90 -17.04 -6.65
N ASP J 24 -30.34 -16.61 -7.79
CA ASP J 24 -29.95 -15.22 -7.97
C ASP J 24 -31.04 -14.38 -8.63
N HIS J 25 -32.21 -14.98 -8.81
CA HIS J 25 -33.28 -14.41 -9.60
C HIS J 25 -33.87 -13.12 -9.01
N GLY J 26 -33.84 -13.00 -7.68
CA GLY J 26 -34.44 -11.84 -7.06
C GLY J 26 -33.82 -10.52 -7.52
N ILE J 27 -32.51 -10.51 -7.79
CA ILE J 27 -31.93 -9.33 -8.45
C ILE J 27 -32.04 -9.40 -10.01
N GLU J 28 -31.71 -10.53 -10.61
CA GLU J 28 -31.73 -10.66 -12.08
C GLU J 28 -33.09 -10.37 -12.75
N HIS J 29 -34.16 -10.85 -12.12
CA HIS J 29 -35.53 -10.72 -12.67
C HIS J 29 -36.51 -10.02 -11.73
N GLY J 30 -36.17 -10.03 -10.46
CA GLY J 30 -37.05 -9.46 -9.45
C GLY J 30 -38.08 -10.50 -9.00
N PRO J 31 -38.97 -10.10 -8.09
CA PRO J 31 -39.84 -11.09 -7.45
C PRO J 31 -41.10 -11.52 -8.21
N ALA J 32 -41.34 -11.01 -9.42
CA ALA J 32 -42.47 -11.56 -10.21
C ALA J 32 -42.31 -13.11 -10.41
N ASP J 33 -41.07 -13.58 -10.57
CA ASP J 33 -40.68 -15.01 -10.62
C ASP J 33 -41.30 -15.77 -9.43
N PHE J 34 -41.52 -15.09 -8.30
CA PHE J 34 -41.93 -15.78 -7.06
C PHE J 34 -43.46 -15.89 -6.86
N MET J 35 -44.26 -15.24 -7.71
CA MET J 35 -45.72 -15.25 -7.44
C MET J 35 -46.35 -16.61 -7.75
N ASP J 36 -45.75 -17.40 -8.64
CA ASP J 36 -46.32 -18.73 -8.98
C ASP J 36 -46.38 -19.66 -7.76
N ASN J 37 -45.31 -19.64 -6.97
CA ASN J 37 -45.16 -20.48 -5.79
C ASN J 37 -44.61 -19.57 -4.70
N PRO J 38 -45.49 -18.86 -3.96
CA PRO J 38 -45.03 -17.76 -3.09
C PRO J 38 -43.93 -18.13 -2.07
N ASP J 39 -43.93 -19.37 -1.56
CA ASP J 39 -42.84 -19.82 -0.68
C ASP J 39 -41.45 -19.59 -1.31
N SER J 40 -41.35 -19.57 -2.65
CA SER J 40 -40.07 -19.40 -3.36
C SER J 40 -39.38 -18.04 -3.08
N ALA J 41 -40.12 -17.09 -2.50
CA ALA J 41 -39.57 -15.81 -2.10
C ALA J 41 -38.78 -15.90 -0.79
N ASP J 42 -38.97 -17.01 -0.05
CA ASP J 42 -38.30 -17.25 1.24
C ASP J 42 -37.02 -18.05 1.03
N PRO J 43 -35.84 -17.42 1.28
CA PRO J 43 -34.61 -18.20 1.05
C PRO J 43 -34.47 -19.41 1.97
N GLU J 44 -35.10 -19.40 3.16
CA GLU J 44 -35.06 -20.59 4.04
C GLU J 44 -35.70 -21.80 3.33
N TYR J 45 -36.81 -21.54 2.66
CA TYR J 45 -37.53 -22.54 1.90
C TYR J 45 -36.63 -23.13 0.81
N ILE J 46 -35.87 -22.26 0.15
CA ILE J 46 -34.99 -22.70 -0.93
C ILE J 46 -33.90 -23.62 -0.41
N LEU J 47 -33.31 -23.25 0.73
CA LEU J 47 -32.29 -24.09 1.40
C LEU J 47 -32.84 -25.45 1.82
N ARG J 48 -34.08 -25.49 2.34
CA ARG J 48 -34.73 -26.76 2.71
C ARG J 48 -35.00 -27.62 1.48
N LEU J 49 -35.41 -26.97 0.40
CA LEU J 49 -35.65 -27.63 -0.86
C LEU J 49 -34.38 -28.34 -1.38
N ALA J 50 -33.26 -27.62 -1.45
CA ALA J 50 -31.98 -28.18 -1.91
C ALA J 50 -31.53 -29.37 -1.08
N ARG J 51 -31.61 -29.22 0.24
CA ARG J 51 -31.27 -30.29 1.19
C ARG J 51 -32.19 -31.52 1.04
N ASP J 52 -33.51 -31.29 1.01
CA ASP J 52 -34.49 -32.37 0.97
C ASP J 52 -34.49 -33.13 -0.36
N ALA J 53 -34.16 -32.44 -1.45
CA ALA J 53 -34.04 -33.06 -2.78
C ALA J 53 -32.67 -33.72 -2.96
N GLY J 54 -31.76 -33.44 -2.03
CA GLY J 54 -30.42 -34.01 -2.07
C GLY J 54 -29.57 -33.39 -3.18
N PHE J 55 -29.76 -32.10 -3.47
CA PHE J 55 -28.98 -31.43 -4.51
C PHE J 55 -27.55 -31.13 -4.01
N ASP J 56 -26.69 -30.75 -4.95
CA ASP J 56 -25.28 -30.49 -4.65
C ASP J 56 -24.93 -29.08 -4.15
N GLY J 57 -25.74 -28.07 -4.46
CA GLY J 57 -25.36 -26.71 -4.09
C GLY J 57 -26.48 -25.74 -4.29
N VAL J 58 -26.32 -24.53 -3.76
CA VAL J 58 -27.24 -23.42 -4.03
C VAL J 58 -26.43 -22.22 -4.55
N VAL J 59 -27.05 -21.33 -5.33
CA VAL J 59 -26.38 -20.12 -5.77
C VAL J 59 -27.11 -18.94 -5.16
N PHE J 60 -26.39 -18.18 -4.33
CA PHE J 60 -26.90 -16.96 -3.72
C PHE J 60 -26.04 -15.73 -4.04
N GLN J 61 -26.68 -14.56 -4.14
CA GLN J 61 -26.01 -13.27 -4.08
C GLN J 61 -25.60 -13.02 -2.62
N ARG J 62 -24.68 -12.07 -2.41
CA ARG J 62 -24.13 -11.85 -1.06
C ARG J 62 -25.15 -11.59 0.07
N GLY J 63 -26.22 -10.87 -0.23
CA GLY J 63 -27.17 -10.44 0.78
C GLY J 63 -27.99 -11.61 1.31
N ILE J 64 -28.36 -12.51 0.40
CA ILE J 64 -29.08 -13.74 0.77
C ILE J 64 -28.15 -14.64 1.56
N ALA J 65 -26.90 -14.76 1.11
CA ALA J 65 -25.94 -15.59 1.81
C ALA J 65 -25.70 -15.07 3.21
N GLU J 66 -25.47 -13.76 3.32
CA GLU J 66 -25.19 -13.16 4.64
C GLU J 66 -26.33 -13.37 5.59
N LYS J 67 -27.56 -13.08 5.13
CA LYS J 67 -28.75 -13.17 5.98
C LYS J 67 -29.29 -14.59 6.24
N TYR J 68 -29.03 -15.54 5.35
CA TYR J 68 -29.74 -16.82 5.40
C TYR J 68 -28.83 -18.05 5.34
N TYR J 69 -27.63 -17.91 4.77
CA TYR J 69 -26.83 -19.11 4.57
C TYR J 69 -26.47 -19.79 5.89
N ASP J 70 -26.67 -21.11 5.96
CA ASP J 70 -26.49 -21.83 7.23
C ASP J 70 -25.53 -23.01 7.18
N GLY J 71 -24.72 -23.10 6.12
CA GLY J 71 -23.76 -24.21 5.99
C GLY J 71 -24.35 -25.53 5.55
N SER J 72 -25.66 -25.59 5.32
CA SER J 72 -26.34 -26.91 5.17
C SER J 72 -26.19 -27.56 3.78
N VAL J 73 -25.88 -26.75 2.78
CA VAL J 73 -25.68 -27.19 1.42
C VAL J 73 -24.51 -26.34 0.89
N PRO J 74 -23.60 -26.91 0.06
CA PRO J 74 -22.47 -26.12 -0.44
C PRO J 74 -22.96 -24.90 -1.24
N LEU J 75 -22.27 -23.77 -1.07
CA LEU J 75 -22.70 -22.47 -1.61
C LEU J 75 -21.78 -21.99 -2.73
N ILE J 76 -22.37 -21.63 -3.86
CA ILE J 76 -21.66 -20.82 -4.87
C ILE J 76 -22.14 -19.40 -4.65
N LEU J 77 -21.22 -18.47 -4.35
CA LEU J 77 -21.59 -17.09 -4.14
C LEU J 77 -21.51 -16.39 -5.50
N LYS J 78 -22.65 -15.93 -5.99
CA LYS J 78 -22.74 -15.27 -7.28
C LYS J 78 -22.32 -13.81 -7.08
N LEU J 79 -21.16 -13.45 -7.61
CA LEU J 79 -20.52 -12.15 -7.29
C LEU J 79 -21.16 -10.94 -7.95
N ASN J 80 -21.62 -11.09 -9.20
CA ASN J 80 -22.19 -9.94 -9.92
C ASN J 80 -23.69 -10.11 -10.15
N GLY J 81 -24.39 -9.00 -10.30
CA GLY J 81 -25.83 -9.07 -10.63
C GLY J 81 -26.23 -7.79 -11.32
N LYS J 82 -27.23 -7.91 -12.21
CA LYS J 82 -27.82 -6.75 -12.87
C LYS J 82 -29.34 -6.98 -12.87
N THR J 83 -30.11 -5.98 -13.29
CA THR J 83 -31.59 -6.11 -13.30
C THR J 83 -32.15 -6.10 -14.72
N THR J 84 -33.42 -6.47 -14.87
CA THR J 84 -34.06 -6.39 -16.17
C THR J 84 -34.62 -5.00 -16.45
N LEU J 85 -34.59 -4.13 -15.43
CA LEU J 85 -35.12 -2.77 -15.58
C LEU J 85 -34.13 -1.98 -16.45
N TYR J 86 -32.88 -2.42 -16.45
CA TYR J 86 -31.78 -1.77 -17.15
C TYR J 86 -31.94 -1.87 -18.67
N ASN J 87 -31.73 -0.76 -19.37
CA ASN J 87 -31.79 -0.74 -20.82
C ASN J 87 -30.47 -0.67 -21.62
N GLY J 88 -29.34 -0.39 -21.03
CA GLY J 88 -28.17 -0.39 -21.94
C GLY J 88 -27.64 -1.72 -22.56
N GLU J 89 -26.46 -1.63 -23.20
CA GLU J 89 -25.69 -2.83 -23.54
C GLU J 89 -25.40 -3.62 -22.24
N PRO J 90 -25.59 -4.97 -22.27
CA PRO J 90 -25.62 -5.78 -21.07
C PRO J 90 -24.32 -5.69 -20.26
N VAL J 91 -24.44 -5.46 -18.96
CA VAL J 91 -23.27 -5.39 -18.10
C VAL J 91 -23.69 -5.74 -16.69
N SER J 92 -22.84 -6.49 -15.97
CA SER J 92 -23.14 -6.93 -14.61
C SER J 92 -21.86 -6.86 -13.79
N VAL J 93 -21.83 -5.99 -12.80
CA VAL J 93 -20.60 -5.74 -12.05
C VAL J 93 -20.64 -6.44 -10.71
N ALA J 94 -19.47 -6.73 -10.18
CA ALA J 94 -19.39 -7.43 -8.89
C ALA J 94 -19.95 -6.55 -7.80
N ASN J 95 -20.75 -7.13 -6.89
CA ASN J 95 -21.18 -6.39 -5.71
C ASN J 95 -20.55 -6.96 -4.42
N CYS J 96 -19.64 -7.90 -4.62
CA CYS J 96 -18.98 -8.68 -3.57
C CYS J 96 -17.60 -9.13 -4.05
N SER J 97 -16.62 -9.15 -3.15
CA SER J 97 -15.28 -9.67 -3.46
C SER J 97 -15.18 -11.15 -3.14
N VAL J 98 -14.16 -11.79 -3.70
CA VAL J 98 -13.85 -13.16 -3.37
C VAL J 98 -13.54 -13.35 -1.87
N GLU J 99 -12.79 -12.42 -1.27
CA GLU J 99 -12.44 -12.53 0.15
C GLU J 99 -13.73 -12.51 1.00
N GLU J 100 -14.66 -11.63 0.64
CA GLU J 100 -15.93 -11.59 1.39
C GLU J 100 -16.74 -12.87 1.16
N ALA J 101 -16.72 -13.39 -0.05
CA ALA J 101 -17.36 -14.68 -0.34
C ALA J 101 -16.84 -15.80 0.57
N VAL J 102 -15.52 -15.82 0.79
CA VAL J 102 -14.91 -16.82 1.69
C VAL J 102 -15.50 -16.65 3.09
N SER J 103 -15.57 -15.42 3.57
CA SER J 103 -16.05 -15.13 4.89
C SER J 103 -17.56 -15.51 5.07
N LEU J 104 -18.33 -15.47 3.99
CA LEU J 104 -19.73 -15.86 3.99
C LEU J 104 -19.96 -17.39 3.91
N GLY J 105 -18.89 -18.19 3.76
CA GLY J 105 -19.02 -19.66 3.69
C GLY J 105 -19.13 -20.28 2.29
N ALA J 106 -18.80 -19.50 1.26
CA ALA J 106 -18.79 -19.97 -0.14
C ALA J 106 -17.80 -21.10 -0.36
N SER J 107 -18.22 -22.09 -1.15
CA SER J 107 -17.27 -23.14 -1.60
C SER J 107 -16.81 -22.86 -3.02
N ALA J 108 -17.45 -21.90 -3.68
CA ALA J 108 -17.07 -21.50 -5.04
C ALA J 108 -17.62 -20.10 -5.27
N VAL J 109 -17.13 -19.41 -6.30
CA VAL J 109 -17.71 -18.14 -6.69
C VAL J 109 -18.20 -18.15 -8.13
N GLY J 110 -19.22 -17.34 -8.42
CA GLY J 110 -19.84 -17.32 -9.76
C GLY J 110 -19.81 -15.90 -10.31
N TYR J 111 -19.76 -15.78 -11.63
CA TYR J 111 -19.67 -14.48 -12.28
C TYR J 111 -20.21 -14.65 -13.70
N THR J 112 -21.12 -13.75 -14.09
CA THR J 112 -21.68 -13.70 -15.43
C THR J 112 -20.89 -12.79 -16.38
N ILE J 113 -20.55 -13.33 -17.57
CA ILE J 113 -20.06 -12.52 -18.69
C ILE J 113 -21.12 -12.50 -19.79
N TYR J 114 -21.21 -11.37 -20.50
CA TYR J 114 -22.02 -11.22 -21.73
C TYR J 114 -21.09 -10.95 -22.95
N PRO J 115 -20.45 -12.00 -23.52
CA PRO J 115 -19.64 -11.82 -24.73
C PRO J 115 -20.46 -11.16 -25.85
N GLY J 116 -19.81 -10.23 -26.54
CA GLY J 116 -20.46 -9.47 -27.62
C GLY J 116 -21.04 -8.14 -27.16
N SER J 117 -21.30 -8.01 -25.85
CA SER J 117 -21.82 -6.76 -25.30
C SER J 117 -20.89 -5.60 -25.63
N GLY J 118 -21.46 -4.43 -25.88
CA GLY J 118 -20.67 -3.19 -25.93
C GLY J 118 -19.77 -3.06 -24.70
N PHE J 119 -20.19 -3.68 -23.59
CA PHE J 119 -19.40 -3.65 -22.31
C PHE J 119 -18.64 -4.96 -22.06
N GLU J 120 -18.43 -5.79 -23.09
CA GLU J 120 -17.77 -7.07 -22.82
C GLU J 120 -16.39 -6.88 -22.12
N TRP J 121 -15.65 -5.85 -22.52
CA TRP J 121 -14.36 -5.48 -21.92
C TRP J 121 -14.41 -5.21 -20.40
N LYS J 122 -15.53 -4.68 -19.93
CA LYS J 122 -15.69 -4.24 -18.55
C LYS J 122 -15.80 -5.48 -17.65
N MET J 123 -16.56 -6.47 -18.09
CA MET J 123 -16.64 -7.75 -17.42
C MET J 123 -15.37 -8.59 -17.54
N PHE J 124 -14.70 -8.56 -18.70
CA PHE J 124 -13.44 -9.32 -18.82
C PHE J 124 -12.35 -8.74 -17.88
N GLU J 125 -12.27 -7.42 -17.81
CA GLU J 125 -11.37 -6.71 -16.87
C GLU J 125 -11.62 -7.14 -15.43
N GLU J 126 -12.88 -7.12 -15.02
CA GLU J 126 -13.23 -7.48 -13.67
C GLU J 126 -13.03 -8.97 -13.41
N LEU J 127 -13.41 -9.81 -14.39
CA LEU J 127 -13.22 -11.27 -14.26
C LEU J 127 -11.76 -11.62 -14.01
N ALA J 128 -10.83 -10.90 -14.67
CA ALA J 128 -9.39 -11.10 -14.45
C ALA J 128 -9.01 -10.96 -12.97
N ARG J 129 -9.58 -9.98 -12.30
CA ARG J 129 -9.26 -9.73 -10.88
C ARG J 129 -9.89 -10.85 -9.99
N ILE J 130 -11.12 -11.26 -10.31
CA ILE J 130 -11.87 -12.26 -9.55
C ILE J 130 -11.15 -13.61 -9.72
N LYS J 131 -10.71 -13.89 -10.97
CA LYS J 131 -9.93 -15.08 -11.28
C LYS J 131 -8.66 -15.15 -10.46
N ARG J 132 -7.88 -14.06 -10.45
CA ARG J 132 -6.69 -14.03 -9.60
C ARG J 132 -7.04 -14.29 -8.11
N ASP J 133 -8.10 -13.66 -7.63
CA ASP J 133 -8.53 -13.86 -6.24
C ASP J 133 -9.02 -15.30 -5.97
N ALA J 134 -9.79 -15.86 -6.89
CA ALA J 134 -10.22 -17.27 -6.80
C ALA J 134 -9.02 -18.24 -6.62
N VAL J 135 -7.96 -18.06 -7.42
CA VAL J 135 -6.73 -18.86 -7.26
C VAL J 135 -6.14 -18.62 -5.88
N LYS J 136 -6.04 -17.34 -5.49
CA LYS J 136 -5.40 -16.95 -4.23
C LYS J 136 -6.12 -17.58 -3.01
N PHE J 137 -7.46 -17.53 -3.00
CA PHE J 137 -8.26 -18.07 -1.90
C PHE J 137 -8.65 -19.55 -2.07
N ASP J 138 -8.29 -20.13 -3.21
CA ASP J 138 -8.52 -21.58 -3.52
C ASP J 138 -10.03 -21.90 -3.57
N LEU J 139 -10.81 -20.98 -4.15
CA LEU J 139 -12.22 -21.20 -4.47
C LEU J 139 -12.34 -21.37 -5.97
N PRO J 140 -13.02 -22.46 -6.43
CA PRO J 140 -13.28 -22.56 -7.87
C PRO J 140 -14.11 -21.42 -8.44
N LEU J 141 -13.83 -21.06 -9.68
CA LEU J 141 -14.51 -19.99 -10.35
C LEU J 141 -15.47 -20.62 -11.38
N VAL J 142 -16.75 -20.28 -11.25
CA VAL J 142 -17.81 -20.82 -12.12
C VAL J 142 -18.32 -19.66 -12.92
N VAL J 143 -18.20 -19.75 -14.25
CA VAL J 143 -18.56 -18.62 -15.12
C VAL J 143 -19.88 -18.91 -15.81
N TRP J 144 -20.85 -18.00 -15.66
CA TRP J 144 -22.09 -18.00 -16.42
C TRP J 144 -21.72 -17.29 -17.73
N SER J 145 -21.64 -18.04 -18.82
CA SER J 145 -21.19 -17.45 -20.09
C SER J 145 -22.39 -17.28 -21.03
N PHE J 146 -22.94 -16.05 -21.07
CA PHE J 146 -24.22 -15.77 -21.77
C PHE J 146 -24.01 -14.69 -22.83
N PRO J 147 -23.53 -15.07 -24.03
CA PRO J 147 -23.39 -14.05 -25.09
C PRO J 147 -24.68 -13.23 -25.27
N ARG J 148 -24.56 -11.90 -25.34
CA ARG J 148 -25.72 -11.03 -25.36
C ARG J 148 -25.22 -9.67 -25.75
N GLY J 149 -26.03 -8.96 -26.55
CA GLY J 149 -25.62 -7.68 -27.12
C GLY J 149 -24.80 -7.83 -28.40
N GLY J 150 -24.29 -6.71 -28.92
CA GLY J 150 -23.46 -6.73 -30.12
C GLY J 150 -24.19 -7.42 -31.26
N LYS J 151 -23.54 -8.41 -31.88
CA LYS J 151 -24.11 -9.11 -33.04
C LYS J 151 -25.00 -10.29 -32.66
N VAL J 152 -25.10 -10.65 -31.38
CA VAL J 152 -25.89 -11.82 -30.92
C VAL J 152 -27.39 -11.57 -31.19
N VAL J 153 -28.01 -12.46 -31.96
CA VAL J 153 -29.45 -12.36 -32.19
C VAL J 153 -30.22 -13.62 -31.79
N ASN J 154 -29.51 -14.70 -31.53
CA ASN J 154 -30.15 -15.95 -31.07
C ASN J 154 -29.22 -16.61 -30.06
N GLU J 155 -29.56 -16.46 -28.80
CA GLU J 155 -28.68 -16.90 -27.73
C GLU J 155 -28.60 -18.40 -27.61
N THR J 156 -29.55 -19.13 -28.19
CA THR J 156 -29.49 -20.59 -28.18
C THR J 156 -29.01 -21.21 -29.50
N ALA J 157 -28.57 -20.40 -30.48
CA ALA J 157 -27.98 -20.98 -31.72
C ALA J 157 -26.77 -21.87 -31.39
N PRO J 158 -26.60 -23.01 -32.12
CA PRO J 158 -25.51 -23.94 -31.78
C PRO J 158 -24.14 -23.25 -31.71
N GLU J 159 -23.88 -22.36 -32.66
CA GLU J 159 -22.57 -21.72 -32.72
C GLU J 159 -22.40 -20.65 -31.63
N ILE J 160 -23.51 -20.07 -31.15
CA ILE J 160 -23.42 -19.08 -30.05
C ILE J 160 -23.15 -19.76 -28.70
N VAL J 161 -23.86 -20.85 -28.44
CA VAL J 161 -23.63 -21.62 -27.22
C VAL J 161 -22.21 -22.25 -27.23
N ALA J 162 -21.77 -22.77 -28.38
CA ALA J 162 -20.39 -23.29 -28.49
C ALA J 162 -19.38 -22.17 -28.20
N TYR J 163 -19.62 -20.97 -28.72
CA TYR J 163 -18.69 -19.83 -28.49
C TYR J 163 -18.64 -19.47 -26.98
N ALA J 164 -19.82 -19.42 -26.35
CA ALA J 164 -19.95 -19.16 -24.92
C ALA J 164 -19.05 -20.13 -24.13
N ALA J 165 -19.14 -21.42 -24.48
CA ALA J 165 -18.40 -22.46 -23.73
C ALA J 165 -16.90 -22.25 -23.93
N ARG J 166 -16.48 -22.08 -25.18
CA ARG J 166 -15.06 -21.89 -25.42
C ARG J 166 -14.49 -20.66 -24.70
N ILE J 167 -15.24 -19.54 -24.73
CA ILE J 167 -14.81 -18.32 -24.05
C ILE J 167 -14.63 -18.59 -22.54
N ALA J 168 -15.58 -19.28 -21.91
CA ALA J 168 -15.40 -19.57 -20.48
C ALA J 168 -14.13 -20.41 -20.23
N LEU J 169 -13.80 -21.34 -21.14
CA LEU J 169 -12.55 -22.08 -20.98
C LEU J 169 -11.31 -21.15 -21.12
N GLU J 170 -11.32 -20.29 -22.16
CA GLU J 170 -10.14 -19.47 -22.51
C GLU J 170 -9.78 -18.50 -21.40
N LEU J 171 -10.82 -18.07 -20.67
CA LEU J 171 -10.68 -16.99 -19.67
C LEU J 171 -10.36 -17.55 -18.30
N GLY J 172 -10.36 -18.87 -18.16
CA GLY J 172 -9.88 -19.49 -16.91
C GLY J 172 -10.90 -20.04 -15.95
N SER J 173 -12.16 -20.19 -16.36
CA SER J 173 -13.20 -20.81 -15.53
C SER J 173 -12.82 -22.25 -15.13
N ASP J 174 -13.21 -22.63 -13.91
CA ASP J 174 -13.02 -23.99 -13.46
C ASP J 174 -14.25 -24.87 -13.73
N ALA J 175 -15.40 -24.21 -13.92
CA ALA J 175 -16.66 -24.82 -14.33
C ALA J 175 -17.48 -23.72 -14.99
N MET J 176 -18.43 -24.10 -15.85
CA MET J 176 -19.21 -23.07 -16.51
C MET J 176 -20.67 -23.46 -16.58
N LYS J 177 -21.50 -22.44 -16.77
CA LYS J 177 -22.92 -22.61 -16.99
C LYS J 177 -23.33 -21.90 -18.30
N ILE J 178 -24.02 -22.61 -19.16
CA ILE J 178 -24.39 -22.07 -20.49
C ILE J 178 -25.82 -22.46 -20.81
N LYS J 179 -26.43 -21.77 -21.78
CA LYS J 179 -27.79 -22.04 -22.22
C LYS J 179 -27.80 -23.32 -23.04
N TYR J 180 -28.91 -24.07 -22.99
CA TYR J 180 -29.09 -25.24 -23.80
C TYR J 180 -29.50 -24.86 -25.25
N THR J 181 -28.97 -25.59 -26.23
CA THR J 181 -29.34 -25.39 -27.63
C THR J 181 -30.65 -26.06 -28.04
N GLY J 182 -31.20 -26.92 -27.19
CA GLY J 182 -32.43 -27.63 -27.52
C GLY J 182 -32.22 -29.01 -28.09
N ASP J 183 -30.96 -29.40 -28.31
CA ASP J 183 -30.70 -30.79 -28.74
C ASP J 183 -29.29 -31.31 -28.39
N PRO J 184 -29.21 -32.60 -28.03
CA PRO J 184 -27.97 -33.15 -27.53
C PRO J 184 -26.81 -33.08 -28.53
N LYS J 185 -27.06 -33.28 -29.83
CA LYS J 185 -25.97 -33.25 -30.82
C LYS J 185 -25.22 -31.91 -30.87
N THR J 186 -25.96 -30.81 -31.04
CA THR J 186 -25.34 -29.49 -31.10
C THR J 186 -24.83 -29.08 -29.71
N PHE J 187 -25.52 -29.48 -28.64
CA PHE J 187 -24.99 -29.20 -27.30
C PHE J 187 -23.69 -29.94 -26.98
N SER J 188 -23.51 -31.15 -27.52
CA SER J 188 -22.26 -31.89 -27.32
C SER J 188 -21.03 -31.23 -27.97
N TRP J 189 -21.22 -30.45 -29.04
CA TRP J 189 -20.12 -29.65 -29.56
C TRP J 189 -19.66 -28.59 -28.52
N ALA J 190 -20.61 -27.91 -27.87
CA ALA J 190 -20.29 -26.95 -26.82
C ALA J 190 -19.51 -27.68 -25.72
N VAL J 191 -19.99 -28.87 -25.36
CA VAL J 191 -19.36 -29.67 -24.33
C VAL J 191 -17.91 -30.04 -24.73
N LYS J 192 -17.74 -30.49 -25.99
CA LYS J 192 -16.43 -30.80 -26.56
C LYS J 192 -15.45 -29.63 -26.51
N VAL J 193 -15.89 -28.44 -26.95
CA VAL J 193 -14.96 -27.31 -27.03
C VAL J 193 -14.60 -26.74 -25.65
N ALA J 194 -15.43 -27.01 -24.64
CA ALA J 194 -15.10 -26.71 -23.21
C ALA J 194 -13.92 -27.53 -22.67
N GLY J 195 -13.53 -28.62 -23.34
CA GLY J 195 -12.40 -29.47 -22.93
C GLY J 195 -12.53 -30.02 -21.50
N LYS J 196 -11.46 -29.82 -20.73
CA LYS J 196 -11.39 -30.28 -19.32
C LYS J 196 -12.34 -29.53 -18.38
N VAL J 197 -13.01 -28.46 -18.84
CA VAL J 197 -13.90 -27.69 -17.98
C VAL J 197 -15.36 -28.19 -18.10
N PRO J 198 -15.92 -28.68 -16.97
CA PRO J 198 -17.28 -29.25 -16.93
C PRO J 198 -18.36 -28.18 -17.19
N VAL J 199 -19.43 -28.63 -17.85
CA VAL J 199 -20.48 -27.76 -18.34
C VAL J 199 -21.77 -28.04 -17.57
N LEU J 200 -22.39 -26.99 -17.03
CA LEU J 200 -23.75 -27.07 -16.50
C LEU J 200 -24.74 -26.37 -17.41
N MET J 201 -25.89 -27.02 -17.62
CA MET J 201 -26.99 -26.41 -18.42
C MET J 201 -27.77 -25.42 -17.52
N SER J 202 -27.97 -24.20 -18.03
CA SER J 202 -28.84 -23.22 -17.37
C SER J 202 -30.29 -23.68 -17.60
N GLY J 203 -31.10 -23.78 -16.54
CA GLY J 203 -32.44 -24.39 -16.73
C GLY J 203 -33.40 -23.60 -17.63
N GLY J 204 -33.35 -22.27 -17.58
CA GLY J 204 -34.21 -21.44 -18.42
C GLY J 204 -35.61 -21.20 -17.83
N PRO J 205 -36.46 -20.44 -18.56
CA PRO J 205 -37.85 -20.20 -18.12
C PRO J 205 -38.59 -21.51 -17.81
N LYS J 206 -39.59 -21.45 -16.93
CA LYS J 206 -40.44 -22.61 -16.67
C LYS J 206 -41.06 -23.13 -17.96
N THR J 207 -40.76 -24.40 -18.23
CA THR J 207 -41.30 -25.11 -19.38
C THR J 207 -42.81 -25.32 -19.30
N LYS J 208 -43.39 -25.63 -20.44
CA LYS J 208 -44.83 -25.83 -20.51
C LYS J 208 -45.27 -27.02 -19.64
N THR J 209 -44.51 -28.12 -19.72
CA THR J 209 -44.78 -29.30 -18.89
C THR J 209 -43.52 -29.75 -18.20
N GLU J 210 -43.69 -30.55 -17.15
CA GLU J 210 -42.55 -31.20 -16.46
C GLU J 210 -41.76 -32.14 -17.38
N GLU J 211 -42.49 -32.86 -18.22
CA GLU J 211 -41.93 -33.72 -19.27
C GLU J 211 -41.01 -32.99 -20.25
N ASP J 212 -41.40 -31.79 -20.69
CA ASP J 212 -40.54 -30.94 -21.54
C ASP J 212 -39.20 -30.71 -20.89
N PHE J 213 -39.20 -30.39 -19.58
CA PHE J 213 -37.94 -30.16 -18.88
C PHE J 213 -37.15 -31.46 -18.67
N LEU J 214 -37.82 -32.56 -18.34
CA LEU J 214 -37.12 -33.82 -18.10
C LEU J 214 -36.41 -34.30 -19.38
N LYS J 215 -37.05 -34.08 -20.52
CA LYS J 215 -36.47 -34.43 -21.81
C LYS J 215 -35.23 -33.57 -22.14
N GLN J 216 -35.26 -32.28 -21.81
CA GLN J 216 -34.09 -31.42 -22.02
C GLN J 216 -32.94 -31.88 -21.12
N VAL J 217 -33.23 -32.22 -19.87
CA VAL J 217 -32.20 -32.66 -18.93
C VAL J 217 -31.56 -33.97 -19.43
N GLU J 218 -32.39 -34.89 -19.89
CA GLU J 218 -31.91 -36.15 -20.48
C GLU J 218 -30.97 -35.88 -21.68
N GLY J 219 -31.36 -34.95 -22.55
CA GLY J 219 -30.51 -34.48 -23.67
C GLY J 219 -29.15 -33.93 -23.21
N VAL J 220 -29.18 -33.06 -22.23
CA VAL J 220 -27.98 -32.51 -21.58
C VAL J 220 -27.01 -33.64 -21.13
N LEU J 221 -27.54 -34.64 -20.43
CA LEU J 221 -26.74 -35.76 -19.93
C LEU J 221 -26.19 -36.58 -21.11
N GLU J 222 -27.03 -36.87 -22.11
CA GLU J 222 -26.57 -37.60 -23.32
C GLU J 222 -25.49 -36.80 -24.08
N ALA J 223 -25.56 -35.47 -24.01
CA ALA J 223 -24.53 -34.60 -24.59
C ALA J 223 -23.19 -34.64 -23.82
N GLY J 224 -23.17 -35.25 -22.62
CA GLY J 224 -21.94 -35.34 -21.82
C GLY J 224 -21.68 -34.17 -20.87
N ALA J 225 -22.69 -33.34 -20.62
CA ALA J 225 -22.56 -32.28 -19.64
C ALA J 225 -22.50 -32.88 -18.22
N LEU J 226 -22.00 -32.12 -17.27
CA LEU J 226 -21.89 -32.51 -15.87
C LEU J 226 -23.26 -32.52 -15.17
N GLY J 227 -24.16 -31.64 -15.61
CA GLY J 227 -25.50 -31.59 -15.01
C GLY J 227 -26.16 -30.25 -15.28
N ILE J 228 -26.90 -29.75 -14.29
CA ILE J 228 -27.79 -28.61 -14.50
C ILE J 228 -27.68 -27.64 -13.35
N ALA J 229 -27.85 -26.36 -13.68
CA ALA J 229 -28.01 -25.32 -12.70
C ALA J 229 -29.40 -24.78 -12.94
N VAL J 230 -30.33 -25.16 -12.06
CA VAL J 230 -31.75 -24.95 -12.30
C VAL J 230 -32.34 -24.10 -11.20
N GLY J 231 -33.16 -23.11 -11.60
CA GLY J 231 -33.87 -22.26 -10.66
C GLY J 231 -35.37 -22.41 -10.88
N ARG J 232 -35.88 -21.68 -11.86
CA ARG J 232 -37.35 -21.66 -12.09
C ARG J 232 -38.01 -23.01 -12.32
N ASN J 233 -37.38 -23.87 -13.12
CA ASN J 233 -38.00 -25.18 -13.37
C ASN J 233 -38.13 -26.09 -12.13
N VAL J 234 -37.47 -25.72 -11.03
CA VAL J 234 -37.80 -26.30 -9.70
C VAL J 234 -38.72 -25.39 -8.86
N TRP J 235 -38.24 -24.21 -8.46
CA TRP J 235 -38.97 -23.47 -7.40
C TRP J 235 -40.16 -22.61 -7.87
N GLN J 236 -40.35 -22.48 -9.18
CA GLN J 236 -41.58 -21.86 -9.70
C GLN J 236 -42.74 -22.86 -9.75
N ARG J 237 -42.53 -24.08 -9.27
CA ARG J 237 -43.62 -25.09 -9.28
C ARG J 237 -44.21 -25.34 -7.89
N ARG J 238 -45.53 -25.53 -7.84
CA ARG J 238 -46.20 -25.83 -6.57
C ARG J 238 -45.71 -27.17 -6.00
N ASP J 239 -45.38 -28.11 -6.89
CA ASP J 239 -44.86 -29.42 -6.52
C ASP J 239 -43.34 -29.41 -6.60
N ALA J 240 -42.74 -28.30 -6.15
CA ALA J 240 -41.29 -28.12 -6.20
C ALA J 240 -40.47 -29.31 -5.69
N LEU J 241 -40.75 -29.78 -4.47
CA LEU J 241 -39.97 -30.86 -3.87
C LEU J 241 -40.14 -32.19 -4.65
N LYS J 242 -41.39 -32.50 -5.00
CA LYS J 242 -41.70 -33.70 -5.78
C LYS J 242 -40.92 -33.72 -7.09
N PHE J 243 -40.98 -32.63 -7.85
CA PHE J 243 -40.24 -32.57 -9.10
C PHE J 243 -38.71 -32.50 -8.91
N ALA J 244 -38.23 -31.79 -7.90
CA ALA J 244 -36.82 -31.77 -7.57
C ALA J 244 -36.28 -33.19 -7.38
N ARG J 245 -37.05 -34.01 -6.65
CA ARG J 245 -36.66 -35.39 -6.41
C ARG J 245 -36.65 -36.25 -7.67
N ALA J 246 -37.61 -35.98 -8.58
CA ALA J 246 -37.62 -36.60 -9.91
C ALA J 246 -36.35 -36.23 -10.70
N LEU J 247 -35.94 -34.98 -10.64
CA LEU J 247 -34.69 -34.55 -11.28
C LEU J 247 -33.45 -35.26 -10.71
N ALA J 248 -33.37 -35.34 -9.38
CA ALA J 248 -32.31 -36.09 -8.70
C ALA J 248 -32.24 -37.53 -9.22
N GLU J 249 -33.40 -38.20 -9.25
CA GLU J 249 -33.49 -39.58 -9.72
C GLU J 249 -32.88 -39.71 -11.13
N LEU J 250 -33.20 -38.75 -11.99
CA LEU J 250 -32.74 -38.74 -13.39
C LEU J 250 -31.22 -38.47 -13.48
N VAL J 251 -30.76 -37.42 -12.80
CA VAL J 251 -29.37 -36.96 -12.93
C VAL J 251 -28.36 -37.90 -12.23
N TYR J 252 -28.67 -38.30 -11.01
CA TYR J 252 -27.79 -39.18 -10.29
C TYR J 252 -28.17 -40.61 -10.69
#